data_2ILK
# 
_entry.id   2ILK 
# 
_audit_conform.dict_name       mmcif_pdbx.dic 
_audit_conform.dict_version    5.398 
_audit_conform.dict_location   http://mmcif.pdb.org/dictionaries/ascii/mmcif_pdbx.dic 
# 
loop_
_database_2.database_id 
_database_2.database_code 
_database_2.pdbx_database_accession 
_database_2.pdbx_DOI 
PDB   2ILK         pdb_00002ilk 10.2210/pdb2ilk/pdb 
WWPDB D_1000178256 ?            ?                   
# 
loop_
_pdbx_audit_revision_history.ordinal 
_pdbx_audit_revision_history.data_content_type 
_pdbx_audit_revision_history.major_revision 
_pdbx_audit_revision_history.minor_revision 
_pdbx_audit_revision_history.revision_date 
1 'Structure model' 1 0 1996-10-14 
2 'Structure model' 1 1 2008-03-24 
3 'Structure model' 1 2 2011-07-13 
4 'Structure model' 1 3 2024-11-13 
# 
_pdbx_audit_revision_details.ordinal             1 
_pdbx_audit_revision_details.revision_ordinal    1 
_pdbx_audit_revision_details.data_content_type   'Structure model' 
_pdbx_audit_revision_details.provider            repository 
_pdbx_audit_revision_details.type                'Initial release' 
_pdbx_audit_revision_details.description         ? 
_pdbx_audit_revision_details.details             ? 
# 
loop_
_pdbx_audit_revision_group.ordinal 
_pdbx_audit_revision_group.revision_ordinal 
_pdbx_audit_revision_group.data_content_type 
_pdbx_audit_revision_group.group 
1 2 'Structure model' 'Version format compliance' 
2 3 'Structure model' 'Derived calculations'      
3 3 'Structure model' 'Version format compliance' 
4 4 'Structure model' 'Data collection'           
5 4 'Structure model' 'Database references'       
6 4 'Structure model' 'Derived calculations'      
7 4 'Structure model' 'Structure summary'         
# 
loop_
_pdbx_audit_revision_category.ordinal 
_pdbx_audit_revision_category.revision_ordinal 
_pdbx_audit_revision_category.data_content_type 
_pdbx_audit_revision_category.category 
1 4 'Structure model' chem_comp_atom            
2 4 'Structure model' chem_comp_bond            
3 4 'Structure model' database_2                
4 4 'Structure model' pdbx_entry_details        
5 4 'Structure model' pdbx_modification_feature 
6 4 'Structure model' struct_site               
# 
loop_
_pdbx_audit_revision_item.ordinal 
_pdbx_audit_revision_item.revision_ordinal 
_pdbx_audit_revision_item.data_content_type 
_pdbx_audit_revision_item.item 
1 4 'Structure model' '_database_2.pdbx_DOI'                
2 4 'Structure model' '_database_2.pdbx_database_accession' 
3 4 'Structure model' '_struct_site.pdbx_auth_asym_id'      
4 4 'Structure model' '_struct_site.pdbx_auth_comp_id'      
5 4 'Structure model' '_struct_site.pdbx_auth_seq_id'       
# 
_pdbx_database_status.status_code                     REL 
_pdbx_database_status.entry_id                        2ILK 
_pdbx_database_status.recvd_initial_deposition_date   1996-07-01 
_pdbx_database_status.deposit_site                    ? 
_pdbx_database_status.process_site                    BNL 
_pdbx_database_status.status_code_sf                  REL 
_pdbx_database_status.status_code_mr                  ? 
_pdbx_database_status.SG_entry                        ? 
_pdbx_database_status.pdb_format_compatible           Y 
_pdbx_database_status.status_code_cs                  ? 
_pdbx_database_status.status_code_nmr_data            ? 
_pdbx_database_status.methods_development_category    ? 
# 
loop_
_audit_author.name 
_audit_author.pdbx_ordinal 
'Zdanov, A.'      1 
'Schalk-Hihi, C.' 2 
'Wlodawer, A.'    3 
# 
loop_
_citation.id 
_citation.title 
_citation.journal_abbrev 
_citation.journal_volume 
_citation.page_first 
_citation.page_last 
_citation.year 
_citation.journal_id_ASTM 
_citation.country 
_citation.journal_id_ISSN 
_citation.journal_id_CSD 
_citation.book_publisher 
_citation.pdbx_database_id_PubMed 
_citation.pdbx_database_id_DOI 
primary 'Crystal structure of human interleukin-10 at 1.6 A resolution and a model of a complex with its soluble receptor.' 
'Protein Sci.' 5 1955 1962 1996 PRCIEI US 0961-8368 0795 ? 8897595 ? 
1       
'Crystal Structure of Interleukin-10 Reveals the Functional Dimer with an Unexpected Topological Similarity to Interferon Gamma' 
Structure      3 591  ?    1995 STRUE6 UK 0969-2126 2005 ? ?       ? 
# 
loop_
_citation_author.citation_id 
_citation_author.name 
_citation_author.ordinal 
_citation_author.identifier_ORCID 
primary 'Zdanov, A.'      1 ? 
primary 'Schalk-Hihi, C.' 2 ? 
primary 'Wlodawer, A.'    3 ? 
1       'Zdanov, A.'      4 ? 
1       'Schalk-Hihi, C.' 5 ? 
1       'Gustchina, A.'   6 ? 
1       'Tsang, M.'       7 ? 
1       'Weatherbee, J.'  8 ? 
1       'Wlodawer, A.'    9 ? 
# 
loop_
_entity.id 
_entity.type 
_entity.src_method 
_entity.pdbx_description 
_entity.formula_weight 
_entity.pdbx_number_of_molecules 
_entity.pdbx_ec 
_entity.pdbx_mutation 
_entity.pdbx_fragment 
_entity.details 
1 polymer     man INTERLEUKIN-10 18672.447 1   ? ? ? ? 
2 non-polymer syn 'SULFATE ION'  96.063    3   ? ? ? ? 
3 water       nat water          18.015    303 ? ? ? ? 
# 
_entity_poly.entity_id                      1 
_entity_poly.type                           'polypeptide(L)' 
_entity_poly.nstd_linkage                   no 
_entity_poly.nstd_monomer                   no 
_entity_poly.pdbx_seq_one_letter_code       
;SPGQGTQSENSCTHFPGNLPNMLRDLRDAFSRVKTFFQMKDQLDNLLLKESLLEDFKGYLGCQALSEMIQFYLEEVMPQA
ENQDPDIKAHVNSLGENLKTLRLRLRRCHRFLPCENKSKAVEQVKNAFNKLQEKGIYKAMSEFDIFINYIEAYMTMKIRN
;
_entity_poly.pdbx_seq_one_letter_code_can   
;SPGQGTQSENSCTHFPGNLPNMLRDLRDAFSRVKTFFQMKDQLDNLLLKESLLEDFKGYLGCQALSEMIQFYLEEVMPQA
ENQDPDIKAHVNSLGENLKTLRLRLRRCHRFLPCENKSKAVEQVKNAFNKLQEKGIYKAMSEFDIFINYIEAYMTMKIRN
;
_entity_poly.pdbx_strand_id                 A 
_entity_poly.pdbx_target_identifier         ? 
# 
loop_
_pdbx_entity_nonpoly.entity_id 
_pdbx_entity_nonpoly.name 
_pdbx_entity_nonpoly.comp_id 
2 'SULFATE ION' SO4 
3 water         HOH 
# 
loop_
_entity_poly_seq.entity_id 
_entity_poly_seq.num 
_entity_poly_seq.mon_id 
_entity_poly_seq.hetero 
1 1   SER n 
1 2   PRO n 
1 3   GLY n 
1 4   GLN n 
1 5   GLY n 
1 6   THR n 
1 7   GLN n 
1 8   SER n 
1 9   GLU n 
1 10  ASN n 
1 11  SER n 
1 12  CYS n 
1 13  THR n 
1 14  HIS n 
1 15  PHE n 
1 16  PRO n 
1 17  GLY n 
1 18  ASN n 
1 19  LEU n 
1 20  PRO n 
1 21  ASN n 
1 22  MET n 
1 23  LEU n 
1 24  ARG n 
1 25  ASP n 
1 26  LEU n 
1 27  ARG n 
1 28  ASP n 
1 29  ALA n 
1 30  PHE n 
1 31  SER n 
1 32  ARG n 
1 33  VAL n 
1 34  LYS n 
1 35  THR n 
1 36  PHE n 
1 37  PHE n 
1 38  GLN n 
1 39  MET n 
1 40  LYS n 
1 41  ASP n 
1 42  GLN n 
1 43  LEU n 
1 44  ASP n 
1 45  ASN n 
1 46  LEU n 
1 47  LEU n 
1 48  LEU n 
1 49  LYS n 
1 50  GLU n 
1 51  SER n 
1 52  LEU n 
1 53  LEU n 
1 54  GLU n 
1 55  ASP n 
1 56  PHE n 
1 57  LYS n 
1 58  GLY n 
1 59  TYR n 
1 60  LEU n 
1 61  GLY n 
1 62  CYS n 
1 63  GLN n 
1 64  ALA n 
1 65  LEU n 
1 66  SER n 
1 67  GLU n 
1 68  MET n 
1 69  ILE n 
1 70  GLN n 
1 71  PHE n 
1 72  TYR n 
1 73  LEU n 
1 74  GLU n 
1 75  GLU n 
1 76  VAL n 
1 77  MET n 
1 78  PRO n 
1 79  GLN n 
1 80  ALA n 
1 81  GLU n 
1 82  ASN n 
1 83  GLN n 
1 84  ASP n 
1 85  PRO n 
1 86  ASP n 
1 87  ILE n 
1 88  LYS n 
1 89  ALA n 
1 90  HIS n 
1 91  VAL n 
1 92  ASN n 
1 93  SER n 
1 94  LEU n 
1 95  GLY n 
1 96  GLU n 
1 97  ASN n 
1 98  LEU n 
1 99  LYS n 
1 100 THR n 
1 101 LEU n 
1 102 ARG n 
1 103 LEU n 
1 104 ARG n 
1 105 LEU n 
1 106 ARG n 
1 107 ARG n 
1 108 CYS n 
1 109 HIS n 
1 110 ARG n 
1 111 PHE n 
1 112 LEU n 
1 113 PRO n 
1 114 CYS n 
1 115 GLU n 
1 116 ASN n 
1 117 LYS n 
1 118 SER n 
1 119 LYS n 
1 120 ALA n 
1 121 VAL n 
1 122 GLU n 
1 123 GLN n 
1 124 VAL n 
1 125 LYS n 
1 126 ASN n 
1 127 ALA n 
1 128 PHE n 
1 129 ASN n 
1 130 LYS n 
1 131 LEU n 
1 132 GLN n 
1 133 GLU n 
1 134 LYS n 
1 135 GLY n 
1 136 ILE n 
1 137 TYR n 
1 138 LYS n 
1 139 ALA n 
1 140 MET n 
1 141 SER n 
1 142 GLU n 
1 143 PHE n 
1 144 ASP n 
1 145 ILE n 
1 146 PHE n 
1 147 ILE n 
1 148 ASN n 
1 149 TYR n 
1 150 ILE n 
1 151 GLU n 
1 152 ALA n 
1 153 TYR n 
1 154 MET n 
1 155 THR n 
1 156 MET n 
1 157 LYS n 
1 158 ILE n 
1 159 ARG n 
1 160 ASN n 
# 
_entity_src_gen.entity_id                          1 
_entity_src_gen.pdbx_src_id                        1 
_entity_src_gen.pdbx_alt_source_flag               sample 
_entity_src_gen.pdbx_seq_type                      ? 
_entity_src_gen.pdbx_beg_seq_num                   ? 
_entity_src_gen.pdbx_end_seq_num                   ? 
_entity_src_gen.gene_src_common_name               human 
_entity_src_gen.gene_src_genus                     Homo 
_entity_src_gen.pdbx_gene_src_gene                 ? 
_entity_src_gen.gene_src_species                   ? 
_entity_src_gen.gene_src_strain                    ? 
_entity_src_gen.gene_src_tissue                    ? 
_entity_src_gen.gene_src_tissue_fraction           ? 
_entity_src_gen.gene_src_details                   ? 
_entity_src_gen.pdbx_gene_src_fragment             ? 
_entity_src_gen.pdbx_gene_src_scientific_name      'Homo sapiens' 
_entity_src_gen.pdbx_gene_src_ncbi_taxonomy_id     9606 
_entity_src_gen.pdbx_gene_src_variant              ? 
_entity_src_gen.pdbx_gene_src_cell_line            ? 
_entity_src_gen.pdbx_gene_src_atcc                 ? 
_entity_src_gen.pdbx_gene_src_organ                ? 
_entity_src_gen.pdbx_gene_src_organelle            ? 
_entity_src_gen.pdbx_gene_src_cell                 ? 
_entity_src_gen.pdbx_gene_src_cellular_location    ? 
_entity_src_gen.host_org_common_name               ? 
_entity_src_gen.pdbx_host_org_scientific_name      'Escherichia coli' 
_entity_src_gen.pdbx_host_org_ncbi_taxonomy_id     562 
_entity_src_gen.host_org_genus                     Escherichia 
_entity_src_gen.pdbx_host_org_gene                 ? 
_entity_src_gen.pdbx_host_org_organ                ? 
_entity_src_gen.host_org_species                   ? 
_entity_src_gen.pdbx_host_org_tissue               ? 
_entity_src_gen.pdbx_host_org_tissue_fraction      ? 
_entity_src_gen.pdbx_host_org_strain               ? 
_entity_src_gen.pdbx_host_org_variant              ? 
_entity_src_gen.pdbx_host_org_cell_line            ? 
_entity_src_gen.pdbx_host_org_atcc                 ? 
_entity_src_gen.pdbx_host_org_culture_collection   ? 
_entity_src_gen.pdbx_host_org_cell                 ? 
_entity_src_gen.pdbx_host_org_organelle            ? 
_entity_src_gen.pdbx_host_org_cellular_location    ? 
_entity_src_gen.pdbx_host_org_vector_type          ? 
_entity_src_gen.pdbx_host_org_vector               ? 
_entity_src_gen.host_org_details                   ? 
_entity_src_gen.expression_system_id               ? 
_entity_src_gen.plasmid_name                       ? 
_entity_src_gen.plasmid_details                    ? 
_entity_src_gen.pdbx_description                   ? 
# 
loop_
_chem_comp.id 
_chem_comp.type 
_chem_comp.mon_nstd_flag 
_chem_comp.name 
_chem_comp.pdbx_synonyms 
_chem_comp.formula 
_chem_comp.formula_weight 
ALA 'L-peptide linking' y ALANINE         ? 'C3 H7 N O2'     89.093  
ARG 'L-peptide linking' y ARGININE        ? 'C6 H15 N4 O2 1' 175.209 
ASN 'L-peptide linking' y ASPARAGINE      ? 'C4 H8 N2 O3'    132.118 
ASP 'L-peptide linking' y 'ASPARTIC ACID' ? 'C4 H7 N O4'     133.103 
CYS 'L-peptide linking' y CYSTEINE        ? 'C3 H7 N O2 S'   121.158 
GLN 'L-peptide linking' y GLUTAMINE       ? 'C5 H10 N2 O3'   146.144 
GLU 'L-peptide linking' y 'GLUTAMIC ACID' ? 'C5 H9 N O4'     147.129 
GLY 'peptide linking'   y GLYCINE         ? 'C2 H5 N O2'     75.067  
HIS 'L-peptide linking' y HISTIDINE       ? 'C6 H10 N3 O2 1' 156.162 
HOH non-polymer         . WATER           ? 'H2 O'           18.015  
ILE 'L-peptide linking' y ISOLEUCINE      ? 'C6 H13 N O2'    131.173 
LEU 'L-peptide linking' y LEUCINE         ? 'C6 H13 N O2'    131.173 
LYS 'L-peptide linking' y LYSINE          ? 'C6 H15 N2 O2 1' 147.195 
MET 'L-peptide linking' y METHIONINE      ? 'C5 H11 N O2 S'  149.211 
PHE 'L-peptide linking' y PHENYLALANINE   ? 'C9 H11 N O2'    165.189 
PRO 'L-peptide linking' y PROLINE         ? 'C5 H9 N O2'     115.130 
SER 'L-peptide linking' y SERINE          ? 'C3 H7 N O3'     105.093 
SO4 non-polymer         . 'SULFATE ION'   ? 'O4 S -2'        96.063  
THR 'L-peptide linking' y THREONINE       ? 'C4 H9 N O3'     119.119 
TYR 'L-peptide linking' y TYROSINE        ? 'C9 H11 N O3'    181.189 
VAL 'L-peptide linking' y VALINE          ? 'C5 H11 N O2'    117.146 
# 
loop_
_pdbx_poly_seq_scheme.asym_id 
_pdbx_poly_seq_scheme.entity_id 
_pdbx_poly_seq_scheme.seq_id 
_pdbx_poly_seq_scheme.mon_id 
_pdbx_poly_seq_scheme.ndb_seq_num 
_pdbx_poly_seq_scheme.pdb_seq_num 
_pdbx_poly_seq_scheme.auth_seq_num 
_pdbx_poly_seq_scheme.pdb_mon_id 
_pdbx_poly_seq_scheme.auth_mon_id 
_pdbx_poly_seq_scheme.pdb_strand_id 
_pdbx_poly_seq_scheme.pdb_ins_code 
_pdbx_poly_seq_scheme.hetero 
A 1 1   SER 1   1   ?   ?   ?   A . n 
A 1 2   PRO 2   2   ?   ?   ?   A . n 
A 1 3   GLY 3   3   ?   ?   ?   A . n 
A 1 4   GLN 4   4   ?   ?   ?   A . n 
A 1 5   GLY 5   5   ?   ?   ?   A . n 
A 1 6   THR 6   6   6   THR THR A . n 
A 1 7   GLN 7   7   7   GLN GLN A . n 
A 1 8   SER 8   8   8   SER SER A . n 
A 1 9   GLU 9   9   9   GLU GLU A . n 
A 1 10  ASN 10  10  10  ASN ASN A . n 
A 1 11  SER 11  11  11  SER SER A . n 
A 1 12  CYS 12  12  12  CYS CYS A . n 
A 1 13  THR 13  13  13  THR THR A . n 
A 1 14  HIS 14  14  14  HIS HIS A . n 
A 1 15  PHE 15  15  15  PHE PHE A . n 
A 1 16  PRO 16  16  16  PRO PRO A . n 
A 1 17  GLY 17  17  17  GLY GLY A . n 
A 1 18  ASN 18  18  18  ASN ASN A . n 
A 1 19  LEU 19  19  19  LEU LEU A . n 
A 1 20  PRO 20  20  20  PRO PRO A . n 
A 1 21  ASN 21  21  21  ASN ASN A . n 
A 1 22  MET 22  22  22  MET MET A . n 
A 1 23  LEU 23  23  23  LEU LEU A . n 
A 1 24  ARG 24  24  24  ARG ARG A . n 
A 1 25  ASP 25  25  25  ASP ASP A . n 
A 1 26  LEU 26  26  26  LEU LEU A . n 
A 1 27  ARG 27  27  27  ARG ARG A . n 
A 1 28  ASP 28  28  28  ASP ASP A . n 
A 1 29  ALA 29  29  29  ALA ALA A . n 
A 1 30  PHE 30  30  30  PHE PHE A . n 
A 1 31  SER 31  31  31  SER SER A . n 
A 1 32  ARG 32  32  32  ARG ARG A . n 
A 1 33  VAL 33  33  33  VAL VAL A . n 
A 1 34  LYS 34  34  34  LYS LYS A . n 
A 1 35  THR 35  35  35  THR THR A . n 
A 1 36  PHE 36  36  36  PHE PHE A . n 
A 1 37  PHE 37  37  37  PHE PHE A . n 
A 1 38  GLN 38  38  38  GLN GLN A . n 
A 1 39  MET 39  39  39  MET MET A . n 
A 1 40  LYS 40  40  40  LYS LYS A . n 
A 1 41  ASP 41  41  41  ASP ASP A . n 
A 1 42  GLN 42  42  42  GLN GLN A . n 
A 1 43  LEU 43  43  43  LEU LEU A . n 
A 1 44  ASP 44  44  44  ASP ASP A . n 
A 1 45  ASN 45  45  45  ASN ASN A . n 
A 1 46  LEU 46  46  46  LEU LEU A . n 
A 1 47  LEU 47  47  47  LEU LEU A . n 
A 1 48  LEU 48  48  48  LEU LEU A . n 
A 1 49  LYS 49  49  49  LYS LYS A . n 
A 1 50  GLU 50  50  50  GLU GLU A . n 
A 1 51  SER 51  51  51  SER SER A . n 
A 1 52  LEU 52  52  52  LEU LEU A . n 
A 1 53  LEU 53  53  53  LEU LEU A . n 
A 1 54  GLU 54  54  54  GLU GLU A . n 
A 1 55  ASP 55  55  55  ASP ASP A . n 
A 1 56  PHE 56  56  56  PHE PHE A . n 
A 1 57  LYS 57  57  57  LYS LYS A . n 
A 1 58  GLY 58  58  58  GLY GLY A . n 
A 1 59  TYR 59  59  59  TYR TYR A . n 
A 1 60  LEU 60  60  60  LEU LEU A . n 
A 1 61  GLY 61  61  61  GLY GLY A . n 
A 1 62  CYS 62  62  62  CYS CYS A . n 
A 1 63  GLN 63  63  63  GLN GLN A . n 
A 1 64  ALA 64  64  64  ALA ALA A . n 
A 1 65  LEU 65  65  65  LEU LEU A . n 
A 1 66  SER 66  66  66  SER SER A . n 
A 1 67  GLU 67  67  67  GLU GLU A . n 
A 1 68  MET 68  68  68  MET MET A . n 
A 1 69  ILE 69  69  69  ILE ILE A . n 
A 1 70  GLN 70  70  70  GLN GLN A . n 
A 1 71  PHE 71  71  71  PHE PHE A . n 
A 1 72  TYR 72  72  72  TYR TYR A . n 
A 1 73  LEU 73  73  73  LEU LEU A . n 
A 1 74  GLU 74  74  74  GLU GLU A . n 
A 1 75  GLU 75  75  75  GLU GLU A . n 
A 1 76  VAL 76  76  76  VAL VAL A . n 
A 1 77  MET 77  77  77  MET MET A . n 
A 1 78  PRO 78  78  78  PRO PRO A . n 
A 1 79  GLN 79  79  79  GLN GLN A . n 
A 1 80  ALA 80  80  80  ALA ALA A . n 
A 1 81  GLU 81  81  81  GLU GLU A . n 
A 1 82  ASN 82  82  82  ASN ASN A . n 
A 1 83  GLN 83  83  83  GLN GLN A . n 
A 1 84  ASP 84  84  84  ASP ASP A . n 
A 1 85  PRO 85  85  85  PRO PRO A . n 
A 1 86  ASP 86  86  86  ASP ASP A . n 
A 1 87  ILE 87  87  87  ILE ILE A . n 
A 1 88  LYS 88  88  88  LYS LYS A . n 
A 1 89  ALA 89  89  89  ALA ALA A . n 
A 1 90  HIS 90  90  90  HIS HIS A . n 
A 1 91  VAL 91  91  91  VAL VAL A . n 
A 1 92  ASN 92  92  92  ASN ASN A . n 
A 1 93  SER 93  93  93  SER SER A . n 
A 1 94  LEU 94  94  94  LEU LEU A . n 
A 1 95  GLY 95  95  95  GLY GLY A . n 
A 1 96  GLU 96  96  96  GLU GLU A . n 
A 1 97  ASN 97  97  97  ASN ASN A . n 
A 1 98  LEU 98  98  98  LEU LEU A . n 
A 1 99  LYS 99  99  99  LYS LYS A . n 
A 1 100 THR 100 100 100 THR THR A . n 
A 1 101 LEU 101 101 101 LEU LEU A . n 
A 1 102 ARG 102 102 102 ARG ARG A . n 
A 1 103 LEU 103 103 103 LEU LEU A . n 
A 1 104 ARG 104 104 104 ARG ARG A . n 
A 1 105 LEU 105 105 105 LEU LEU A . n 
A 1 106 ARG 106 106 106 ARG ARG A . n 
A 1 107 ARG 107 107 107 ARG ARG A . n 
A 1 108 CYS 108 108 108 CYS CYS A . n 
A 1 109 HIS 109 109 109 HIS HIS A . n 
A 1 110 ARG 110 110 110 ARG ARG A . n 
A 1 111 PHE 111 111 111 PHE PHE A . n 
A 1 112 LEU 112 112 112 LEU LEU A . n 
A 1 113 PRO 113 113 113 PRO PRO A . n 
A 1 114 CYS 114 114 114 CYS CYS A . n 
A 1 115 GLU 115 115 115 GLU GLU A . n 
A 1 116 ASN 116 116 116 ASN ASN A . n 
A 1 117 LYS 117 117 117 LYS LYS A . n 
A 1 118 SER 118 118 118 SER SER A . n 
A 1 119 LYS 119 119 119 LYS LYS A . n 
A 1 120 ALA 120 120 120 ALA ALA A . n 
A 1 121 VAL 121 121 121 VAL VAL A . n 
A 1 122 GLU 122 122 122 GLU GLU A . n 
A 1 123 GLN 123 123 123 GLN GLN A . n 
A 1 124 VAL 124 124 124 VAL VAL A . n 
A 1 125 LYS 125 125 125 LYS LYS A . n 
A 1 126 ASN 126 126 126 ASN ASN A . n 
A 1 127 ALA 127 127 127 ALA ALA A . n 
A 1 128 PHE 128 128 128 PHE PHE A . n 
A 1 129 ASN 129 129 129 ASN ASN A . n 
A 1 130 LYS 130 130 130 LYS LYS A . n 
A 1 131 LEU 131 131 131 LEU LEU A . n 
A 1 132 GLN 132 132 132 GLN GLN A . n 
A 1 133 GLU 133 133 133 GLU GLU A . n 
A 1 134 LYS 134 134 134 LYS LYS A . n 
A 1 135 GLY 135 135 135 GLY GLY A . n 
A 1 136 ILE 136 136 136 ILE ILE A . n 
A 1 137 TYR 137 137 137 TYR TYR A . n 
A 1 138 LYS 138 138 138 LYS LYS A . n 
A 1 139 ALA 139 139 139 ALA ALA A . n 
A 1 140 MET 140 140 140 MET MET A . n 
A 1 141 SER 141 141 141 SER SER A . n 
A 1 142 GLU 142 142 142 GLU GLU A . n 
A 1 143 PHE 143 143 143 PHE PHE A . n 
A 1 144 ASP 144 144 144 ASP ASP A . n 
A 1 145 ILE 145 145 145 ILE ILE A . n 
A 1 146 PHE 146 146 146 PHE PHE A . n 
A 1 147 ILE 147 147 147 ILE ILE A . n 
A 1 148 ASN 148 148 148 ASN ASN A . n 
A 1 149 TYR 149 149 149 TYR TYR A . n 
A 1 150 ILE 150 150 150 ILE ILE A . n 
A 1 151 GLU 151 151 151 GLU GLU A . n 
A 1 152 ALA 152 152 152 ALA ALA A . n 
A 1 153 TYR 153 153 153 TYR TYR A . n 
A 1 154 MET 154 154 154 MET MET A . n 
A 1 155 THR 155 155 155 THR THR A . n 
A 1 156 MET 156 156 156 MET MET A . n 
A 1 157 LYS 157 157 157 LYS LYS A . n 
A 1 158 ILE 158 158 158 ILE ILE A . n 
A 1 159 ARG 159 159 159 ARG ARG A . n 
A 1 160 ASN 160 160 160 ASN ASN A . n 
# 
loop_
_pdbx_nonpoly_scheme.asym_id 
_pdbx_nonpoly_scheme.entity_id 
_pdbx_nonpoly_scheme.mon_id 
_pdbx_nonpoly_scheme.ndb_seq_num 
_pdbx_nonpoly_scheme.pdb_seq_num 
_pdbx_nonpoly_scheme.auth_seq_num 
_pdbx_nonpoly_scheme.pdb_mon_id 
_pdbx_nonpoly_scheme.auth_mon_id 
_pdbx_nonpoly_scheme.pdb_strand_id 
_pdbx_nonpoly_scheme.pdb_ins_code 
B 2 SO4 1   601 601 SO4 SO4 A . 
C 2 SO4 1   602 602 SO4 SO4 A . 
D 2 SO4 1   603 603 SO4 SO4 A . 
E 3 HOH 1   201 201 HOH HOH A . 
E 3 HOH 2   202 202 HOH HOH A . 
E 3 HOH 3   203 203 HOH HOH A . 
E 3 HOH 4   204 204 HOH HOH A . 
E 3 HOH 5   205 205 HOH HOH A . 
E 3 HOH 6   206 206 HOH HOH A . 
E 3 HOH 7   207 207 HOH HOH A . 
E 3 HOH 8   208 208 HOH HOH A . 
E 3 HOH 9   209 209 HOH HOH A . 
E 3 HOH 10  210 210 HOH HOH A . 
E 3 HOH 11  211 211 HOH HOH A . 
E 3 HOH 12  212 212 HOH HOH A . 
E 3 HOH 13  213 213 HOH HOH A . 
E 3 HOH 14  214 214 HOH HOH A . 
E 3 HOH 15  215 215 HOH HOH A . 
E 3 HOH 16  216 216 HOH HOH A . 
E 3 HOH 17  217 217 HOH HOH A . 
E 3 HOH 18  218 218 HOH HOH A . 
E 3 HOH 19  219 219 HOH HOH A . 
E 3 HOH 20  220 220 HOH HOH A . 
E 3 HOH 21  221 221 HOH HOH A . 
E 3 HOH 22  222 222 HOH HOH A . 
E 3 HOH 23  223 223 HOH HOH A . 
E 3 HOH 24  224 224 HOH HOH A . 
E 3 HOH 25  225 225 HOH HOH A . 
E 3 HOH 26  226 226 HOH HOH A . 
E 3 HOH 27  227 227 HOH HOH A . 
E 3 HOH 28  228 228 HOH HOH A . 
E 3 HOH 29  229 229 HOH HOH A . 
E 3 HOH 30  230 230 HOH HOH A . 
E 3 HOH 31  231 231 HOH HOH A . 
E 3 HOH 32  232 232 HOH HOH A . 
E 3 HOH 33  233 233 HOH HOH A . 
E 3 HOH 34  234 234 HOH HOH A . 
E 3 HOH 35  235 235 HOH HOH A . 
E 3 HOH 36  236 236 HOH HOH A . 
E 3 HOH 37  237 237 HOH HOH A . 
E 3 HOH 38  238 238 HOH HOH A . 
E 3 HOH 39  239 239 HOH HOH A . 
E 3 HOH 40  240 240 HOH HOH A . 
E 3 HOH 41  241 241 HOH HOH A . 
E 3 HOH 42  242 242 HOH HOH A . 
E 3 HOH 43  243 243 HOH HOH A . 
E 3 HOH 44  244 244 HOH HOH A . 
E 3 HOH 45  245 245 HOH HOH A . 
E 3 HOH 46  246 246 HOH HOH A . 
E 3 HOH 47  247 247 HOH HOH A . 
E 3 HOH 48  248 248 HOH HOH A . 
E 3 HOH 49  249 249 HOH HOH A . 
E 3 HOH 50  250 250 HOH HOH A . 
E 3 HOH 51  251 251 HOH HOH A . 
E 3 HOH 52  252 252 HOH HOH A . 
E 3 HOH 53  253 253 HOH HOH A . 
E 3 HOH 54  254 254 HOH HOH A . 
E 3 HOH 55  255 255 HOH HOH A . 
E 3 HOH 56  256 256 HOH HOH A . 
E 3 HOH 57  257 257 HOH HOH A . 
E 3 HOH 58  258 258 HOH HOH A . 
E 3 HOH 59  259 259 HOH HOH A . 
E 3 HOH 60  260 260 HOH HOH A . 
E 3 HOH 61  261 261 HOH HOH A . 
E 3 HOH 62  262 262 HOH HOH A . 
E 3 HOH 63  263 263 HOH HOH A . 
E 3 HOH 64  264 264 HOH HOH A . 
E 3 HOH 65  265 265 HOH HOH A . 
E 3 HOH 66  266 266 HOH HOH A . 
E 3 HOH 67  267 267 HOH HOH A . 
E 3 HOH 68  268 268 HOH HOH A . 
E 3 HOH 69  269 269 HOH HOH A . 
E 3 HOH 70  270 270 HOH HOH A . 
E 3 HOH 71  271 271 HOH HOH A . 
E 3 HOH 72  272 272 HOH HOH A . 
E 3 HOH 73  273 273 HOH HOH A . 
E 3 HOH 74  274 274 HOH HOH A . 
E 3 HOH 75  275 275 HOH HOH A . 
E 3 HOH 76  276 276 HOH HOH A . 
E 3 HOH 77  277 277 HOH HOH A . 
E 3 HOH 78  278 278 HOH HOH A . 
E 3 HOH 79  279 279 HOH HOH A . 
E 3 HOH 80  280 280 HOH HOH A . 
E 3 HOH 81  281 281 HOH HOH A . 
E 3 HOH 82  282 282 HOH HOH A . 
E 3 HOH 83  283 283 HOH HOH A . 
E 3 HOH 84  284 284 HOH HOH A . 
E 3 HOH 85  285 285 HOH HOH A . 
E 3 HOH 86  286 286 HOH HOH A . 
E 3 HOH 87  287 287 HOH HOH A . 
E 3 HOH 88  288 288 HOH HOH A . 
E 3 HOH 89  289 289 HOH HOH A . 
E 3 HOH 90  290 290 HOH HOH A . 
E 3 HOH 91  291 291 HOH HOH A . 
E 3 HOH 92  292 292 HOH HOH A . 
E 3 HOH 93  293 293 HOH HOH A . 
E 3 HOH 94  294 294 HOH HOH A . 
E 3 HOH 95  295 295 HOH HOH A . 
E 3 HOH 96  296 296 HOH HOH A . 
E 3 HOH 97  297 297 HOH HOH A . 
E 3 HOH 98  298 298 HOH HOH A . 
E 3 HOH 99  299 299 HOH HOH A . 
E 3 HOH 100 300 300 HOH HOH A . 
E 3 HOH 101 301 301 HOH HOH A . 
E 3 HOH 102 302 302 HOH HOH A . 
E 3 HOH 103 303 303 HOH HOH A . 
E 3 HOH 104 304 304 HOH HOH A . 
E 3 HOH 105 305 305 HOH HOH A . 
E 3 HOH 106 306 306 HOH HOH A . 
E 3 HOH 107 307 307 HOH HOH A . 
E 3 HOH 108 308 308 HOH HOH A . 
E 3 HOH 109 309 309 HOH HOH A . 
E 3 HOH 110 310 310 HOH HOH A . 
E 3 HOH 111 311 311 HOH HOH A . 
E 3 HOH 112 312 312 HOH HOH A . 
E 3 HOH 113 313 313 HOH HOH A . 
E 3 HOH 114 314 314 HOH HOH A . 
E 3 HOH 115 315 315 HOH HOH A . 
E 3 HOH 116 316 316 HOH HOH A . 
E 3 HOH 117 317 317 HOH HOH A . 
E 3 HOH 118 318 318 HOH HOH A . 
E 3 HOH 119 319 319 HOH HOH A . 
E 3 HOH 120 320 320 HOH HOH A . 
E 3 HOH 121 321 321 HOH HOH A . 
E 3 HOH 122 322 322 HOH HOH A . 
E 3 HOH 123 323 323 HOH HOH A . 
E 3 HOH 124 324 324 HOH HOH A . 
E 3 HOH 125 325 325 HOH HOH A . 
E 3 HOH 126 326 326 HOH HOH A . 
E 3 HOH 127 327 327 HOH HOH A . 
E 3 HOH 128 328 328 HOH HOH A . 
E 3 HOH 129 329 329 HOH HOH A . 
E 3 HOH 130 330 330 HOH HOH A . 
E 3 HOH 131 331 331 HOH HOH A . 
E 3 HOH 132 332 332 HOH HOH A . 
E 3 HOH 133 333 333 HOH HOH A . 
E 3 HOH 134 334 334 HOH HOH A . 
E 3 HOH 135 335 335 HOH HOH A . 
E 3 HOH 136 336 336 HOH HOH A . 
E 3 HOH 137 337 337 HOH HOH A . 
E 3 HOH 138 338 338 HOH HOH A . 
E 3 HOH 139 339 339 HOH HOH A . 
E 3 HOH 140 340 340 HOH HOH A . 
E 3 HOH 141 341 341 HOH HOH A . 
E 3 HOH 142 342 342 HOH HOH A . 
E 3 HOH 143 343 343 HOH HOH A . 
E 3 HOH 144 344 344 HOH HOH A . 
E 3 HOH 145 345 345 HOH HOH A . 
E 3 HOH 146 346 346 HOH HOH A . 
E 3 HOH 147 347 347 HOH HOH A . 
E 3 HOH 148 348 348 HOH HOH A . 
E 3 HOH 149 349 349 HOH HOH A . 
E 3 HOH 150 350 350 HOH HOH A . 
E 3 HOH 151 351 351 HOH HOH A . 
E 3 HOH 152 352 352 HOH HOH A . 
E 3 HOH 153 353 353 HOH HOH A . 
E 3 HOH 154 354 354 HOH HOH A . 
E 3 HOH 155 355 355 HOH HOH A . 
E 3 HOH 156 356 356 HOH HOH A . 
E 3 HOH 157 357 357 HOH HOH A . 
E 3 HOH 158 358 358 HOH HOH A . 
E 3 HOH 159 359 359 HOH HOH A . 
E 3 HOH 160 360 360 HOH HOH A . 
E 3 HOH 161 361 361 HOH HOH A . 
E 3 HOH 162 362 362 HOH HOH A . 
E 3 HOH 163 363 363 HOH HOH A . 
E 3 HOH 164 364 364 HOH HOH A . 
E 3 HOH 165 365 365 HOH HOH A . 
E 3 HOH 166 366 366 HOH HOH A . 
E 3 HOH 167 367 367 HOH HOH A . 
E 3 HOH 168 368 368 HOH HOH A . 
E 3 HOH 169 369 369 HOH HOH A . 
E 3 HOH 170 370 370 HOH HOH A . 
E 3 HOH 171 371 371 HOH HOH A . 
E 3 HOH 172 372 372 HOH HOH A . 
E 3 HOH 173 373 373 HOH HOH A . 
E 3 HOH 174 374 374 HOH HOH A . 
E 3 HOH 175 375 375 HOH HOH A . 
E 3 HOH 176 376 376 HOH HOH A . 
E 3 HOH 177 377 377 HOH HOH A . 
E 3 HOH 178 378 378 HOH HOH A . 
E 3 HOH 179 379 379 HOH HOH A . 
E 3 HOH 180 380 380 HOH HOH A . 
E 3 HOH 181 381 381 HOH HOH A . 
E 3 HOH 182 382 382 HOH HOH A . 
E 3 HOH 183 383 383 HOH HOH A . 
E 3 HOH 184 384 384 HOH HOH A . 
E 3 HOH 185 385 385 HOH HOH A . 
E 3 HOH 186 386 386 HOH HOH A . 
E 3 HOH 187 387 387 HOH HOH A . 
E 3 HOH 188 388 388 HOH HOH A . 
E 3 HOH 189 389 389 HOH HOH A . 
E 3 HOH 190 390 390 HOH HOH A . 
E 3 HOH 191 391 391 HOH HOH A . 
E 3 HOH 192 392 392 HOH HOH A . 
E 3 HOH 193 393 393 HOH HOH A . 
E 3 HOH 194 394 394 HOH HOH A . 
E 3 HOH 195 395 395 HOH HOH A . 
E 3 HOH 196 396 396 HOH HOH A . 
E 3 HOH 197 397 397 HOH HOH A . 
E 3 HOH 198 398 398 HOH HOH A . 
E 3 HOH 199 399 399 HOH HOH A . 
E 3 HOH 200 400 400 HOH HOH A . 
E 3 HOH 201 401 401 HOH HOH A . 
E 3 HOH 202 402 402 HOH HOH A . 
E 3 HOH 203 403 403 HOH HOH A . 
E 3 HOH 204 404 404 HOH HOH A . 
E 3 HOH 205 405 405 HOH HOH A . 
E 3 HOH 206 406 406 HOH HOH A . 
E 3 HOH 207 407 407 HOH HOH A . 
E 3 HOH 208 408 408 HOH HOH A . 
E 3 HOH 209 409 409 HOH HOH A . 
E 3 HOH 210 410 410 HOH HOH A . 
E 3 HOH 211 411 411 HOH HOH A . 
E 3 HOH 212 412 412 HOH HOH A . 
E 3 HOH 213 413 413 HOH HOH A . 
E 3 HOH 214 414 414 HOH HOH A . 
E 3 HOH 215 415 415 HOH HOH A . 
E 3 HOH 216 416 416 HOH HOH A . 
E 3 HOH 217 417 417 HOH HOH A . 
E 3 HOH 218 418 418 HOH HOH A . 
E 3 HOH 219 419 419 HOH HOH A . 
E 3 HOH 220 420 420 HOH HOH A . 
E 3 HOH 221 421 421 HOH HOH A . 
E 3 HOH 222 422 422 HOH HOH A . 
E 3 HOH 223 423 423 HOH HOH A . 
E 3 HOH 224 424 424 HOH HOH A . 
E 3 HOH 225 425 425 HOH HOH A . 
E 3 HOH 226 426 426 HOH HOH A . 
E 3 HOH 227 427 427 HOH HOH A . 
E 3 HOH 228 428 428 HOH HOH A . 
E 3 HOH 229 429 429 HOH HOH A . 
E 3 HOH 230 430 430 HOH HOH A . 
E 3 HOH 231 431 431 HOH HOH A . 
E 3 HOH 232 432 432 HOH HOH A . 
E 3 HOH 233 433 433 HOH HOH A . 
E 3 HOH 234 434 434 HOH HOH A . 
E 3 HOH 235 435 435 HOH HOH A . 
E 3 HOH 236 436 436 HOH HOH A . 
E 3 HOH 237 437 437 HOH HOH A . 
E 3 HOH 238 438 438 HOH HOH A . 
E 3 HOH 239 439 439 HOH HOH A . 
E 3 HOH 240 440 440 HOH HOH A . 
E 3 HOH 241 441 441 HOH HOH A . 
E 3 HOH 242 442 442 HOH HOH A . 
E 3 HOH 243 443 443 HOH HOH A . 
E 3 HOH 244 444 444 HOH HOH A . 
E 3 HOH 245 445 445 HOH HOH A . 
E 3 HOH 246 446 446 HOH HOH A . 
E 3 HOH 247 447 447 HOH HOH A . 
E 3 HOH 248 448 448 HOH HOH A . 
E 3 HOH 249 449 449 HOH HOH A . 
E 3 HOH 250 450 450 HOH HOH A . 
E 3 HOH 251 451 451 HOH HOH A . 
E 3 HOH 252 452 452 HOH HOH A . 
E 3 HOH 253 453 453 HOH HOH A . 
E 3 HOH 254 454 454 HOH HOH A . 
E 3 HOH 255 455 455 HOH HOH A . 
E 3 HOH 256 456 456 HOH HOH A . 
E 3 HOH 257 457 457 HOH HOH A . 
E 3 HOH 258 458 458 HOH HOH A . 
E 3 HOH 259 459 459 HOH HOH A . 
E 3 HOH 260 460 460 HOH HOH A . 
E 3 HOH 261 461 461 HOH HOH A . 
E 3 HOH 262 462 462 HOH HOH A . 
E 3 HOH 263 463 463 HOH HOH A . 
E 3 HOH 264 464 464 HOH HOH A . 
E 3 HOH 265 465 465 HOH HOH A . 
E 3 HOH 266 466 466 HOH HOH A . 
E 3 HOH 267 467 467 HOH HOH A . 
E 3 HOH 268 468 468 HOH HOH A . 
E 3 HOH 269 469 469 HOH HOH A . 
E 3 HOH 270 470 470 HOH HOH A . 
E 3 HOH 271 471 471 HOH HOH A . 
E 3 HOH 272 472 472 HOH HOH A . 
E 3 HOH 273 473 473 HOH HOH A . 
E 3 HOH 274 474 474 HOH HOH A . 
E 3 HOH 275 475 475 HOH HOH A . 
E 3 HOH 276 476 476 HOH HOH A . 
E 3 HOH 277 477 477 HOH HOH A . 
E 3 HOH 278 478 478 HOH HOH A . 
E 3 HOH 279 479 479 HOH HOH A . 
E 3 HOH 280 480 480 HOH HOH A . 
E 3 HOH 281 481 481 HOH HOH A . 
E 3 HOH 282 482 482 HOH HOH A . 
E 3 HOH 283 483 483 HOH HOH A . 
E 3 HOH 284 484 484 HOH HOH A . 
E 3 HOH 285 485 485 HOH HOH A . 
E 3 HOH 286 486 486 HOH HOH A . 
E 3 HOH 287 487 487 HOH HOH A . 
E 3 HOH 288 488 488 HOH HOH A . 
E 3 HOH 289 489 489 HOH HOH A . 
E 3 HOH 290 490 490 HOH HOH A . 
E 3 HOH 291 491 491 HOH HOH A . 
E 3 HOH 292 492 492 HOH HOH A . 
E 3 HOH 293 493 493 HOH HOH A . 
E 3 HOH 294 494 494 HOH HOH A . 
E 3 HOH 295 495 495 HOH HOH A . 
E 3 HOH 296 496 496 HOH HOH A . 
E 3 HOH 297 497 497 HOH HOH A . 
E 3 HOH 298 498 498 HOH HOH A . 
E 3 HOH 299 499 499 HOH HOH A . 
E 3 HOH 300 500 500 HOH HOH A . 
E 3 HOH 301 501 501 HOH HOH A . 
E 3 HOH 302 502 502 HOH HOH A . 
E 3 HOH 303 503 503 HOH HOH A . 
# 
loop_
_pdbx_unobs_or_zero_occ_atoms.id 
_pdbx_unobs_or_zero_occ_atoms.PDB_model_num 
_pdbx_unobs_or_zero_occ_atoms.polymer_flag 
_pdbx_unobs_or_zero_occ_atoms.occupancy_flag 
_pdbx_unobs_or_zero_occ_atoms.auth_asym_id 
_pdbx_unobs_or_zero_occ_atoms.auth_comp_id 
_pdbx_unobs_or_zero_occ_atoms.auth_seq_id 
_pdbx_unobs_or_zero_occ_atoms.PDB_ins_code 
_pdbx_unobs_or_zero_occ_atoms.auth_atom_id 
_pdbx_unobs_or_zero_occ_atoms.label_alt_id 
_pdbx_unobs_or_zero_occ_atoms.label_asym_id 
_pdbx_unobs_or_zero_occ_atoms.label_comp_id 
_pdbx_unobs_or_zero_occ_atoms.label_seq_id 
_pdbx_unobs_or_zero_occ_atoms.label_atom_id 
1  1 Y 1 A THR 6  ? CB  ? A THR 6  CB  
2  1 Y 1 A THR 6  ? OG1 ? A THR 6  OG1 
3  1 Y 1 A THR 6  ? CG2 ? A THR 6  CG2 
4  1 Y 1 A SER 8  ? CB  ? A SER 8  CB  
5  1 Y 1 A SER 8  ? OG  ? A SER 8  OG  
6  1 Y 1 A GLU 9  ? CG  ? A GLU 9  CG  
7  1 Y 1 A GLU 9  ? CD  ? A GLU 9  CD  
8  1 Y 1 A GLU 9  ? OE1 ? A GLU 9  OE1 
9  1 Y 1 A GLU 9  ? OE2 ? A GLU 9  OE2 
10 1 Y 1 A ASN 10 ? CG  ? A ASN 10 CG  
11 1 Y 1 A ASN 10 ? OD1 ? A ASN 10 OD1 
12 1 Y 1 A ASN 10 ? ND2 ? A ASN 10 ND2 
# 
loop_
_software.name 
_software.classification 
_software.version 
_software.citation_id 
_software.pdbx_ordinal 
DENZO     'data reduction' . ? 1 
SCALEPACK 'data scaling'   . ? 2 
PROFFT    refinement       . ? 3 
# 
_cell.entry_id           2ILK 
_cell.length_a           69.530 
_cell.length_b           69.530 
_cell.length_c           70.540 
_cell.angle_alpha        90.00 
_cell.angle_beta         90.00 
_cell.angle_gamma        120.00 
_cell.Z_PDB              6 
_cell.pdbx_unique_axis   ? 
# 
_symmetry.entry_id                         2ILK 
_symmetry.space_group_name_H-M             'P 32 2 1' 
_symmetry.pdbx_full_space_group_name_H-M   ? 
_symmetry.cell_setting                     ? 
_symmetry.Int_Tables_number                154 
# 
_exptl.entry_id          2ILK 
_exptl.method            'X-RAY DIFFRACTION' 
_exptl.crystals_number   1 
# 
_exptl_crystal.id                    1 
_exptl_crystal.density_meas          ? 
_exptl_crystal.density_Matthews      2.64 
_exptl_crystal.density_percent_sol   53.32 
_exptl_crystal.description           ? 
# 
_exptl_crystal_grow.crystal_id      1 
_exptl_crystal_grow.method          ? 
_exptl_crystal_grow.temp            ? 
_exptl_crystal_grow.temp_details    ? 
_exptl_crystal_grow.pH              6.5 
_exptl_crystal_grow.pdbx_pH_range   ? 
_exptl_crystal_grow.pdbx_details    'pH 6.5' 
# 
_diffrn.id                     1 
_diffrn.ambient_temp           100 
_diffrn.ambient_temp_details   ? 
_diffrn.crystal_id             1 
# 
_diffrn_detector.diffrn_id              1 
_diffrn_detector.detector               'IMAGE PLATE' 
_diffrn_detector.type                   FUJI 
_diffrn_detector.pdbx_collection_date   1995-05-04 
_diffrn_detector.details                ? 
# 
_diffrn_radiation.diffrn_id                        1 
_diffrn_radiation.wavelength_id                    1 
_diffrn_radiation.pdbx_monochromatic_or_laue_m_l   M 
_diffrn_radiation.monochromator                    ? 
_diffrn_radiation.pdbx_diffrn_protocol             ? 
_diffrn_radiation.pdbx_scattering_type             x-ray 
# 
_diffrn_radiation_wavelength.id           1 
_diffrn_radiation_wavelength.wavelength   0.9575 
_diffrn_radiation_wavelength.wt           1.0 
# 
_diffrn_source.diffrn_id                   1 
_diffrn_source.source                      SYNCHROTRON 
_diffrn_source.type                        'NSLS BEAMLINE X4A' 
_diffrn_source.pdbx_synchrotron_site       NSLS 
_diffrn_source.pdbx_synchrotron_beamline   X4A 
_diffrn_source.pdbx_wavelength             0.9575 
_diffrn_source.pdbx_wavelength_list        ? 
# 
_reflns.entry_id                     2ILK 
_reflns.observed_criterion_sigma_I   1.0 
_reflns.observed_criterion_sigma_F   ? 
_reflns.d_resolution_low             30.0 
_reflns.d_resolution_high            1.5 
_reflns.number_obs                   27529 
_reflns.number_all                   ? 
_reflns.percent_possible_obs         86.4 
_reflns.pdbx_Rmerge_I_obs            0.069 
_reflns.pdbx_Rsym_value              ? 
_reflns.pdbx_netI_over_sigmaI        1.0 
_reflns.B_iso_Wilson_estimate        ? 
_reflns.pdbx_redundancy              10.1 
_reflns.pdbx_ordinal                 1 
_reflns.pdbx_diffrn_id               1 
# 
_refine.entry_id                                 2ILK 
_refine.ls_number_reflns_obs                     21495 
_refine.ls_number_reflns_all                     ? 
_refine.pdbx_ls_sigma_I                          ? 
_refine.pdbx_ls_sigma_F                          3.0 
_refine.pdbx_data_cutoff_high_absF               ? 
_refine.pdbx_data_cutoff_low_absF                ? 
_refine.pdbx_data_cutoff_high_rms_absF           ? 
_refine.ls_d_res_low                             10.0 
_refine.ls_d_res_high                            1.6 
_refine.ls_percent_reflns_obs                    ? 
_refine.ls_R_factor_obs                          ? 
_refine.ls_R_factor_all                          ? 
_refine.ls_R_factor_R_work                       ? 
_refine.ls_R_factor_R_free                       ? 
_refine.ls_R_factor_R_free_error                 ? 
_refine.ls_R_factor_R_free_error_details         ? 
_refine.ls_percent_reflns_R_free                 ? 
_refine.ls_number_reflns_R_free                  ? 
_refine.ls_number_parameters                     ? 
_refine.ls_number_restraints                     ? 
_refine.occupancy_min                            ? 
_refine.occupancy_max                            ? 
_refine.B_iso_mean                               23.2 
_refine.aniso_B[1][1]                            ? 
_refine.aniso_B[2][2]                            ? 
_refine.aniso_B[3][3]                            ? 
_refine.aniso_B[1][2]                            ? 
_refine.aniso_B[1][3]                            ? 
_refine.aniso_B[2][3]                            ? 
_refine.solvent_model_details                    ? 
_refine.solvent_model_param_ksol                 ? 
_refine.solvent_model_param_bsol                 ? 
_refine.pdbx_ls_cross_valid_method               ? 
_refine.details                                  ? 
_refine.pdbx_starting_model                      ? 
_refine.pdbx_method_to_determine_struct          ? 
_refine.pdbx_isotropic_thermal_model             ? 
_refine.pdbx_stereochemistry_target_values       ? 
_refine.pdbx_stereochem_target_val_spec_case     ? 
_refine.pdbx_R_Free_selection_details            ? 
_refine.pdbx_overall_ESU_R                       ? 
_refine.pdbx_overall_ESU_R_Free                  ? 
_refine.overall_SU_ML                            ? 
_refine.overall_SU_B                             ? 
_refine.pdbx_refine_id                           'X-RAY DIFFRACTION' 
_refine.pdbx_diffrn_id                           1 
_refine.pdbx_TLS_residual_ADP_flag               ? 
_refine.correlation_coeff_Fo_to_Fc               ? 
_refine.correlation_coeff_Fo_to_Fc_free          ? 
_refine.pdbx_solvent_vdw_probe_radii             ? 
_refine.pdbx_solvent_ion_probe_radii             ? 
_refine.pdbx_solvent_shrinkage_radii             ? 
_refine.pdbx_overall_phase_error                 ? 
_refine.overall_SU_R_Cruickshank_DPI             ? 
_refine.pdbx_overall_SU_R_free_Cruickshank_DPI   ? 
_refine.pdbx_overall_SU_R_Blow_DPI               ? 
_refine.pdbx_overall_SU_R_free_Blow_DPI          ? 
# 
_refine_hist.pdbx_refine_id                   'X-RAY DIFFRACTION' 
_refine_hist.cycle_id                         LAST 
_refine_hist.pdbx_number_atoms_protein        1264 
_refine_hist.pdbx_number_atoms_nucleic_acid   0 
_refine_hist.pdbx_number_atoms_ligand         15 
_refine_hist.number_atoms_solvent             303 
_refine_hist.number_atoms_total               1582 
_refine_hist.d_res_high                       1.6 
_refine_hist.d_res_low                        10.0 
# 
loop_
_refine_ls_restr.type 
_refine_ls_restr.dev_ideal 
_refine_ls_restr.dev_ideal_target 
_refine_ls_restr.weight 
_refine_ls_restr.number 
_refine_ls_restr.pdbx_refine_id 
_refine_ls_restr.pdbx_restraint_function 
p_bond_d            0.016 0.017 ? ? 'X-RAY DIFFRACTION' ? 
p_angle_d           0.048 0.040 ? ? 'X-RAY DIFFRACTION' ? 
p_angle_deg         ?     ?     ? ? 'X-RAY DIFFRACTION' ? 
p_planar_d          0.058 0.055 ? ? 'X-RAY DIFFRACTION' ? 
p_hb_or_metal_coord ?     ?     ? ? 'X-RAY DIFFRACTION' ? 
p_mcbond_it         2.169 2.5   ? ? 'X-RAY DIFFRACTION' ? 
p_mcangle_it        3.045 3.5   ? ? 'X-RAY DIFFRACTION' ? 
p_scbond_it         5.298 4.0   ? ? 'X-RAY DIFFRACTION' ? 
p_scangle_it        7.812 7.0   ? ? 'X-RAY DIFFRACTION' ? 
p_plane_restr       0.016 0.022 ? ? 'X-RAY DIFFRACTION' ? 
p_chiral_restr      0.198 0.180 ? ? 'X-RAY DIFFRACTION' ? 
p_singtor_nbd       0.194 0.5   ? ? 'X-RAY DIFFRACTION' ? 
p_multtor_nbd       0.263 0.5   ? ? 'X-RAY DIFFRACTION' ? 
p_xhyhbond_nbd      ?     ?     ? ? 'X-RAY DIFFRACTION' ? 
p_xyhbond_nbd       0.332 0.5   ? ? 'X-RAY DIFFRACTION' ? 
p_planar_tor        2.8   3.5   ? ? 'X-RAY DIFFRACTION' ? 
p_staggered_tor     16.3  14.0  ? ? 'X-RAY DIFFRACTION' ? 
p_orthonormal_tor   ?     ?     ? ? 'X-RAY DIFFRACTION' ? 
p_transverse_tor    36.2  12.0  ? ? 'X-RAY DIFFRACTION' ? 
p_special_tor       ?     ?     ? ? 'X-RAY DIFFRACTION' ? 
# 
_pdbx_refine.entry_id                                    2ILK 
_pdbx_refine.R_factor_all_no_cutoff                      ? 
_pdbx_refine.R_factor_obs_no_cutoff                      0.163 
_pdbx_refine.free_R_factor_no_cutoff                     ? 
_pdbx_refine.free_R_val_test_set_size_perc_no_cutoff     ? 
_pdbx_refine.free_R_val_test_set_ct_no_cutoff            ? 
_pdbx_refine.R_factor_all_4sig_cutoff                    ? 
_pdbx_refine.R_factor_obs_4sig_cutoff                    ? 
_pdbx_refine.free_R_factor_4sig_cutoff                   ? 
_pdbx_refine.free_R_val_test_set_size_perc_4sig_cutoff   ? 
_pdbx_refine.free_R_val_test_set_ct_4sig_cutoff          ? 
_pdbx_refine.number_reflns_obs_4sig_cutoff               ? 
_pdbx_refine.pdbx_refine_id                              'X-RAY DIFFRACTION' 
_pdbx_refine.free_R_error_no_cutoff                      ? 
# 
_struct.entry_id                  2ILK 
_struct.title                     'CRYSTAL STRUCTURE OF HUMAN INTERLEUKIN-10 AT 1.6 ANGSTROMS RESOLUTION' 
_struct.pdbx_model_details        ? 
_struct.pdbx_CASP_flag            ? 
_struct.pdbx_model_type_details   ? 
# 
_struct_keywords.entry_id        2ILK 
_struct_keywords.pdbx_keywords   CYTOKINE 
_struct_keywords.text            CYTOKINE 
# 
loop_
_struct_asym.id 
_struct_asym.pdbx_blank_PDB_chainid_flag 
_struct_asym.pdbx_modified 
_struct_asym.entity_id 
_struct_asym.details 
A N N 1 ? 
B N N 2 ? 
C N N 2 ? 
D N N 2 ? 
E N N 3 ? 
# 
_struct_ref.id                         1 
_struct_ref.db_name                    UNP 
_struct_ref.db_code                    IL10_HUMAN 
_struct_ref.entity_id                  1 
_struct_ref.pdbx_db_accession          P22301 
_struct_ref.pdbx_align_begin           1 
_struct_ref.pdbx_seq_one_letter_code   
;MHSSALLCCLVLLTGVRASPGQGTQSENSCTHFPGNLPNMLRDLRDAFSRVKTFFQMKDQLDNLLLKESLLEDFKGYLGC
QALSEMIQFYLEEVMPQAENQDPDIKAHVNSLGENLKTLRLRLRRCHRFLPCENKSKAVEQVKNAFNKLQEKGIYKAMSE
FDIFINYIEAYMTMKIRN
;
_struct_ref.pdbx_db_isoform            ? 
# 
_struct_ref_seq.align_id                      1 
_struct_ref_seq.ref_id                        1 
_struct_ref_seq.pdbx_PDB_id_code              2ILK 
_struct_ref_seq.pdbx_strand_id                A 
_struct_ref_seq.seq_align_beg                 1 
_struct_ref_seq.pdbx_seq_align_beg_ins_code   ? 
_struct_ref_seq.seq_align_end                 160 
_struct_ref_seq.pdbx_seq_align_end_ins_code   ? 
_struct_ref_seq.pdbx_db_accession             P22301 
_struct_ref_seq.db_align_beg                  19 
_struct_ref_seq.pdbx_db_align_beg_ins_code    ? 
_struct_ref_seq.db_align_end                  178 
_struct_ref_seq.pdbx_db_align_end_ins_code    ? 
_struct_ref_seq.pdbx_auth_seq_align_beg       1 
_struct_ref_seq.pdbx_auth_seq_align_end       160 
# 
_pdbx_struct_assembly.id                   1 
_pdbx_struct_assembly.details              author_and_software_defined_assembly 
_pdbx_struct_assembly.method_details       PISA,PQS 
_pdbx_struct_assembly.oligomeric_details   dimeric 
_pdbx_struct_assembly.oligomeric_count     2 
# 
loop_
_pdbx_struct_assembly_prop.biol_id 
_pdbx_struct_assembly_prop.type 
_pdbx_struct_assembly_prop.value 
_pdbx_struct_assembly_prop.details 
1 'ABSA (A^2)' 9940  ? 
1 MORE         -158  ? 
1 'SSA (A^2)'  16260 ? 
# 
_pdbx_struct_assembly_gen.assembly_id       1 
_pdbx_struct_assembly_gen.oper_expression   1,2 
_pdbx_struct_assembly_gen.asym_id_list      A,B,C,D,E 
# 
loop_
_pdbx_struct_oper_list.id 
_pdbx_struct_oper_list.type 
_pdbx_struct_oper_list.name 
_pdbx_struct_oper_list.symmetry_operation 
_pdbx_struct_oper_list.matrix[1][1] 
_pdbx_struct_oper_list.matrix[1][2] 
_pdbx_struct_oper_list.matrix[1][3] 
_pdbx_struct_oper_list.vector[1] 
_pdbx_struct_oper_list.matrix[2][1] 
_pdbx_struct_oper_list.matrix[2][2] 
_pdbx_struct_oper_list.matrix[2][3] 
_pdbx_struct_oper_list.vector[2] 
_pdbx_struct_oper_list.matrix[3][1] 
_pdbx_struct_oper_list.matrix[3][2] 
_pdbx_struct_oper_list.matrix[3][3] 
_pdbx_struct_oper_list.vector[3] 
1 'identity operation'         1_555 x,y,z    1.0000000000  0.0000000000 0.0000000000 0.0000000000  0.0000000000 1.0000000000 0.0000000000 0.0000000000 0.0000000000 0.0000000000 1.0000000000  0.0000000000   
2 'crystal symmetry operation' 4_556 y,x,-z+1 -0.9219232176 0.3699670227 0.1148128173 -0.4431613208 0.3699670227 0.7530896334 0.5440408129 5.1206612613 0.1148128173 0.5440408129 -0.8311664159 -16.1991947823 
# 
_struct_biol.id   1 
# 
loop_
_struct_conf.conf_type_id 
_struct_conf.id 
_struct_conf.pdbx_PDB_helix_id 
_struct_conf.beg_label_comp_id 
_struct_conf.beg_label_asym_id 
_struct_conf.beg_label_seq_id 
_struct_conf.pdbx_beg_PDB_ins_code 
_struct_conf.end_label_comp_id 
_struct_conf.end_label_asym_id 
_struct_conf.end_label_seq_id 
_struct_conf.pdbx_end_PDB_ins_code 
_struct_conf.beg_auth_comp_id 
_struct_conf.beg_auth_asym_id 
_struct_conf.beg_auth_seq_id 
_struct_conf.end_auth_comp_id 
_struct_conf.end_auth_asym_id 
_struct_conf.end_auth_seq_id 
_struct_conf.pdbx_PDB_helix_class 
_struct_conf.details 
_struct_conf.pdbx_PDB_helix_length 
HELX_P HELX_P1 1 ASN A 18  ? ASP A 41  ? ASN A 18  ASP A 41  1 ? 24 
HELX_P HELX_P2 2 LYS A 49  ? GLY A 58  ? LYS A 49  GLY A 58  1 ? 10 
HELX_P HELX_P3 3 LEU A 60  ? ASN A 82  ? LEU A 60  ASN A 82  1 ? 23 
HELX_P HELX_P4 4 ILE A 87  ? CYS A 108 ? ILE A 87  CYS A 108 1 ? 22 
HELX_P HELX_P5 5 SER A 118 ? LEU A 131 ? SER A 118 LEU A 131 1 ? 14 
HELX_P HELX_P6 6 GLU A 133 ? ARG A 159 ? GLU A 133 ARG A 159 1 ? 27 
# 
_struct_conf_type.id          HELX_P 
_struct_conf_type.criteria    ? 
_struct_conf_type.reference   ? 
# 
loop_
_struct_conn.id 
_struct_conn.conn_type_id 
_struct_conn.pdbx_leaving_atom_flag 
_struct_conn.pdbx_PDB_id 
_struct_conn.ptnr1_label_asym_id 
_struct_conn.ptnr1_label_comp_id 
_struct_conn.ptnr1_label_seq_id 
_struct_conn.ptnr1_label_atom_id 
_struct_conn.pdbx_ptnr1_label_alt_id 
_struct_conn.pdbx_ptnr1_PDB_ins_code 
_struct_conn.pdbx_ptnr1_standard_comp_id 
_struct_conn.ptnr1_symmetry 
_struct_conn.ptnr2_label_asym_id 
_struct_conn.ptnr2_label_comp_id 
_struct_conn.ptnr2_label_seq_id 
_struct_conn.ptnr2_label_atom_id 
_struct_conn.pdbx_ptnr2_label_alt_id 
_struct_conn.pdbx_ptnr2_PDB_ins_code 
_struct_conn.ptnr1_auth_asym_id 
_struct_conn.ptnr1_auth_comp_id 
_struct_conn.ptnr1_auth_seq_id 
_struct_conn.ptnr2_auth_asym_id 
_struct_conn.ptnr2_auth_comp_id 
_struct_conn.ptnr2_auth_seq_id 
_struct_conn.ptnr2_symmetry 
_struct_conn.pdbx_ptnr3_label_atom_id 
_struct_conn.pdbx_ptnr3_label_seq_id 
_struct_conn.pdbx_ptnr3_label_comp_id 
_struct_conn.pdbx_ptnr3_label_asym_id 
_struct_conn.pdbx_ptnr3_label_alt_id 
_struct_conn.pdbx_ptnr3_PDB_ins_code 
_struct_conn.details 
_struct_conn.pdbx_dist_value 
_struct_conn.pdbx_value_order 
_struct_conn.pdbx_role 
disulf1 disulf ? ? A CYS 12 SG ? ? ? 1_555 A CYS 108 SG ? ? A CYS 12 A CYS 108 1_555 ? ? ? ? ? ? ? 2.042 ? ? 
disulf2 disulf ? ? A CYS 62 SG ? ? ? 1_555 A CYS 114 SG ? ? A CYS 62 A CYS 114 1_555 ? ? ? ? ? ? ? 2.068 ? ? 
# 
_struct_conn_type.id          disulf 
_struct_conn_type.criteria    ? 
_struct_conn_type.reference   ? 
# 
loop_
_pdbx_modification_feature.ordinal 
_pdbx_modification_feature.label_comp_id 
_pdbx_modification_feature.label_asym_id 
_pdbx_modification_feature.label_seq_id 
_pdbx_modification_feature.label_alt_id 
_pdbx_modification_feature.modified_residue_label_comp_id 
_pdbx_modification_feature.modified_residue_label_asym_id 
_pdbx_modification_feature.modified_residue_label_seq_id 
_pdbx_modification_feature.modified_residue_label_alt_id 
_pdbx_modification_feature.auth_comp_id 
_pdbx_modification_feature.auth_asym_id 
_pdbx_modification_feature.auth_seq_id 
_pdbx_modification_feature.PDB_ins_code 
_pdbx_modification_feature.symmetry 
_pdbx_modification_feature.modified_residue_auth_comp_id 
_pdbx_modification_feature.modified_residue_auth_asym_id 
_pdbx_modification_feature.modified_residue_auth_seq_id 
_pdbx_modification_feature.modified_residue_PDB_ins_code 
_pdbx_modification_feature.modified_residue_symmetry 
_pdbx_modification_feature.comp_id_linking_atom 
_pdbx_modification_feature.modified_residue_id_linking_atom 
_pdbx_modification_feature.modified_residue_id 
_pdbx_modification_feature.ref_pcm_id 
_pdbx_modification_feature.ref_comp_id 
_pdbx_modification_feature.type 
_pdbx_modification_feature.category 
1 CYS A 12 ? CYS A 108 ? CYS A 12 ? 1_555 CYS A 108 ? 1_555 SG SG . . . None 'Disulfide bridge' 
2 CYS A 62 ? CYS A 114 ? CYS A 62 ? 1_555 CYS A 114 ? 1_555 SG SG . . . None 'Disulfide bridge' 
# 
_struct_mon_prot_cis.pdbx_id                1 
_struct_mon_prot_cis.label_comp_id          PHE 
_struct_mon_prot_cis.label_seq_id           15 
_struct_mon_prot_cis.label_asym_id          A 
_struct_mon_prot_cis.label_alt_id           . 
_struct_mon_prot_cis.pdbx_PDB_ins_code      ? 
_struct_mon_prot_cis.auth_comp_id           PHE 
_struct_mon_prot_cis.auth_seq_id            15 
_struct_mon_prot_cis.auth_asym_id           A 
_struct_mon_prot_cis.pdbx_label_comp_id_2   PRO 
_struct_mon_prot_cis.pdbx_label_seq_id_2    16 
_struct_mon_prot_cis.pdbx_label_asym_id_2   A 
_struct_mon_prot_cis.pdbx_PDB_ins_code_2    ? 
_struct_mon_prot_cis.pdbx_auth_comp_id_2    PRO 
_struct_mon_prot_cis.pdbx_auth_seq_id_2     16 
_struct_mon_prot_cis.pdbx_auth_asym_id_2    A 
_struct_mon_prot_cis.pdbx_PDB_model_num     1 
_struct_mon_prot_cis.pdbx_omega_angle       -2.75 
# 
loop_
_struct_site.id 
_struct_site.pdbx_evidence_code 
_struct_site.pdbx_auth_asym_id 
_struct_site.pdbx_auth_comp_id 
_struct_site.pdbx_auth_seq_id 
_struct_site.pdbx_auth_ins_code 
_struct_site.pdbx_num_residues 
_struct_site.details 
AC1 Software A SO4 601 ? 5  'BINDING SITE FOR RESIDUE SO4 A 601' 
AC2 Software A SO4 602 ? 10 'BINDING SITE FOR RESIDUE SO4 A 602' 
AC3 Software A SO4 603 ? 5  'BINDING SITE FOR RESIDUE SO4 A 603' 
# 
loop_
_struct_site_gen.id 
_struct_site_gen.site_id 
_struct_site_gen.pdbx_num_res 
_struct_site_gen.label_comp_id 
_struct_site_gen.label_asym_id 
_struct_site_gen.label_seq_id 
_struct_site_gen.pdbx_auth_ins_code 
_struct_site_gen.auth_comp_id 
_struct_site_gen.auth_asym_id 
_struct_site_gen.auth_seq_id 
_struct_site_gen.label_atom_id 
_struct_site_gen.label_alt_id 
_struct_site_gen.symmetry 
_struct_site_gen.details 
1  AC1 5  THR A 6   ? THR A 6   . ? 1_555 ? 
2  AC1 5  ARG A 106 ? ARG A 106 . ? 1_555 ? 
3  AC1 5  ASN A 116 ? ASN A 116 . ? 1_555 ? 
4  AC1 5  LYS A 117 ? LYS A 117 . ? 1_555 ? 
5  AC1 5  HOH E .   ? HOH A 274 . ? 1_555 ? 
6  AC2 10 CYS A 12  ? CYS A 12  . ? 1_555 ? 
7  AC2 10 THR A 13  ? THR A 13  . ? 1_555 ? 
8  AC2 10 PRO A 85  ? PRO A 85  . ? 5_676 ? 
9  AC2 10 ARG A 104 ? ARG A 104 . ? 1_555 ? 
10 AC2 10 HOH E .   ? HOH A 257 . ? 5_566 ? 
11 AC2 10 HOH E .   ? HOH A 293 . ? 1_555 ? 
12 AC2 10 HOH E .   ? HOH A 335 . ? 1_555 ? 
13 AC2 10 HOH E .   ? HOH A 359 . ? 1_555 ? 
14 AC2 10 HOH E .   ? HOH A 413 . ? 1_555 ? 
15 AC2 10 HOH E .   ? HOH A 493 . ? 1_555 ? 
16 AC3 5  SER A 51  ? SER A 51  . ? 6_655 ? 
17 AC3 5  ARG A 159 ? ARG A 159 . ? 1_555 ? 
18 AC3 5  ASN A 160 ? ASN A 160 . ? 1_555 ? 
19 AC3 5  HOH E .   ? HOH A 336 . ? 6_655 ? 
20 AC3 5  HOH E .   ? HOH A 458 . ? 2_654 ? 
# 
_pdbx_entry_details.entry_id                   2ILK 
_pdbx_entry_details.compound_details           ? 
_pdbx_entry_details.source_details             ? 
_pdbx_entry_details.nonpolymer_details         ? 
_pdbx_entry_details.sequence_details           ? 
_pdbx_entry_details.has_ligand_of_interest     ? 
_pdbx_entry_details.has_protein_modification   Y 
# 
loop_
_pdbx_validate_close_contact.id 
_pdbx_validate_close_contact.PDB_model_num 
_pdbx_validate_close_contact.auth_atom_id_1 
_pdbx_validate_close_contact.auth_asym_id_1 
_pdbx_validate_close_contact.auth_comp_id_1 
_pdbx_validate_close_contact.auth_seq_id_1 
_pdbx_validate_close_contact.PDB_ins_code_1 
_pdbx_validate_close_contact.label_alt_id_1 
_pdbx_validate_close_contact.auth_atom_id_2 
_pdbx_validate_close_contact.auth_asym_id_2 
_pdbx_validate_close_contact.auth_comp_id_2 
_pdbx_validate_close_contact.auth_seq_id_2 
_pdbx_validate_close_contact.PDB_ins_code_2 
_pdbx_validate_close_contact.label_alt_id_2 
_pdbx_validate_close_contact.dist 
1  1 O   A HOH 245 ? ? O A HOH 400 ? ? 1.96 
2  1 OE1 A GLU 54  ? ? O A HOH 247 ? ? 2.03 
3  1 O   A HOH 255 ? ? O A HOH 411 ? ? 2.06 
4  1 OE1 A GLN 63  ? ? O A HOH 399 ? ? 2.06 
5  1 O   A HOH 247 ? ? O A HOH 463 ? ? 2.08 
6  1 O   A HOH 466 ? ? O A HOH 497 ? ? 2.10 
7  1 NE2 A GLN 79  ? ? O A HOH 454 ? ? 2.11 
8  1 O   A HOH 438 ? ? O A HOH 439 ? ? 2.13 
9  1 O   A HOH 342 ? ? O A HOH 405 ? ? 2.15 
10 1 O   A HOH 244 ? ? O A HOH 463 ? ? 2.15 
11 1 OE1 A GLU 75  ? ? O A HOH 459 ? ? 2.17 
12 1 O   A HOH 353 ? ? O A HOH 479 ? ? 2.17 
13 1 OD1 A ASP 28  ? ? O A HOH 419 ? ? 2.19 
# 
loop_
_pdbx_validate_symm_contact.id 
_pdbx_validate_symm_contact.PDB_model_num 
_pdbx_validate_symm_contact.auth_atom_id_1 
_pdbx_validate_symm_contact.auth_asym_id_1 
_pdbx_validate_symm_contact.auth_comp_id_1 
_pdbx_validate_symm_contact.auth_seq_id_1 
_pdbx_validate_symm_contact.PDB_ins_code_1 
_pdbx_validate_symm_contact.label_alt_id_1 
_pdbx_validate_symm_contact.site_symmetry_1 
_pdbx_validate_symm_contact.auth_atom_id_2 
_pdbx_validate_symm_contact.auth_asym_id_2 
_pdbx_validate_symm_contact.auth_comp_id_2 
_pdbx_validate_symm_contact.auth_seq_id_2 
_pdbx_validate_symm_contact.PDB_ins_code_2 
_pdbx_validate_symm_contact.label_alt_id_2 
_pdbx_validate_symm_contact.site_symmetry_2 
_pdbx_validate_symm_contact.dist 
1 1 O   A HOH 235 ? ? 1_555 O  A HOH 235 ? ? 4_556 1.92 
2 1 O   A HOH 245 ? ? 1_555 O  A HOH 414 ? ? 4_556 2.05 
3 1 O   A HOH 253 ? ? 1_555 O  A HOH 406 ? ? 5_676 2.06 
4 1 O   A HOH 345 ? ? 1_555 O  A HOH 351 ? ? 3_565 2.08 
5 1 O   A HOH 276 ? ? 1_555 O  A HOH 438 ? ? 6_655 2.09 
6 1 O   A HOH 229 ? ? 1_555 O  A HOH 386 ? ? 4_556 2.11 
7 1 O   A THR 6   ? ? 1_555 OH A TYR 59  ? ? 4_556 2.15 
8 1 NE2 A GLN 7   ? ? 1_555 O  A GLN 38  ? ? 3_565 2.17 
9 1 O   A HOH 428 ? ? 1_555 O  A HOH 428 ? ? 6_766 2.19 
# 
loop_
_pdbx_validate_rmsd_angle.id 
_pdbx_validate_rmsd_angle.PDB_model_num 
_pdbx_validate_rmsd_angle.auth_atom_id_1 
_pdbx_validate_rmsd_angle.auth_asym_id_1 
_pdbx_validate_rmsd_angle.auth_comp_id_1 
_pdbx_validate_rmsd_angle.auth_seq_id_1 
_pdbx_validate_rmsd_angle.PDB_ins_code_1 
_pdbx_validate_rmsd_angle.label_alt_id_1 
_pdbx_validate_rmsd_angle.auth_atom_id_2 
_pdbx_validate_rmsd_angle.auth_asym_id_2 
_pdbx_validate_rmsd_angle.auth_comp_id_2 
_pdbx_validate_rmsd_angle.auth_seq_id_2 
_pdbx_validate_rmsd_angle.PDB_ins_code_2 
_pdbx_validate_rmsd_angle.label_alt_id_2 
_pdbx_validate_rmsd_angle.auth_atom_id_3 
_pdbx_validate_rmsd_angle.auth_asym_id_3 
_pdbx_validate_rmsd_angle.auth_comp_id_3 
_pdbx_validate_rmsd_angle.auth_seq_id_3 
_pdbx_validate_rmsd_angle.PDB_ins_code_3 
_pdbx_validate_rmsd_angle.label_alt_id_3 
_pdbx_validate_rmsd_angle.angle_value 
_pdbx_validate_rmsd_angle.angle_target_value 
_pdbx_validate_rmsd_angle.angle_deviation 
_pdbx_validate_rmsd_angle.angle_standard_deviation 
_pdbx_validate_rmsd_angle.linker_flag 
1  1 CA  A GLN 7   ? ? C  A GLN 7   ? ? O   A GLN 7   ? ? 135.43 120.10 15.33  2.10 N 
2  1 C   A GLN 7   ? ? N  A SER 8   ? ? CA  A SER 8   ? ? 140.89 121.70 19.19  2.50 Y 
3  1 C   A GLU 9   ? ? N  A ASN 10  ? ? CA  A ASN 10  ? ? 136.92 121.70 15.22  2.50 Y 
4  1 N   A ASN 10  ? ? CA A ASN 10  ? ? C   A ASN 10  ? ? 132.30 111.00 21.30  2.70 N 
5  1 N   A CYS 12  ? ? CA A CYS 12  ? ? CB  A CYS 12  ? ? 98.63  110.60 -11.97 1.80 N 
6  1 NE  A ARG 27  ? ? CZ A ARG 27  ? ? NH2 A ARG 27  ? ? 116.84 120.30 -3.46  0.50 N 
7  1 CB  A GLN 42  ? ? CG A GLN 42  ? ? CD  A GLN 42  ? ? 127.20 111.60 15.60  2.60 N 
8  1 CB  A GLU 50  ? ? CA A GLU 50  ? ? C   A GLU 50  ? ? 122.93 110.40 12.53  2.00 N 
9  1 CB  A ASP 55  ? ? CG A ASP 55  ? ? OD1 A ASP 55  ? ? 125.96 118.30 7.66   0.90 N 
10 1 CB  A TYR 59  ? ? CG A TYR 59  ? ? CD2 A TYR 59  ? ? 114.67 121.00 -6.33  0.60 N 
11 1 CB  A TYR 59  ? ? CG A TYR 59  ? ? CD1 A TYR 59  ? ? 125.89 121.00 4.89   0.60 N 
12 1 CB  A TYR 72  ? ? CG A TYR 72  ? ? CD2 A TYR 72  ? ? 116.59 121.00 -4.41  0.60 N 
13 1 CB  A ASP 84  ? ? CG A ASP 84  ? ? OD1 A ASP 84  ? ? 125.14 118.30 6.84   0.90 N 
14 1 CG1 A VAL 91  ? ? CB A VAL 91  ? ? CG2 A VAL 91  ? ? 99.36  110.90 -11.54 1.60 N 
15 1 NE  A ARG 102 ? ? CZ A ARG 102 ? ? NH1 A ARG 102 ? ? 127.96 120.30 7.66   0.50 N 
16 1 NE  A ARG 102 ? ? CZ A ARG 102 ? ? NH2 A ARG 102 ? ? 114.89 120.30 -5.41  0.50 N 
17 1 NE  A ARG 104 ? ? CZ A ARG 104 ? ? NH1 A ARG 104 ? ? 124.64 120.30 4.34   0.50 N 
18 1 NE  A ARG 104 ? ? CZ A ARG 104 ? ? NH2 A ARG 104 ? ? 115.08 120.30 -5.22  0.50 N 
19 1 NE  A ARG 106 ? A CZ A ARG 106 ? A NH1 A ARG 106 ? A 117.03 120.30 -3.27  0.50 N 
20 1 NE  A ARG 106 ? A CZ A ARG 106 ? A NH2 A ARG 106 ? A 125.10 120.30 4.80   0.50 N 
21 1 NE  A ARG 106 ? B CZ A ARG 106 ? B NH2 A ARG 106 ? B 117.27 120.30 -3.03  0.50 N 
22 1 CB  A TYR 137 ? ? CG A TYR 137 ? ? CD2 A TYR 137 ? ? 116.30 121.00 -4.70  0.60 N 
23 1 CB  A ASP 144 ? B CG A ASP 144 ? B OD1 A ASP 144 ? B 127.67 118.30 9.37   0.90 N 
24 1 CA  A MET 156 ? ? CB A MET 156 ? ? CG  A MET 156 ? ? 101.09 113.30 -12.21 1.70 N 
25 1 CD  A ARG 159 ? ? NE A ARG 159 ? ? CZ  A ARG 159 ? ? 136.10 123.60 12.50  1.40 N 
26 1 NE  A ARG 159 ? ? CZ A ARG 159 ? ? NH2 A ARG 159 ? ? 124.18 120.30 3.88   0.50 N 
# 
loop_
_pdbx_validate_torsion.id 
_pdbx_validate_torsion.PDB_model_num 
_pdbx_validate_torsion.auth_comp_id 
_pdbx_validate_torsion.auth_asym_id 
_pdbx_validate_torsion.auth_seq_id 
_pdbx_validate_torsion.PDB_ins_code 
_pdbx_validate_torsion.label_alt_id 
_pdbx_validate_torsion.phi 
_pdbx_validate_torsion.psi 
1 1 SER A 8   ? ? 9.63  -115.50 
2 1 GLU A 9   ? ? 11.25 65.13   
3 1 ASN A 10  ? ? -8.90 -71.49  
4 1 SER A 11  ? ? 90.12 79.15   
5 1 GLN A 132 ? ? 48.59 -128.90 
# 
loop_
_pdbx_unobs_or_zero_occ_residues.id 
_pdbx_unobs_or_zero_occ_residues.PDB_model_num 
_pdbx_unobs_or_zero_occ_residues.polymer_flag 
_pdbx_unobs_or_zero_occ_residues.occupancy_flag 
_pdbx_unobs_or_zero_occ_residues.auth_asym_id 
_pdbx_unobs_or_zero_occ_residues.auth_comp_id 
_pdbx_unobs_or_zero_occ_residues.auth_seq_id 
_pdbx_unobs_or_zero_occ_residues.PDB_ins_code 
_pdbx_unobs_or_zero_occ_residues.label_asym_id 
_pdbx_unobs_or_zero_occ_residues.label_comp_id 
_pdbx_unobs_or_zero_occ_residues.label_seq_id 
1 1 Y 1 A SER 1 ? A SER 1 
2 1 Y 1 A PRO 2 ? A PRO 2 
3 1 Y 1 A GLY 3 ? A GLY 3 
4 1 Y 1 A GLN 4 ? A GLN 4 
5 1 Y 1 A GLY 5 ? A GLY 5 
# 
loop_
_chem_comp_atom.comp_id 
_chem_comp_atom.atom_id 
_chem_comp_atom.type_symbol 
_chem_comp_atom.pdbx_aromatic_flag 
_chem_comp_atom.pdbx_stereo_config 
_chem_comp_atom.pdbx_ordinal 
ALA N    N N N 1   
ALA CA   C N S 2   
ALA C    C N N 3   
ALA O    O N N 4   
ALA CB   C N N 5   
ALA OXT  O N N 6   
ALA H    H N N 7   
ALA H2   H N N 8   
ALA HA   H N N 9   
ALA HB1  H N N 10  
ALA HB2  H N N 11  
ALA HB3  H N N 12  
ALA HXT  H N N 13  
ARG N    N N N 14  
ARG CA   C N S 15  
ARG C    C N N 16  
ARG O    O N N 17  
ARG CB   C N N 18  
ARG CG   C N N 19  
ARG CD   C N N 20  
ARG NE   N N N 21  
ARG CZ   C N N 22  
ARG NH1  N N N 23  
ARG NH2  N N N 24  
ARG OXT  O N N 25  
ARG H    H N N 26  
ARG H2   H N N 27  
ARG HA   H N N 28  
ARG HB2  H N N 29  
ARG HB3  H N N 30  
ARG HG2  H N N 31  
ARG HG3  H N N 32  
ARG HD2  H N N 33  
ARG HD3  H N N 34  
ARG HE   H N N 35  
ARG HH11 H N N 36  
ARG HH12 H N N 37  
ARG HH21 H N N 38  
ARG HH22 H N N 39  
ARG HXT  H N N 40  
ASN N    N N N 41  
ASN CA   C N S 42  
ASN C    C N N 43  
ASN O    O N N 44  
ASN CB   C N N 45  
ASN CG   C N N 46  
ASN OD1  O N N 47  
ASN ND2  N N N 48  
ASN OXT  O N N 49  
ASN H    H N N 50  
ASN H2   H N N 51  
ASN HA   H N N 52  
ASN HB2  H N N 53  
ASN HB3  H N N 54  
ASN HD21 H N N 55  
ASN HD22 H N N 56  
ASN HXT  H N N 57  
ASP N    N N N 58  
ASP CA   C N S 59  
ASP C    C N N 60  
ASP O    O N N 61  
ASP CB   C N N 62  
ASP CG   C N N 63  
ASP OD1  O N N 64  
ASP OD2  O N N 65  
ASP OXT  O N N 66  
ASP H    H N N 67  
ASP H2   H N N 68  
ASP HA   H N N 69  
ASP HB2  H N N 70  
ASP HB3  H N N 71  
ASP HD2  H N N 72  
ASP HXT  H N N 73  
CYS N    N N N 74  
CYS CA   C N R 75  
CYS C    C N N 76  
CYS O    O N N 77  
CYS CB   C N N 78  
CYS SG   S N N 79  
CYS OXT  O N N 80  
CYS H    H N N 81  
CYS H2   H N N 82  
CYS HA   H N N 83  
CYS HB2  H N N 84  
CYS HB3  H N N 85  
CYS HG   H N N 86  
CYS HXT  H N N 87  
GLN N    N N N 88  
GLN CA   C N S 89  
GLN C    C N N 90  
GLN O    O N N 91  
GLN CB   C N N 92  
GLN CG   C N N 93  
GLN CD   C N N 94  
GLN OE1  O N N 95  
GLN NE2  N N N 96  
GLN OXT  O N N 97  
GLN H    H N N 98  
GLN H2   H N N 99  
GLN HA   H N N 100 
GLN HB2  H N N 101 
GLN HB3  H N N 102 
GLN HG2  H N N 103 
GLN HG3  H N N 104 
GLN HE21 H N N 105 
GLN HE22 H N N 106 
GLN HXT  H N N 107 
GLU N    N N N 108 
GLU CA   C N S 109 
GLU C    C N N 110 
GLU O    O N N 111 
GLU CB   C N N 112 
GLU CG   C N N 113 
GLU CD   C N N 114 
GLU OE1  O N N 115 
GLU OE2  O N N 116 
GLU OXT  O N N 117 
GLU H    H N N 118 
GLU H2   H N N 119 
GLU HA   H N N 120 
GLU HB2  H N N 121 
GLU HB3  H N N 122 
GLU HG2  H N N 123 
GLU HG3  H N N 124 
GLU HE2  H N N 125 
GLU HXT  H N N 126 
GLY N    N N N 127 
GLY CA   C N N 128 
GLY C    C N N 129 
GLY O    O N N 130 
GLY OXT  O N N 131 
GLY H    H N N 132 
GLY H2   H N N 133 
GLY HA2  H N N 134 
GLY HA3  H N N 135 
GLY HXT  H N N 136 
HIS N    N N N 137 
HIS CA   C N S 138 
HIS C    C N N 139 
HIS O    O N N 140 
HIS CB   C N N 141 
HIS CG   C Y N 142 
HIS ND1  N Y N 143 
HIS CD2  C Y N 144 
HIS CE1  C Y N 145 
HIS NE2  N Y N 146 
HIS OXT  O N N 147 
HIS H    H N N 148 
HIS H2   H N N 149 
HIS HA   H N N 150 
HIS HB2  H N N 151 
HIS HB3  H N N 152 
HIS HD1  H N N 153 
HIS HD2  H N N 154 
HIS HE1  H N N 155 
HIS HE2  H N N 156 
HIS HXT  H N N 157 
HOH O    O N N 158 
HOH H1   H N N 159 
HOH H2   H N N 160 
ILE N    N N N 161 
ILE CA   C N S 162 
ILE C    C N N 163 
ILE O    O N N 164 
ILE CB   C N S 165 
ILE CG1  C N N 166 
ILE CG2  C N N 167 
ILE CD1  C N N 168 
ILE OXT  O N N 169 
ILE H    H N N 170 
ILE H2   H N N 171 
ILE HA   H N N 172 
ILE HB   H N N 173 
ILE HG12 H N N 174 
ILE HG13 H N N 175 
ILE HG21 H N N 176 
ILE HG22 H N N 177 
ILE HG23 H N N 178 
ILE HD11 H N N 179 
ILE HD12 H N N 180 
ILE HD13 H N N 181 
ILE HXT  H N N 182 
LEU N    N N N 183 
LEU CA   C N S 184 
LEU C    C N N 185 
LEU O    O N N 186 
LEU CB   C N N 187 
LEU CG   C N N 188 
LEU CD1  C N N 189 
LEU CD2  C N N 190 
LEU OXT  O N N 191 
LEU H    H N N 192 
LEU H2   H N N 193 
LEU HA   H N N 194 
LEU HB2  H N N 195 
LEU HB3  H N N 196 
LEU HG   H N N 197 
LEU HD11 H N N 198 
LEU HD12 H N N 199 
LEU HD13 H N N 200 
LEU HD21 H N N 201 
LEU HD22 H N N 202 
LEU HD23 H N N 203 
LEU HXT  H N N 204 
LYS N    N N N 205 
LYS CA   C N S 206 
LYS C    C N N 207 
LYS O    O N N 208 
LYS CB   C N N 209 
LYS CG   C N N 210 
LYS CD   C N N 211 
LYS CE   C N N 212 
LYS NZ   N N N 213 
LYS OXT  O N N 214 
LYS H    H N N 215 
LYS H2   H N N 216 
LYS HA   H N N 217 
LYS HB2  H N N 218 
LYS HB3  H N N 219 
LYS HG2  H N N 220 
LYS HG3  H N N 221 
LYS HD2  H N N 222 
LYS HD3  H N N 223 
LYS HE2  H N N 224 
LYS HE3  H N N 225 
LYS HZ1  H N N 226 
LYS HZ2  H N N 227 
LYS HZ3  H N N 228 
LYS HXT  H N N 229 
MET N    N N N 230 
MET CA   C N S 231 
MET C    C N N 232 
MET O    O N N 233 
MET CB   C N N 234 
MET CG   C N N 235 
MET SD   S N N 236 
MET CE   C N N 237 
MET OXT  O N N 238 
MET H    H N N 239 
MET H2   H N N 240 
MET HA   H N N 241 
MET HB2  H N N 242 
MET HB3  H N N 243 
MET HG2  H N N 244 
MET HG3  H N N 245 
MET HE1  H N N 246 
MET HE2  H N N 247 
MET HE3  H N N 248 
MET HXT  H N N 249 
PHE N    N N N 250 
PHE CA   C N S 251 
PHE C    C N N 252 
PHE O    O N N 253 
PHE CB   C N N 254 
PHE CG   C Y N 255 
PHE CD1  C Y N 256 
PHE CD2  C Y N 257 
PHE CE1  C Y N 258 
PHE CE2  C Y N 259 
PHE CZ   C Y N 260 
PHE OXT  O N N 261 
PHE H    H N N 262 
PHE H2   H N N 263 
PHE HA   H N N 264 
PHE HB2  H N N 265 
PHE HB3  H N N 266 
PHE HD1  H N N 267 
PHE HD2  H N N 268 
PHE HE1  H N N 269 
PHE HE2  H N N 270 
PHE HZ   H N N 271 
PHE HXT  H N N 272 
PRO N    N N N 273 
PRO CA   C N S 274 
PRO C    C N N 275 
PRO O    O N N 276 
PRO CB   C N N 277 
PRO CG   C N N 278 
PRO CD   C N N 279 
PRO OXT  O N N 280 
PRO H    H N N 281 
PRO HA   H N N 282 
PRO HB2  H N N 283 
PRO HB3  H N N 284 
PRO HG2  H N N 285 
PRO HG3  H N N 286 
PRO HD2  H N N 287 
PRO HD3  H N N 288 
PRO HXT  H N N 289 
SER N    N N N 290 
SER CA   C N S 291 
SER C    C N N 292 
SER O    O N N 293 
SER CB   C N N 294 
SER OG   O N N 295 
SER OXT  O N N 296 
SER H    H N N 297 
SER H2   H N N 298 
SER HA   H N N 299 
SER HB2  H N N 300 
SER HB3  H N N 301 
SER HG   H N N 302 
SER HXT  H N N 303 
SO4 S    S N N 304 
SO4 O1   O N N 305 
SO4 O2   O N N 306 
SO4 O3   O N N 307 
SO4 O4   O N N 308 
THR N    N N N 309 
THR CA   C N S 310 
THR C    C N N 311 
THR O    O N N 312 
THR CB   C N R 313 
THR OG1  O N N 314 
THR CG2  C N N 315 
THR OXT  O N N 316 
THR H    H N N 317 
THR H2   H N N 318 
THR HA   H N N 319 
THR HB   H N N 320 
THR HG1  H N N 321 
THR HG21 H N N 322 
THR HG22 H N N 323 
THR HG23 H N N 324 
THR HXT  H N N 325 
TYR N    N N N 326 
TYR CA   C N S 327 
TYR C    C N N 328 
TYR O    O N N 329 
TYR CB   C N N 330 
TYR CG   C Y N 331 
TYR CD1  C Y N 332 
TYR CD2  C Y N 333 
TYR CE1  C Y N 334 
TYR CE2  C Y N 335 
TYR CZ   C Y N 336 
TYR OH   O N N 337 
TYR OXT  O N N 338 
TYR H    H N N 339 
TYR H2   H N N 340 
TYR HA   H N N 341 
TYR HB2  H N N 342 
TYR HB3  H N N 343 
TYR HD1  H N N 344 
TYR HD2  H N N 345 
TYR HE1  H N N 346 
TYR HE2  H N N 347 
TYR HH   H N N 348 
TYR HXT  H N N 349 
VAL N    N N N 350 
VAL CA   C N S 351 
VAL C    C N N 352 
VAL O    O N N 353 
VAL CB   C N N 354 
VAL CG1  C N N 355 
VAL CG2  C N N 356 
VAL OXT  O N N 357 
VAL H    H N N 358 
VAL H2   H N N 359 
VAL HA   H N N 360 
VAL HB   H N N 361 
VAL HG11 H N N 362 
VAL HG12 H N N 363 
VAL HG13 H N N 364 
VAL HG21 H N N 365 
VAL HG22 H N N 366 
VAL HG23 H N N 367 
VAL HXT  H N N 368 
# 
loop_
_chem_comp_bond.comp_id 
_chem_comp_bond.atom_id_1 
_chem_comp_bond.atom_id_2 
_chem_comp_bond.value_order 
_chem_comp_bond.pdbx_aromatic_flag 
_chem_comp_bond.pdbx_stereo_config 
_chem_comp_bond.pdbx_ordinal 
ALA N   CA   sing N N 1   
ALA N   H    sing N N 2   
ALA N   H2   sing N N 3   
ALA CA  C    sing N N 4   
ALA CA  CB   sing N N 5   
ALA CA  HA   sing N N 6   
ALA C   O    doub N N 7   
ALA C   OXT  sing N N 8   
ALA CB  HB1  sing N N 9   
ALA CB  HB2  sing N N 10  
ALA CB  HB3  sing N N 11  
ALA OXT HXT  sing N N 12  
ARG N   CA   sing N N 13  
ARG N   H    sing N N 14  
ARG N   H2   sing N N 15  
ARG CA  C    sing N N 16  
ARG CA  CB   sing N N 17  
ARG CA  HA   sing N N 18  
ARG C   O    doub N N 19  
ARG C   OXT  sing N N 20  
ARG CB  CG   sing N N 21  
ARG CB  HB2  sing N N 22  
ARG CB  HB3  sing N N 23  
ARG CG  CD   sing N N 24  
ARG CG  HG2  sing N N 25  
ARG CG  HG3  sing N N 26  
ARG CD  NE   sing N N 27  
ARG CD  HD2  sing N N 28  
ARG CD  HD3  sing N N 29  
ARG NE  CZ   sing N N 30  
ARG NE  HE   sing N N 31  
ARG CZ  NH1  sing N N 32  
ARG CZ  NH2  doub N N 33  
ARG NH1 HH11 sing N N 34  
ARG NH1 HH12 sing N N 35  
ARG NH2 HH21 sing N N 36  
ARG NH2 HH22 sing N N 37  
ARG OXT HXT  sing N N 38  
ASN N   CA   sing N N 39  
ASN N   H    sing N N 40  
ASN N   H2   sing N N 41  
ASN CA  C    sing N N 42  
ASN CA  CB   sing N N 43  
ASN CA  HA   sing N N 44  
ASN C   O    doub N N 45  
ASN C   OXT  sing N N 46  
ASN CB  CG   sing N N 47  
ASN CB  HB2  sing N N 48  
ASN CB  HB3  sing N N 49  
ASN CG  OD1  doub N N 50  
ASN CG  ND2  sing N N 51  
ASN ND2 HD21 sing N N 52  
ASN ND2 HD22 sing N N 53  
ASN OXT HXT  sing N N 54  
ASP N   CA   sing N N 55  
ASP N   H    sing N N 56  
ASP N   H2   sing N N 57  
ASP CA  C    sing N N 58  
ASP CA  CB   sing N N 59  
ASP CA  HA   sing N N 60  
ASP C   O    doub N N 61  
ASP C   OXT  sing N N 62  
ASP CB  CG   sing N N 63  
ASP CB  HB2  sing N N 64  
ASP CB  HB3  sing N N 65  
ASP CG  OD1  doub N N 66  
ASP CG  OD2  sing N N 67  
ASP OD2 HD2  sing N N 68  
ASP OXT HXT  sing N N 69  
CYS N   CA   sing N N 70  
CYS N   H    sing N N 71  
CYS N   H2   sing N N 72  
CYS CA  C    sing N N 73  
CYS CA  CB   sing N N 74  
CYS CA  HA   sing N N 75  
CYS C   O    doub N N 76  
CYS C   OXT  sing N N 77  
CYS CB  SG   sing N N 78  
CYS CB  HB2  sing N N 79  
CYS CB  HB3  sing N N 80  
CYS SG  HG   sing N N 81  
CYS OXT HXT  sing N N 82  
GLN N   CA   sing N N 83  
GLN N   H    sing N N 84  
GLN N   H2   sing N N 85  
GLN CA  C    sing N N 86  
GLN CA  CB   sing N N 87  
GLN CA  HA   sing N N 88  
GLN C   O    doub N N 89  
GLN C   OXT  sing N N 90  
GLN CB  CG   sing N N 91  
GLN CB  HB2  sing N N 92  
GLN CB  HB3  sing N N 93  
GLN CG  CD   sing N N 94  
GLN CG  HG2  sing N N 95  
GLN CG  HG3  sing N N 96  
GLN CD  OE1  doub N N 97  
GLN CD  NE2  sing N N 98  
GLN NE2 HE21 sing N N 99  
GLN NE2 HE22 sing N N 100 
GLN OXT HXT  sing N N 101 
GLU N   CA   sing N N 102 
GLU N   H    sing N N 103 
GLU N   H2   sing N N 104 
GLU CA  C    sing N N 105 
GLU CA  CB   sing N N 106 
GLU CA  HA   sing N N 107 
GLU C   O    doub N N 108 
GLU C   OXT  sing N N 109 
GLU CB  CG   sing N N 110 
GLU CB  HB2  sing N N 111 
GLU CB  HB3  sing N N 112 
GLU CG  CD   sing N N 113 
GLU CG  HG2  sing N N 114 
GLU CG  HG3  sing N N 115 
GLU CD  OE1  doub N N 116 
GLU CD  OE2  sing N N 117 
GLU OE2 HE2  sing N N 118 
GLU OXT HXT  sing N N 119 
GLY N   CA   sing N N 120 
GLY N   H    sing N N 121 
GLY N   H2   sing N N 122 
GLY CA  C    sing N N 123 
GLY CA  HA2  sing N N 124 
GLY CA  HA3  sing N N 125 
GLY C   O    doub N N 126 
GLY C   OXT  sing N N 127 
GLY OXT HXT  sing N N 128 
HIS N   CA   sing N N 129 
HIS N   H    sing N N 130 
HIS N   H2   sing N N 131 
HIS CA  C    sing N N 132 
HIS CA  CB   sing N N 133 
HIS CA  HA   sing N N 134 
HIS C   O    doub N N 135 
HIS C   OXT  sing N N 136 
HIS CB  CG   sing N N 137 
HIS CB  HB2  sing N N 138 
HIS CB  HB3  sing N N 139 
HIS CG  ND1  sing Y N 140 
HIS CG  CD2  doub Y N 141 
HIS ND1 CE1  doub Y N 142 
HIS ND1 HD1  sing N N 143 
HIS CD2 NE2  sing Y N 144 
HIS CD2 HD2  sing N N 145 
HIS CE1 NE2  sing Y N 146 
HIS CE1 HE1  sing N N 147 
HIS NE2 HE2  sing N N 148 
HIS OXT HXT  sing N N 149 
HOH O   H1   sing N N 150 
HOH O   H2   sing N N 151 
ILE N   CA   sing N N 152 
ILE N   H    sing N N 153 
ILE N   H2   sing N N 154 
ILE CA  C    sing N N 155 
ILE CA  CB   sing N N 156 
ILE CA  HA   sing N N 157 
ILE C   O    doub N N 158 
ILE C   OXT  sing N N 159 
ILE CB  CG1  sing N N 160 
ILE CB  CG2  sing N N 161 
ILE CB  HB   sing N N 162 
ILE CG1 CD1  sing N N 163 
ILE CG1 HG12 sing N N 164 
ILE CG1 HG13 sing N N 165 
ILE CG2 HG21 sing N N 166 
ILE CG2 HG22 sing N N 167 
ILE CG2 HG23 sing N N 168 
ILE CD1 HD11 sing N N 169 
ILE CD1 HD12 sing N N 170 
ILE CD1 HD13 sing N N 171 
ILE OXT HXT  sing N N 172 
LEU N   CA   sing N N 173 
LEU N   H    sing N N 174 
LEU N   H2   sing N N 175 
LEU CA  C    sing N N 176 
LEU CA  CB   sing N N 177 
LEU CA  HA   sing N N 178 
LEU C   O    doub N N 179 
LEU C   OXT  sing N N 180 
LEU CB  CG   sing N N 181 
LEU CB  HB2  sing N N 182 
LEU CB  HB3  sing N N 183 
LEU CG  CD1  sing N N 184 
LEU CG  CD2  sing N N 185 
LEU CG  HG   sing N N 186 
LEU CD1 HD11 sing N N 187 
LEU CD1 HD12 sing N N 188 
LEU CD1 HD13 sing N N 189 
LEU CD2 HD21 sing N N 190 
LEU CD2 HD22 sing N N 191 
LEU CD2 HD23 sing N N 192 
LEU OXT HXT  sing N N 193 
LYS N   CA   sing N N 194 
LYS N   H    sing N N 195 
LYS N   H2   sing N N 196 
LYS CA  C    sing N N 197 
LYS CA  CB   sing N N 198 
LYS CA  HA   sing N N 199 
LYS C   O    doub N N 200 
LYS C   OXT  sing N N 201 
LYS CB  CG   sing N N 202 
LYS CB  HB2  sing N N 203 
LYS CB  HB3  sing N N 204 
LYS CG  CD   sing N N 205 
LYS CG  HG2  sing N N 206 
LYS CG  HG3  sing N N 207 
LYS CD  CE   sing N N 208 
LYS CD  HD2  sing N N 209 
LYS CD  HD3  sing N N 210 
LYS CE  NZ   sing N N 211 
LYS CE  HE2  sing N N 212 
LYS CE  HE3  sing N N 213 
LYS NZ  HZ1  sing N N 214 
LYS NZ  HZ2  sing N N 215 
LYS NZ  HZ3  sing N N 216 
LYS OXT HXT  sing N N 217 
MET N   CA   sing N N 218 
MET N   H    sing N N 219 
MET N   H2   sing N N 220 
MET CA  C    sing N N 221 
MET CA  CB   sing N N 222 
MET CA  HA   sing N N 223 
MET C   O    doub N N 224 
MET C   OXT  sing N N 225 
MET CB  CG   sing N N 226 
MET CB  HB2  sing N N 227 
MET CB  HB3  sing N N 228 
MET CG  SD   sing N N 229 
MET CG  HG2  sing N N 230 
MET CG  HG3  sing N N 231 
MET SD  CE   sing N N 232 
MET CE  HE1  sing N N 233 
MET CE  HE2  sing N N 234 
MET CE  HE3  sing N N 235 
MET OXT HXT  sing N N 236 
PHE N   CA   sing N N 237 
PHE N   H    sing N N 238 
PHE N   H2   sing N N 239 
PHE CA  C    sing N N 240 
PHE CA  CB   sing N N 241 
PHE CA  HA   sing N N 242 
PHE C   O    doub N N 243 
PHE C   OXT  sing N N 244 
PHE CB  CG   sing N N 245 
PHE CB  HB2  sing N N 246 
PHE CB  HB3  sing N N 247 
PHE CG  CD1  doub Y N 248 
PHE CG  CD2  sing Y N 249 
PHE CD1 CE1  sing Y N 250 
PHE CD1 HD1  sing N N 251 
PHE CD2 CE2  doub Y N 252 
PHE CD2 HD2  sing N N 253 
PHE CE1 CZ   doub Y N 254 
PHE CE1 HE1  sing N N 255 
PHE CE2 CZ   sing Y N 256 
PHE CE2 HE2  sing N N 257 
PHE CZ  HZ   sing N N 258 
PHE OXT HXT  sing N N 259 
PRO N   CA   sing N N 260 
PRO N   CD   sing N N 261 
PRO N   H    sing N N 262 
PRO CA  C    sing N N 263 
PRO CA  CB   sing N N 264 
PRO CA  HA   sing N N 265 
PRO C   O    doub N N 266 
PRO C   OXT  sing N N 267 
PRO CB  CG   sing N N 268 
PRO CB  HB2  sing N N 269 
PRO CB  HB3  sing N N 270 
PRO CG  CD   sing N N 271 
PRO CG  HG2  sing N N 272 
PRO CG  HG3  sing N N 273 
PRO CD  HD2  sing N N 274 
PRO CD  HD3  sing N N 275 
PRO OXT HXT  sing N N 276 
SER N   CA   sing N N 277 
SER N   H    sing N N 278 
SER N   H2   sing N N 279 
SER CA  C    sing N N 280 
SER CA  CB   sing N N 281 
SER CA  HA   sing N N 282 
SER C   O    doub N N 283 
SER C   OXT  sing N N 284 
SER CB  OG   sing N N 285 
SER CB  HB2  sing N N 286 
SER CB  HB3  sing N N 287 
SER OG  HG   sing N N 288 
SER OXT HXT  sing N N 289 
SO4 S   O1   doub N N 290 
SO4 S   O2   doub N N 291 
SO4 S   O3   sing N N 292 
SO4 S   O4   sing N N 293 
THR N   CA   sing N N 294 
THR N   H    sing N N 295 
THR N   H2   sing N N 296 
THR CA  C    sing N N 297 
THR CA  CB   sing N N 298 
THR CA  HA   sing N N 299 
THR C   O    doub N N 300 
THR C   OXT  sing N N 301 
THR CB  OG1  sing N N 302 
THR CB  CG2  sing N N 303 
THR CB  HB   sing N N 304 
THR OG1 HG1  sing N N 305 
THR CG2 HG21 sing N N 306 
THR CG2 HG22 sing N N 307 
THR CG2 HG23 sing N N 308 
THR OXT HXT  sing N N 309 
TYR N   CA   sing N N 310 
TYR N   H    sing N N 311 
TYR N   H2   sing N N 312 
TYR CA  C    sing N N 313 
TYR CA  CB   sing N N 314 
TYR CA  HA   sing N N 315 
TYR C   O    doub N N 316 
TYR C   OXT  sing N N 317 
TYR CB  CG   sing N N 318 
TYR CB  HB2  sing N N 319 
TYR CB  HB3  sing N N 320 
TYR CG  CD1  doub Y N 321 
TYR CG  CD2  sing Y N 322 
TYR CD1 CE1  sing Y N 323 
TYR CD1 HD1  sing N N 324 
TYR CD2 CE2  doub Y N 325 
TYR CD2 HD2  sing N N 326 
TYR CE1 CZ   doub Y N 327 
TYR CE1 HE1  sing N N 328 
TYR CE2 CZ   sing Y N 329 
TYR CE2 HE2  sing N N 330 
TYR CZ  OH   sing N N 331 
TYR OH  HH   sing N N 332 
TYR OXT HXT  sing N N 333 
VAL N   CA   sing N N 334 
VAL N   H    sing N N 335 
VAL N   H2   sing N N 336 
VAL CA  C    sing N N 337 
VAL CA  CB   sing N N 338 
VAL CA  HA   sing N N 339 
VAL C   O    doub N N 340 
VAL C   OXT  sing N N 341 
VAL CB  CG1  sing N N 342 
VAL CB  CG2  sing N N 343 
VAL CB  HB   sing N N 344 
VAL CG1 HG11 sing N N 345 
VAL CG1 HG12 sing N N 346 
VAL CG1 HG13 sing N N 347 
VAL CG2 HG21 sing N N 348 
VAL CG2 HG22 sing N N 349 
VAL CG2 HG23 sing N N 350 
VAL OXT HXT  sing N N 351 
# 
_atom_sites.entry_id                    2ILK 
_atom_sites.fract_transf_matrix[1][1]   0.00625341 
_atom_sites.fract_transf_matrix[1][2]   0.01504305 
_atom_sites.fract_transf_matrix[1][3]   -0.00322490 
_atom_sites.fract_transf_matrix[2][1]   -0.00057020 
_atom_sites.fract_transf_matrix[2][2]   0.01188741 
_atom_sites.fract_transf_matrix[2][3]   0.01158260 
_atom_sites.fract_transf_matrix[3][1]   0.01261688 
_atom_sites.fract_transf_matrix[3][2]   -0.00418985 
_atom_sites.fract_transf_matrix[3][3]   0.00492122 
_atom_sites.fract_transf_vector[1]      0.637866 
_atom_sites.fract_transf_vector[2]      0.764349 
_atom_sites.fract_transf_vector[3]      0.553370 
# 
loop_
_atom_type.symbol 
C 
N 
O 
S 
# 
loop_
_atom_site.group_PDB 
_atom_site.id 
_atom_site.type_symbol 
_atom_site.label_atom_id 
_atom_site.label_alt_id 
_atom_site.label_comp_id 
_atom_site.label_asym_id 
_atom_site.label_entity_id 
_atom_site.label_seq_id 
_atom_site.pdbx_PDB_ins_code 
_atom_site.Cartn_x 
_atom_site.Cartn_y 
_atom_site.Cartn_z 
_atom_site.occupancy 
_atom_site.B_iso_or_equiv 
_atom_site.pdbx_formal_charge 
_atom_site.auth_seq_id 
_atom_site.auth_comp_id 
_atom_site.auth_asym_id 
_atom_site.auth_atom_id 
_atom_site.pdbx_PDB_model_num 
ATOM   1    N N   . THR A 1 6   ? 10.154  -4.545  -6.500  1.00 58.96 ? 6   THR A N   1 
ATOM   2    C CA  . THR A 1 6   ? 11.124  -5.038  -7.475  1.00 61.43 ? 6   THR A CA  1 
ATOM   3    C C   . THR A 1 6   ? 10.788  -6.466  -7.901  1.00 64.04 ? 6   THR A C   1 
ATOM   4    O O   . THR A 1 6   ? 9.634   -6.855  -7.692  1.00 64.27 ? 6   THR A O   1 
ATOM   5    N N   . GLN A 1 7   ? 11.730  -7.234  -8.467  1.00 65.13 ? 7   GLN A N   1 
ATOM   6    C CA  . GLN A 1 7   ? 11.358  -8.591  -8.848  1.00 65.31 ? 7   GLN A CA  1 
ATOM   7    C C   . GLN A 1 7   ? 11.247  -9.460  -7.598  1.00 66.17 ? 7   GLN A C   1 
ATOM   8    O O   . GLN A 1 7   ? 11.902  -10.361 -7.107  1.00 65.92 ? 7   GLN A O   1 
ATOM   9    C CB  . GLN A 1 7   ? 12.099  -9.210  -10.011 1.00 67.17 ? 7   GLN A CB  1 
ATOM   10   C CG  . GLN A 1 7   ? 11.224  -9.370  -11.250 1.00 64.59 ? 7   GLN A CG  1 
ATOM   11   C CD  . GLN A 1 7   ? 10.616  -10.725 -11.538 1.00 66.21 ? 7   GLN A CD  1 
ATOM   12   O OE1 . GLN A 1 7   ? 9.417   -11.011 -11.434 1.00 69.50 ? 7   GLN A OE1 1 
ATOM   13   N NE2 . GLN A 1 7   ? 11.398  -11.707 -11.975 1.00 64.39 ? 7   GLN A NE2 1 
ATOM   14   N N   . SER A 1 8   ? 10.145  -9.088  -6.974  1.00 67.20 ? 8   SER A N   1 
ATOM   15   C CA  . SER A 1 8   ? 9.377   -9.395  -5.828  1.00 67.33 ? 8   SER A CA  1 
ATOM   16   C C   . SER A 1 8   ? 9.933   -10.332 -4.787  1.00 67.14 ? 8   SER A C   1 
ATOM   17   O O   . SER A 1 8   ? 10.908  -9.950  -4.138  1.00 70.13 ? 8   SER A O   1 
ATOM   18   N N   . GLU A 1 9   ? 9.261   -11.470 -4.645  1.00 64.68 ? 9   GLU A N   1 
ATOM   19   C CA  . GLU A 1 9   ? 9.517   -12.581 -3.760  1.00 59.72 ? 9   GLU A CA  1 
ATOM   20   C C   . GLU A 1 9   ? 10.551  -12.419 -2.639  1.00 58.79 ? 9   GLU A C   1 
ATOM   21   O O   . GLU A 1 9   ? 11.596  -13.091 -2.675  1.00 57.21 ? 9   GLU A O   1 
ATOM   22   C CB  . GLU A 1 9   ? 9.968   -13.718 -4.674  1.00 62.15 ? 9   GLU A CB  1 
ATOM   23   N N   . ASN A 1 10  ? 10.301  -11.551 -1.675  1.00 52.57 ? 10  ASN A N   1 
ATOM   24   C CA  . ASN A 1 10  ? 10.958  -11.073 -0.524  1.00 54.68 ? 10  ASN A CA  1 
ATOM   25   C C   . ASN A 1 10  ? 12.232  -11.520 0.194   1.00 55.59 ? 10  ASN A C   1 
ATOM   26   O O   . ASN A 1 10  ? 13.329  -10.976 0.349   1.00 55.15 ? 10  ASN A O   1 
ATOM   27   C CB  . ASN A 1 10  ? 9.873   -11.340 0.552   1.00 59.06 ? 10  ASN A CB  1 
ATOM   28   N N   . SER A 1 11  ? 12.076  -12.681 0.830   1.00 54.84 ? 11  SER A N   1 
ATOM   29   C CA  . SER A 1 11  ? 13.036  -13.381 1.665   1.00 52.06 ? 11  SER A CA  1 
ATOM   30   C C   . SER A 1 11  ? 12.776  -12.846 3.073   1.00 46.61 ? 11  SER A C   1 
ATOM   31   O O   . SER A 1 11  ? 13.349  -11.954 3.661   1.00 49.89 ? 11  SER A O   1 
ATOM   32   C CB  . SER A 1 11  ? 14.481  -13.336 1.191   1.00 56.13 ? 11  SER A CB  1 
ATOM   33   O OG  . SER A 1 11  ? 15.040  -14.646 1.426   1.00 48.89 ? 11  SER A OG  1 
ATOM   34   N N   . CYS A 1 12  ? 11.730  -13.403 3.643   1.00 40.82 ? 12  CYS A N   1 
ATOM   35   C CA  . CYS A 1 12  ? 11.214  -13.050 4.982   1.00 32.59 ? 12  CYS A CA  1 
ATOM   36   C C   . CYS A 1 12  ? 11.063  -14.395 5.721   1.00 26.29 ? 12  CYS A C   1 
ATOM   37   O O   . CYS A 1 12  ? 10.752  -15.393 5.070   1.00 24.97 ? 12  CYS A O   1 
ATOM   38   C CB  . CYS A 1 12  ? 9.859   -12.523 4.570   1.00 25.34 ? 12  CYS A CB  1 
ATOM   39   S SG  . CYS A 1 12  ? 9.965   -11.015 3.505   1.00 21.03 ? 12  CYS A SG  1 
ATOM   40   N N   . THR A 1 13  ? 11.507  -14.398 6.975   1.00 21.36 ? 13  THR A N   1 
ATOM   41   C CA  . THR A 1 13  ? 11.431  -15.622 7.802   1.00 16.82 ? 13  THR A CA  1 
ATOM   42   C C   . THR A 1 13  ? 9.991   -15.635 8.418   1.00 14.76 ? 13  THR A C   1 
ATOM   43   O O   . THR A 1 13  ? 9.359   -14.605 8.461   1.00 13.87 ? 13  THR A O   1 
ATOM   44   C CB  . THR A 1 13  ? 12.487  -15.570 8.937   1.00 15.87 ? 13  THR A CB  1 
ATOM   45   O OG1 . THR A 1 13  ? 12.317  -14.427 9.764   1.00 20.17 ? 13  THR A OG1 1 
ATOM   46   C CG2 . THR A 1 13  ? 13.891  -15.497 8.347   1.00 19.76 ? 13  THR A CG2 1 
ATOM   47   N N   . HIS A 1 14  ? 9.544   -16.825 8.852   1.00 10.83 ? 14  HIS A N   1 
ATOM   48   C CA  . HIS A 1 14  ? 8.215   -16.986 9.466   1.00 14.87 ? 14  HIS A CA  1 
ATOM   49   C C   . HIS A 1 14  ? 7.125   -16.417 8.578   1.00 15.33 ? 14  HIS A C   1 
ATOM   50   O O   . HIS A 1 14  ? 6.118   -15.906 9.034   1.00 14.60 ? 14  HIS A O   1 
ATOM   51   C CB  . HIS A 1 14  ? 8.146   -16.305 10.859  1.00 14.63 ? 14  HIS A CB  1 
ATOM   52   C CG  . HIS A 1 14  ? 9.129   -16.825 11.884  1.00 22.14 ? 14  HIS A CG  1 
ATOM   53   N ND1 . HIS A 1 14  ? 8.812   -17.946 12.630  1.00 22.11 ? 14  HIS A ND1 1 
ATOM   54   C CD2 . HIS A 1 14  ? 10.413  -16.475 12.224  1.00 23.95 ? 14  HIS A CD2 1 
ATOM   55   C CE1 . HIS A 1 14  ? 9.882   -18.292 13.351  1.00 22.71 ? 14  HIS A CE1 1 
ATOM   56   N NE2 . HIS A 1 14  ? 10.844  -17.429 13.147  1.00 20.56 ? 14  HIS A NE2 1 
ATOM   57   N N   . PHE A 1 15  ? 7.220   -16.553 7.254   1.00 14.80 ? 15  PHE A N   1 
ATOM   58   C CA  . PHE A 1 15  ? 6.236   -16.013 6.303   1.00 15.06 ? 15  PHE A CA  1 
ATOM   59   C C   . PHE A 1 15  ? 5.762   -17.089 5.350   1.00 13.64 ? 15  PHE A C   1 
ATOM   60   O O   . PHE A 1 15  ? 6.617   -17.847 4.824   1.00 12.67 ? 15  PHE A O   1 
ATOM   61   C CB  . PHE A 1 15  ? 6.886   -14.858 5.502   1.00 14.47 ? 15  PHE A CB  1 
ATOM   62   C CG  . PHE A 1 15  ? 5.909   -14.220 4.508   1.00 13.67 ? 15  PHE A CG  1 
ATOM   63   C CD1 . PHE A 1 15  ? 5.799   -14.681 3.194   1.00 15.24 ? 15  PHE A CD1 1 
ATOM   64   C CD2 . PHE A 1 15  ? 5.158   -13.113 4.873   1.00 15.66 ? 15  PHE A CD2 1 
ATOM   65   C CE1 . PHE A 1 15  ? 4.917   -14.051 2.276   1.00 14.74 ? 15  PHE A CE1 1 
ATOM   66   C CE2 . PHE A 1 15  ? 4.262   -12.506 3.997   1.00 16.31 ? 15  PHE A CE2 1 
ATOM   67   C CZ  . PHE A 1 15  ? 4.128   -12.996 2.725   1.00 15.49 ? 15  PHE A CZ  1 
ATOM   68   N N   . PRO A 1 16  ? 4.483   -17.169 4.980   1.00 13.60 ? 16  PRO A N   1 
ATOM   69   C CA  . PRO A 1 16  ? 3.438   -16.270 5.505   1.00 13.68 ? 16  PRO A CA  1 
ATOM   70   C C   . PRO A 1 16  ? 2.763   -16.703 6.815   1.00 14.76 ? 16  PRO A C   1 
ATOM   71   O O   . PRO A 1 16  ? 1.674   -16.186 7.156   1.00 14.28 ? 16  PRO A O   1 
ATOM   72   C CB  . PRO A 1 16  ? 2.317   -16.442 4.406   1.00 12.80 ? 16  PRO A CB  1 
ATOM   73   C CG  . PRO A 1 16  ? 2.513   -17.870 3.953   1.00 14.31 ? 16  PRO A CG  1 
ATOM   74   C CD  . PRO A 1 16  ? 3.992   -18.130 3.969   1.00 15.06 ? 16  PRO A CD  1 
ATOM   75   N N   . GLY A 1 17  ? 3.431   -17.644 7.474   1.00 13.78 ? 17  GLY A N   1 
ATOM   76   C CA  . GLY A 1 17  ? 2.912   -18.231 8.691   1.00 12.80 ? 17  GLY A CA  1 
ATOM   77   C C   . GLY A 1 17  ? 2.597   -17.245 9.804   1.00 14.04 ? 17  GLY A C   1 
ATOM   78   O O   . GLY A 1 17  ? 1.644   -17.551 10.568  1.00 15.52 ? 17  GLY A O   1 
ATOM   79   N N   . ASN A 1 18  ? 3.292   -16.121 9.900   1.00 13.53 ? 18  ASN A N   1 
ATOM   80   C CA  . ASN A 1 18  ? 2.934   -15.207 11.003  1.00 12.77 ? 18  ASN A CA  1 
ATOM   81   C C   . ASN A 1 18  ? 1.826   -14.189 10.668  1.00 15.35 ? 18  ASN A C   1 
ATOM   82   O O   . ASN A 1 18  ? 1.539   -13.310 11.494  1.00 13.97 ? 18  ASN A O   1 
ATOM   83   C CB  . ASN A 1 18  ? 4.142   -14.460 11.537  1.00 14.08 ? 18  ASN A CB  1 
ATOM   84   C CG  . ASN A 1 18  ? 4.476   -13.162 10.822  1.00 20.53 ? 18  ASN A CG  1 
ATOM   85   O OD1 . ASN A 1 18  ? 4.862   -12.209 11.539  1.00 27.10 ? 18  ASN A OD1 1 
ATOM   86   N ND2 . ASN A 1 18  ? 4.340   -13.086 9.512   1.00 10.97 ? 18  ASN A ND2 1 
ATOM   87   N N   . LEU A 1 19  ? 1.149   -14.311 9.531   1.00 13.63 ? 19  LEU A N   1 
ATOM   88   C CA  . LEU A 1 19  ? 0.120   -13.341 9.109   1.00 15.25 ? 19  LEU A CA  1 
ATOM   89   C C   . LEU A 1 19  ? -1.083  -13.374 10.043  1.00 17.69 ? 19  LEU A C   1 
ATOM   90   O O   . LEU A 1 19  ? -1.492  -12.303 10.494  1.00 12.37 ? 19  LEU A O   1 
ATOM   91   C CB  . LEU A 1 19  ? -0.260  -13.438 7.626   1.00 14.26 ? 19  LEU A CB  1 
ATOM   92   C CG  . LEU A 1 19  ? 0.937   -13.052 6.707   1.00 18.17 ? 19  LEU A CG  1 
ATOM   93   C CD1 . LEU A 1 19  ? 0.519   -13.054 5.254   1.00 12.54 ? 19  LEU A CD1 1 
ATOM   94   C CD2 . LEU A 1 19  ? 1.501   -11.680 7.060   1.00 16.06 ? 19  LEU A CD2 1 
ATOM   95   N N   . PRO A 1 20  ? -1.602  -14.533 10.394  1.00 17.55 ? 20  PRO A N   1 
ATOM   96   C CA  . PRO A 1 20  ? -2.728  -14.527 11.331  1.00 16.66 ? 20  PRO A CA  1 
ATOM   97   C C   . PRO A 1 20  ? -2.301  -13.867 12.647  1.00 16.91 ? 20  PRO A C   1 
ATOM   98   O O   . PRO A 1 20  ? -3.142  -13.118 13.246  1.00 15.74 ? 20  PRO A O   1 
ATOM   99   C CB  . PRO A 1 20  ? -3.043  -16.040 11.429  1.00 19.58 ? 20  PRO A CB  1 
ATOM   100  C CG  . PRO A 1 20  ? -2.534  -16.627 10.139  1.00 22.09 ? 20  PRO A CG  1 
ATOM   101  C CD  . PRO A 1 20  ? -1.239  -15.870 9.851   1.00 18.91 ? 20  PRO A CD  1 
ATOM   102  N N   . ASN A 1 21  ? -1.071  -14.093 13.170  1.00 13.87 ? 21  ASN A N   1 
ATOM   103  C CA  . ASN A 1 21  ? -0.627  -13.531 14.420  1.00 13.71 ? 21  ASN A CA  1 
ATOM   104  C C   . ASN A 1 21  ? -0.650  -12.019 14.315  1.00 12.18 ? 21  ASN A C   1 
ATOM   105  O O   . ASN A 1 21  ? -1.016  -11.229 15.191  1.00 14.17 ? 21  ASN A O   1 
ATOM   106  C CB  . ASN A 1 21  ? 0.765   -14.025 14.896  1.00 15.88 ? 21  ASN A CB  1 
ATOM   107  C CG  . ASN A 1 21  ? 1.212   -13.339 16.155  1.00 25.30 ? 21  ASN A CG  1 
ATOM   108  O OD1 . ASN A 1 21  ? 0.660   -13.607 17.216  1.00 24.54 ? 21  ASN A OD1 1 
ATOM   109  N ND2 . ASN A 1 21  ? 2.153   -12.404 16.163  1.00 29.73 ? 21  ASN A ND2 1 
ATOM   110  N N   . MET A 1 22  ? -0.199  -11.475 13.160  1.00 13.75 ? 22  MET A N   1 
ATOM   111  C CA  . MET A 1 22  ? -0.204  -9.995  12.967  1.00 13.66 ? 22  MET A CA  1 
ATOM   112  C C   . MET A 1 22  ? -1.616  -9.417  12.995  1.00 17.14 ? 22  MET A C   1 
ATOM   113  O O   . MET A 1 22  ? -1.866  -8.325  13.492  1.00 14.83 ? 22  MET A O   1 
ATOM   114  C CB  . MET A 1 22  ? 0.483   -9.616  11.636  1.00 16.50 ? 22  MET A CB  1 
ATOM   115  C CG  . MET A 1 22  ? 2.001   -9.965  11.708  1.00 21.28 ? 22  MET A CG  1 
ATOM   116  S SD  . MET A 1 22  ? 2.989   -9.378  10.317  1.00 18.61 ? 22  MET A SD  1 
ATOM   117  C CE  . MET A 1 22  ? 3.253   -7.708  10.840  1.00 19.49 ? 22  MET A CE  1 
ATOM   118  N N   . LEU A 1 23  ? -2.622  -10.055 12.409  1.00 15.96 ? 23  LEU A N   1 
ATOM   119  C CA  . LEU A 1 23  ? -4.007  -9.554  12.398  1.00 15.23 ? 23  LEU A CA  1 
ATOM   120  C C   . LEU A 1 23  ? -4.523  -9.654  13.842  1.00 15.12 ? 23  LEU A C   1 
ATOM   121  O O   . LEU A 1 23  ? -5.247  -8.737  14.207  1.00 13.38 ? 23  LEU A O   1 
ATOM   122  C CB  . LEU A 1 23  ? -4.923  -10.479 11.552  1.00 11.60 ? 23  LEU A CB  1 
ATOM   123  C CG  . LEU A 1 23  ? -4.744  -10.197 10.034  1.00 15.67 ? 23  LEU A CG  1 
ATOM   124  C CD1 . LEU A 1 23  ? -5.367  -11.286 9.167   1.00 18.27 ? 23  LEU A CD1 1 
ATOM   125  C CD2 . LEU A 1 23  ? -5.317  -8.854  9.670   1.00 12.49 ? 23  LEU A CD2 1 
ATOM   126  N N   . ARG A 1 24  ? -4.161  -10.697 14.602  1.00 15.28 ? 24  ARG A N   1 
ATOM   127  C CA  . ARG A 1 24  ? -4.597  -10.703 16.020  1.00 17.20 ? 24  ARG A CA  1 
ATOM   128  C C   . ARG A 1 24  ? -3.973  -9.509  16.729  1.00 14.96 ? 24  ARG A C   1 
ATOM   129  O O   . ARG A 1 24  ? -4.662  -8.865  17.555  1.00 17.10 ? 24  ARG A O   1 
ATOM   130  C CB  . ARG A 1 24  ? -4.044  -11.975 16.684  1.00 21.80 ? 24  ARG A CB  1 
ATOM   131  C CG  . ARG A 1 24  ? -4.799  -13.227 16.310  1.00 29.33 ? 24  ARG A CG  1 
ATOM   132  C CD  . ARG A 1 24  ? -4.431  -14.371 17.267  1.00 42.25 ? 24  ARG A CD  1 
ATOM   133  N NE  . ARG A 1 24  ? -3.028  -14.764 17.288  1.00 45.93 ? 24  ARG A NE  1 
ATOM   134  C CZ  . ARG A 1 24  ? -2.389  -15.607 16.470  1.00 53.73 ? 24  ARG A CZ  1 
ATOM   135  N NH1 . ARG A 1 24  ? -3.058  -16.276 15.518  1.00 50.30 ? 24  ARG A NH1 1 
ATOM   136  N NH2 . ARG A 1 24  ? -1.073  -15.841 16.578  1.00 50.96 ? 24  ARG A NH2 1 
ATOM   137  N N   . ASP A 1 25  ? -2.708  -9.178  16.566  1.00 16.62 ? 25  ASP A N   1 
ATOM   138  C CA  . ASP A 1 25  ? -2.083  -8.023  17.241  1.00 17.79 ? 25  ASP A CA  1 
ATOM   139  C C   . ASP A 1 25  ? -2.857  -6.752  16.854  1.00 16.33 ? 25  ASP A C   1 
ATOM   140  O O   . ASP A 1 25  ? -3.117  -5.832  17.653  1.00 12.80 ? 25  ASP A O   1 
ATOM   141  C CB  . ASP A 1 25  ? -0.574  -7.864  16.923  1.00 11.85 ? 25  ASP A CB  1 
ATOM   142  C CG  . ASP A 1 25  ? 0.322   -8.841  17.656  1.00 18.95 ? 25  ASP A CG  1 
ATOM   143  O OD1 . ASP A 1 25  ? -0.156  -9.503  18.608  1.00 19.59 ? 25  ASP A OD1 1 
ATOM   144  O OD2 . ASP A 1 25  ? 1.497   -9.062  17.276  1.00 20.23 ? 25  ASP A OD2 1 
ATOM   145  N N   . LEU A 1 26  ? -3.215  -6.643  15.548  1.00 15.03 ? 26  LEU A N   1 
ATOM   146  C CA  . LEU A 1 26  ? -3.994  -5.501  15.069  1.00 14.21 ? 26  LEU A CA  1 
ATOM   147  C C   . LEU A 1 26  ? -5.379  -5.456  15.711  1.00 14.15 ? 26  LEU A C   1 
ATOM   148  O O   . LEU A 1 26  ? -5.791  -4.323  16.064  1.00 12.27 ? 26  LEU A O   1 
ATOM   149  C CB  . LEU A 1 26  ? -4.126  -5.513  13.523  1.00 13.29 ? 26  LEU A CB  1 
ATOM   150  C CG  . LEU A 1 26  ? -4.763  -4.281  12.845  1.00 9.46  ? 26  LEU A CG  1 
ATOM   151  C CD1 . LEU A 1 26  ? -4.060  -2.964  13.035  1.00 13.76 ? 26  LEU A CD1 1 
ATOM   152  C CD2 . LEU A 1 26  ? -4.754  -4.565  11.332  1.00 13.48 ? 26  LEU A CD2 1 
ATOM   153  N N   . ARG A 1 27  ? -6.143  -6.559  15.862  1.00 13.77 ? 27  ARG A N   1 
ATOM   154  C CA  . ARG A 1 27  ? -7.446  -6.544  16.498  1.00 16.10 ? 27  ARG A CA  1 
ATOM   155  C C   . ARG A 1 27  ? -7.300  -6.211  18.012  1.00 17.43 ? 27  ARG A C   1 
ATOM   156  O O   . ARG A 1 27  ? -8.129  -5.440  18.505  1.00 16.50 ? 27  ARG A O   1 
ATOM   157  C CB  . ARG A 1 27  ? -8.180  -7.895  16.368  1.00 15.04 ? 27  ARG A CB  1 
ATOM   158  C CG  . ARG A 1 27  ? -8.523  -8.164  14.849  1.00 13.93 ? 27  ARG A CG  1 
ATOM   159  C CD  . ARG A 1 27  ? -9.303  -9.503  14.873  1.00 15.83 ? 27  ARG A CD  1 
ATOM   160  N NE  . ARG A 1 27  ? -9.649  -9.902  13.503  1.00 14.27 ? 27  ARG A NE  1 
ATOM   161  C CZ  . ARG A 1 27  ? -10.623 -9.442  12.706  1.00 17.14 ? 27  ARG A CZ  1 
ATOM   162  N NH1 . ARG A 1 27  ? -11.435 -8.431  13.091  1.00 14.15 ? 27  ARG A NH1 1 
ATOM   163  N NH2 . ARG A 1 27  ? -10.655 -9.929  11.421  1.00 14.47 ? 27  ARG A NH2 1 
ATOM   164  N N   . ASP A 1 28  ? -6.229  -6.702  18.655  1.00 15.98 ? 28  ASP A N   1 
ATOM   165  C CA  . ASP A 1 28  ? -5.993  -6.405  20.084  1.00 16.94 ? 28  ASP A CA  1 
ATOM   166  C C   . ASP A 1 28  ? -5.723  -4.914  20.250  1.00 15.71 ? 28  ASP A C   1 
ATOM   167  O O   . ASP A 1 28  ? -6.281  -4.334  21.204  1.00 16.99 ? 28  ASP A O   1 
ATOM   168  C CB  . ASP A 1 28  ? -4.823  -7.259  20.656  1.00 19.33 ? 28  ASP A CB  1 
ATOM   169  C CG  . ASP A 1 28  ? -5.110  -8.731  20.898  1.00 31.52 ? 28  ASP A CG  1 
ATOM   170  O OD1 . ASP A 1 28  ? -6.269  -9.213  20.738  1.00 37.18 ? 28  ASP A OD1 1 
ATOM   171  O OD2 . ASP A 1 28  ? -4.195  -9.541  21.260  1.00 38.77 ? 28  ASP A OD2 1 
ATOM   172  N N   . ALA A 1 29  ? -4.914  -4.273  19.346  1.00 13.62 ? 29  ALA A N   1 
ATOM   173  C CA  . ALA A 1 29  ? -4.758  -2.842  19.481  1.00 13.56 ? 29  ALA A CA  1 
ATOM   174  C C   . ALA A 1 29  ? -6.085  -2.135  19.251  1.00 16.05 ? 29  ALA A C   1 
ATOM   175  O O   . ALA A 1 29  ? -6.347  -1.132  19.921  1.00 16.65 ? 29  ALA A O   1 
ATOM   176  C CB  . ALA A 1 29  ? -3.777  -2.325  18.447  1.00 16.56 ? 29  ALA A CB  1 
ATOM   177  N N   . PHE A 1 30  ? -6.981  -2.468  18.310  1.00 17.54 ? 30  PHE A N   1 
ATOM   178  C CA  . PHE A 1 30  ? -8.221  -1.667  18.196  1.00 12.07 ? 30  PHE A CA  1 
ATOM   179  C C   . PHE A 1 30  ? -9.080  -1.883  19.423  1.00 15.54 ? 30  PHE A C   1 
ATOM   180  O O   . PHE A 1 30  ? -9.864  -0.997  19.813  1.00 15.13 ? 30  PHE A O   1 
ATOM   181  C CB  . PHE A 1 30  ? -8.934  -2.200  16.947  1.00 16.74 ? 30  PHE A CB  1 
ATOM   182  C CG  . PHE A 1 30  ? -10.357 -1.647  16.883  1.00 16.12 ? 30  PHE A CG  1 
ATOM   183  C CD1 . PHE A 1 30  ? -10.520 -0.283  16.769  1.00 15.19 ? 30  PHE A CD1 1 
ATOM   184  C CD2 . PHE A 1 30  ? -11.429 -2.552  16.915  1.00 15.26 ? 30  PHE A CD2 1 
ATOM   185  C CE1 . PHE A 1 30  ? -11.843 0.212   16.699  1.00 14.63 ? 30  PHE A CE1 1 
ATOM   186  C CE2 . PHE A 1 30  ? -12.724 -2.044  16.791  1.00 18.33 ? 30  PHE A CE2 1 
ATOM   187  C CZ  . PHE A 1 30  ? -12.925 -0.678  16.665  1.00 16.21 ? 30  PHE A CZ  1 
ATOM   188  N N   . SER A 1 31  ? -9.069  -3.056  20.024  1.00 14.81 ? 31  SER A N   1 
ATOM   189  C CA  . SER A 1 31  ? -9.894  -3.323  21.213  1.00 19.30 ? 31  SER A CA  1 
ATOM   190  C C   . SER A 1 31  ? -9.601  -2.277  22.319  1.00 22.66 ? 31  SER A C   1 
ATOM   191  O O   . SER A 1 31  ? -10.483 -1.966  23.125  1.00 20.51 ? 31  SER A O   1 
ATOM   192  C CB  . SER A 1 31  ? -9.760  -4.746  21.776  1.00 16.29 ? 31  SER A CB  1 
ATOM   193  O OG  . SER A 1 31  ? -8.500  -4.937  22.490  1.00 26.46 ? 31  SER A OG  1 
ATOM   194  N N   . ARG A 1 32  ? -8.377  -1.725  22.384  1.00 25.31 ? 32  ARG A N   1 
ATOM   195  C CA  . ARG A 1 32  ? -8.038  -0.713  23.421  1.00 22.94 ? 32  ARG A CA  1 
ATOM   196  C C   . ARG A 1 32  ? -8.723  0.623   23.211  1.00 26.52 ? 32  ARG A C   1 
ATOM   197  O O   . ARG A 1 32  ? -8.774  1.513   24.106  1.00 25.76 ? 32  ARG A O   1 
ATOM   198  C CB  . ARG A 1 32  ? -6.494  -0.696  23.482  1.00 17.57 ? 32  ARG A CB  1 
ATOM   199  C CG  . ARG A 1 32  ? -6.083  -2.050  24.129  1.00 16.79 ? 32  ARG A CG  1 
ATOM   200  C CD  . ARG A 1 32  ? -4.692  -2.098  24.657  1.00 29.28 ? 32  ARG A CD  1 
ATOM   201  N NE  . ARG A 1 32  ? -3.701  -2.422  23.650  1.00 31.21 ? 32  ARG A NE  1 
ATOM   202  C CZ  . ARG A 1 32  ? -3.194  -3.581  23.256  1.00 20.99 ? 32  ARG A CZ  1 
ATOM   203  N NH1 . ARG A 1 32  ? -3.533  -4.699  23.885  1.00 31.67 ? 32  ARG A NH1 1 
ATOM   204  N NH2 . ARG A 1 32  ? -2.380  -3.627  22.235  1.00 21.92 ? 32  ARG A NH2 1 
ATOM   205  N N   . VAL A 1 33  ? -9.312  0.841   22.000  1.00 23.53 ? 33  VAL A N   1 
ATOM   206  C CA  . VAL A 1 33  ? -10.053 2.074   21.705  1.00 22.07 ? 33  VAL A CA  1 
ATOM   207  C C   . VAL A 1 33  ? -11.517 1.945   21.204  1.00 21.61 ? 33  VAL A C   1 
ATOM   208  O O   . VAL A 1 33  ? -12.285 2.927   20.928  1.00 18.97 ? 33  VAL A O   1 
ATOM   209  C CB  . VAL A 1 33  ? -9.317  3.008   20.735  1.00 19.15 ? 33  VAL A CB  1 
ATOM   210  C CG1 . VAL A 1 33  ? -7.840  3.213   21.163  1.00 21.29 ? 33  VAL A CG1 1 
ATOM   211  C CG2 . VAL A 1 33  ? -9.267  2.423   19.330  1.00 19.64 ? 33  VAL A CG2 1 
ATOM   212  N N   . LYS A 1 34  ? -11.967 0.683   21.151  1.00 18.81 ? 34  LYS A N   1 
ATOM   213  C CA  . LYS A 1 34  ? -13.325 0.371   20.647  1.00 22.38 ? 34  LYS A CA  1 
ATOM   214  C C   . LYS A 1 34  ? -14.461 1.016   21.438  1.00 23.52 ? 34  LYS A C   1 
ATOM   215  O O   . LYS A 1 34  ? -15.344 1.632   20.817  1.00 24.10 ? 34  LYS A O   1 
ATOM   216  C CB  . LYS A 1 34  ? -13.513 -1.154  20.538  1.00 19.25 ? 34  LYS A CB  1 
ATOM   217  C CG  . LYS A 1 34  ? -14.811 -1.609  19.904  1.00 35.19 ? 34  LYS A CG  1 
ATOM   218  C CD  . LYS A 1 34  ? -15.225 -3.041  20.128  1.00 37.72 ? 34  LYS A CD  1 
ATOM   219  C CE  . LYS A 1 34  ? -16.051 -3.267  21.375  1.00 44.30 ? 34  LYS A CE  1 
ATOM   220  N NZ  . LYS A 1 34  ? -15.276 -3.170  22.654  1.00 51.23 ? 34  LYS A NZ  1 
ATOM   221  N N   . THR A 1 35  ? -14.466 0.952   22.772  1.00 22.16 ? 35  THR A N   1 
ATOM   222  C CA  . THR A 1 35  ? -15.554 1.633   23.511  1.00 23.60 ? 35  THR A CA  1 
ATOM   223  C C   . THR A 1 35  ? -15.617 3.146   23.354  1.00 24.89 ? 35  THR A C   1 
ATOM   224  O O   . THR A 1 35  ? -16.684 3.779   23.208  1.00 25.40 ? 35  THR A O   1 
ATOM   225  C CB  . THR A 1 35  ? -15.247 1.389   25.020  1.00 29.41 ? 35  THR A CB  1 
ATOM   226  O OG1 . THR A 1 35  ? -15.182 -0.039  25.193  1.00 31.52 ? 35  THR A OG1 1 
ATOM   227  C CG2 . THR A 1 35  ? -16.351 2.058   25.826  1.00 31.05 ? 35  THR A CG2 1 
ATOM   228  N N   . PHE A 1 36  ? -14.456 3.815   23.485  1.00 20.74 ? 36  PHE A N   1 
ATOM   229  C CA  . PHE A 1 36  ? -14.477 5.261   23.316  1.00 21.45 ? 36  PHE A CA  1 
ATOM   230  C C   . PHE A 1 36  ? -15.192 5.577   22.011  1.00 22.51 ? 36  PHE A C   1 
ATOM   231  O O   . PHE A 1 36  ? -16.150 6.362   21.935  1.00 20.21 ? 36  PHE A O   1 
ATOM   232  C CB  . PHE A 1 36  ? -13.028 5.836   23.383  1.00 19.79 ? 36  PHE A CB  1 
ATOM   233  C CG  . PHE A 1 36  ? -12.917 7.315   23.123  1.00 24.20 ? 36  PHE A CG  1 
ATOM   234  C CD1 . PHE A 1 36  ? -13.049 8.220   24.190  1.00 28.55 ? 36  PHE A CD1 1 
ATOM   235  C CD2 . PHE A 1 36  ? -12.702 7.884   21.888  1.00 18.37 ? 36  PHE A CD2 1 
ATOM   236  C CE1 . PHE A 1 36  ? -13.026 9.601   23.979  1.00 28.66 ? 36  PHE A CE1 1 
ATOM   237  C CE2 . PHE A 1 36  ? -12.618 9.244   21.680  1.00 27.56 ? 36  PHE A CE2 1 
ATOM   238  C CZ  . PHE A 1 36  ? -12.780 10.151  22.731  1.00 27.22 ? 36  PHE A CZ  1 
ATOM   239  N N   . PHE A 1 37  ? -14.753 4.957   20.894  1.00 18.15 ? 37  PHE A N   1 
ATOM   240  C CA  . PHE A 1 37  ? -15.364 5.332   19.606  1.00 19.45 ? 37  PHE A CA  1 
ATOM   241  C C   . PHE A 1 37  ? -16.779 4.857   19.387  1.00 19.79 ? 37  PHE A C   1 
ATOM   242  O O   . PHE A 1 37  ? -17.549 5.572   18.711  1.00 17.59 ? 37  PHE A O   1 
ATOM   243  C CB  . PHE A 1 37  ? -14.412 5.111   18.432  1.00 19.57 ? 37  PHE A CB  1 
ATOM   244  C CG  . PHE A 1 37  ? -13.199 5.993   18.451  1.00 16.53 ? 37  PHE A CG  1 
ATOM   245  C CD1 . PHE A 1 37  ? -13.289 7.328   18.079  1.00 23.20 ? 37  PHE A CD1 1 
ATOM   246  C CD2 . PHE A 1 37  ? -11.964 5.492   18.818  1.00 17.45 ? 37  PHE A CD2 1 
ATOM   247  C CE1 . PHE A 1 37  ? -12.201 8.202   18.120  1.00 22.22 ? 37  PHE A CE1 1 
ATOM   248  C CE2 . PHE A 1 37  ? -10.862 6.374   18.870  1.00 14.15 ? 37  PHE A CE2 1 
ATOM   249  C CZ  . PHE A 1 37  ? -10.951 7.704   18.490  1.00 21.50 ? 37  PHE A CZ  1 
ATOM   250  N N   . GLN A 1 38  ? -17.227 3.731   19.950  1.00 19.44 ? 38  GLN A N   1 
ATOM   251  C CA  . GLN A 1 38  ? -18.612 3.372   19.783  1.00 21.76 ? 38  GLN A CA  1 
ATOM   252  C C   . GLN A 1 38  ? -19.504 4.341   20.543  1.00 22.48 ? 38  GLN A C   1 
ATOM   253  O O   . GLN A 1 38  ? -20.616 4.660   20.126  1.00 22.89 ? 38  GLN A O   1 
ATOM   254  C CB  . GLN A 1 38  ? -18.915 2.084   20.552  1.00 26.42 ? 38  GLN A CB  1 
ATOM   255  C CG  . GLN A 1 38  ? -18.628 0.844   19.730  1.00 39.05 ? 38  GLN A CG  1 
ATOM   256  C CD  . GLN A 1 38  ? -18.738 -0.361  20.654  1.00 39.16 ? 38  GLN A CD  1 
ATOM   257  O OE1 . GLN A 1 38  ? -18.752 -1.460  20.104  1.00 39.10 ? 38  GLN A OE1 1 
ATOM   258  N NE2 . GLN A 1 38  ? -18.772 -0.061  21.943  1.00 34.99 ? 38  GLN A NE2 1 
ATOM   259  N N   . MET A 1 39  ? -19.043 4.849   21.693  1.00 24.05 ? 39  MET A N   1 
ATOM   260  C CA  . MET A 1 39  ? -19.871 5.820   22.410  1.00 25.10 ? 39  MET A CA  1 
ATOM   261  C C   . MET A 1 39  ? -19.924 7.169   21.704  1.00 27.48 ? 39  MET A C   1 
ATOM   262  O O   . MET A 1 39  ? -20.989 7.793   21.629  1.00 27.11 ? 39  MET A O   1 
ATOM   263  C CB  . MET A 1 39  ? -19.323 6.003   23.819  1.00 35.08 ? 39  MET A CB  1 
ATOM   264  C CG  . MET A 1 39  ? -19.405 4.631   24.487  1.00 51.85 ? 39  MET A CG  1 
ATOM   265  S SD  . MET A 1 39  ? -19.613 4.892   26.273  1.00 76.99 ? 39  MET A SD  1 
ATOM   266  C CE  . MET A 1 39  ? -19.590 3.142   26.744  1.00 78.25 ? 39  MET A CE  1 
ATOM   267  N N   . LYS A 1 40  ? -18.838 7.698   21.128  1.00 22.90 ? 40  LYS A N   1 
ATOM   268  C CA  . LYS A 1 40  ? -18.885 8.937   20.378  1.00 25.32 ? 40  LYS A CA  1 
ATOM   269  C C   . LYS A 1 40  ? -19.790 8.865   19.144  1.00 23.82 ? 40  LYS A C   1 
ATOM   270  O O   . LYS A 1 40  ? -20.288 9.875   18.630  1.00 22.65 ? 40  LYS A O   1 
ATOM   271  C CB  . LYS A 1 40  ? -17.456 9.242   19.838  1.00 32.05 ? 40  LYS A CB  1 
ATOM   272  C CG  . LYS A 1 40  ? -16.486 9.836   20.852  1.00 37.53 ? 40  LYS A CG  1 
ATOM   273  C CD  . LYS A 1 40  ? -16.993 11.243  21.154  1.00 45.97 ? 40  LYS A CD  1 
ATOM   274  C CE  . LYS A 1 40  ? -16.516 11.802  22.482  1.00 56.78 ? 40  LYS A CE  1 
ATOM   275  N NZ  . LYS A 1 40  ? -15.077 12.204  22.486  1.00 61.23 ? 40  LYS A NZ  1 
ATOM   276  N N   . ASP A 1 41  ? -19.786 7.676   18.469  1.00 21.38 ? 41  ASP A N   1 
ATOM   277  C CA  . ASP A 1 41  ? -20.564 7.529   17.234  1.00 15.94 ? 41  ASP A CA  1 
ATOM   278  C C   . ASP A 1 41  ? -22.032 7.335   17.620  1.00 19.10 ? 41  ASP A C   1 
ATOM   279  O O   . ASP A 1 41  ? -22.383 6.316   18.226  1.00 20.25 ? 41  ASP A O   1 
ATOM   280  C CB  . ASP A 1 41  ? -20.045 6.300   16.469  1.00 21.02 ? 41  ASP A CB  1 
ATOM   281  C CG  . ASP A 1 41  ? -20.824 5.957   15.210  1.00 21.57 ? 41  ASP A CG  1 
ATOM   282  O OD1 . ASP A 1 41  ? -21.566 6.807   14.648  1.00 19.33 ? 41  ASP A OD1 1 
ATOM   283  O OD2 . ASP A 1 41  ? -20.567 4.807   14.708  1.00 23.19 ? 41  ASP A OD2 1 
ATOM   284  N N   . GLN A 1 42  ? -22.863 8.293   17.235  1.00 21.23 ? 42  GLN A N   1 
ATOM   285  C CA  . GLN A 1 42  ? -24.268 8.161   17.672  1.00 24.31 ? 42  GLN A CA  1 
ATOM   286  C C   . GLN A 1 42  ? -25.205 7.821   16.538  1.00 21.24 ? 42  GLN A C   1 
ATOM   287  O O   . GLN A 1 42  ? -26.442 7.939   16.643  1.00 19.93 ? 42  GLN A O   1 
ATOM   288  C CB  . GLN A 1 42  ? -24.624 9.532   18.257  1.00 26.70 ? 42  GLN A CB  1 
ATOM   289  C CG  . GLN A 1 42  ? -25.199 10.472  17.215  1.00 50.81 ? 42  GLN A CG  1 
ATOM   290  C CD  . GLN A 1 42  ? -24.579 11.744  16.691  1.00 62.00 ? 42  GLN A CD  1 
ATOM   291  O OE1 . GLN A 1 42  ? -24.755 12.211  15.547  1.00 59.03 ? 42  GLN A OE1 1 
ATOM   292  N NE2 . GLN A 1 42  ? -23.804 12.440  17.542  1.00 69.03 ? 42  GLN A NE2 1 
ATOM   293  N N   . LEU A 1 43  ? -24.651 7.370   15.414  1.00 21.83 ? 43  LEU A N   1 
ATOM   294  C CA  . LEU A 1 43  ? -25.446 6.980   14.240  1.00 20.23 ? 43  LEU A CA  1 
ATOM   295  C C   . LEU A 1 43  ? -25.511 5.451   14.009  1.00 20.42 ? 43  LEU A C   1 
ATOM   296  O O   . LEU A 1 43  ? -24.598 4.697   14.379  1.00 20.20 ? 43  LEU A O   1 
ATOM   297  C CB  . LEU A 1 43  ? -24.962 7.541   12.910  1.00 20.77 ? 43  LEU A CB  1 
ATOM   298  C CG  . LEU A 1 43  ? -24.695 9.047   12.955  1.00 24.33 ? 43  LEU A CG  1 
ATOM   299  C CD1 . LEU A 1 43  ? -23.829 9.445   11.785  1.00 22.08 ? 43  LEU A CD1 1 
ATOM   300  C CD2 . LEU A 1 43  ? -26.008 9.829   12.953  1.00 25.82 ? 43  LEU A CD2 1 
ATOM   301  N N   . ASP A 1 44  ? -26.623 5.023   13.401  1.00 19.63 ? 44  ASP A N   1 
ATOM   302  C CA  . ASP A 1 44  ? -26.780 3.601   13.132  1.00 20.53 ? 44  ASP A CA  1 
ATOM   303  C C   . ASP A 1 44  ? -26.473 3.292   11.671  1.00 18.75 ? 44  ASP A C   1 
ATOM   304  O O   . ASP A 1 44  ? -26.526 2.087   11.412  1.00 21.78 ? 44  ASP A O   1 
ATOM   305  C CB  . ASP A 1 44  ? -28.096 2.945   13.545  1.00 18.76 ? 44  ASP A CB  1 
ATOM   306  C CG  . ASP A 1 44  ? -29.315 3.497   12.832  1.00 23.62 ? 44  ASP A CG  1 
ATOM   307  O OD1 . ASP A 1 44  ? -29.132 4.092   11.747  1.00 23.88 ? 44  ASP A OD1 1 
ATOM   308  O OD2 . ASP A 1 44  ? -30.424 3.370   13.377  1.00 26.46 ? 44  ASP A OD2 1 
ATOM   309  N N   . ASN A 1 45  ? -26.175 4.223   10.789  1.00 17.24 ? 45  ASN A N   1 
ATOM   310  C CA  . ASN A 1 45  ? -25.885 3.800   9.416   1.00 17.79 ? 45  ASN A CA  1 
ATOM   311  C C   . ASN A 1 45  ? -24.460 3.245   9.209   1.00 17.49 ? 45  ASN A C   1 
ATOM   312  O O   . ASN A 1 45  ? -23.503 3.556   9.919   1.00 15.67 ? 45  ASN A O   1 
ATOM   313  C CB  . ASN A 1 45  ? -26.030 4.903   8.387   1.00 25.33 ? 45  ASN A CB  1 
ATOM   314  C CG  . ASN A 1 45  ? -25.374 6.200   8.845   1.00 34.91 ? 45  ASN A CG  1 
ATOM   315  O OD1 . ASN A 1 45  ? -24.332 6.543   8.266   1.00 43.43 ? 45  ASN A OD1 1 
ATOM   316  N ND2 . ASN A 1 45  ? -25.971 6.846   9.843   1.00 31.22 ? 45  ASN A ND2 1 
ATOM   317  N N   . LEU A 1 46  ? -24.274 2.455   8.155   1.00 17.25 ? 46  LEU A N   1 
ATOM   318  C CA  . LEU A 1 46  ? -23.002 1.848   7.780   1.00 14.91 ? 46  LEU A CA  1 
ATOM   319  C C   . LEU A 1 46  ? -22.191 2.718   6.839   1.00 16.24 ? 46  LEU A C   1 
ATOM   320  O O   . LEU A 1 46  ? -22.674 3.114   5.759   1.00 18.63 ? 46  LEU A O   1 
ATOM   321  C CB  . LEU A 1 46  ? -23.271 0.452   7.146   1.00 12.76 ? 46  LEU A CB  1 
ATOM   322  C CG  . LEU A 1 46  ? -22.047 -0.348  6.675   1.00 15.38 ? 46  LEU A CG  1 
ATOM   323  C CD1 . LEU A 1 46  ? -21.058 -0.735  7.790   1.00 15.65 ? 46  LEU A CD1 1 
ATOM   324  C CD2 . LEU A 1 46  ? -22.461 -1.647  5.987   1.00 14.15 ? 46  LEU A CD2 1 
ATOM   325  N N   . LEU A 1 47  ? -20.906 2.987   7.161   1.00 13.57 ? 47  LEU A N   1 
ATOM   326  C CA  . LEU A 1 47  ? -20.038 3.738   6.294   1.00 14.24 ? 47  LEU A CA  1 
ATOM   327  C C   . LEU A 1 47  ? -19.248 2.871   5.301   1.00 16.98 ? 47  LEU A C   1 
ATOM   328  O O   . LEU A 1 47  ? -19.192 3.081   4.093   1.00 17.01 ? 47  LEU A O   1 
ATOM   329  C CB  . LEU A 1 47  ? -19.002 4.499   7.190   1.00 13.28 ? 47  LEU A CB  1 
ATOM   330  C CG  . LEU A 1 47  ? -18.001 5.321   6.340   1.00 16.47 ? 47  LEU A CG  1 
ATOM   331  C CD1 . LEU A 1 47  ? -18.604 6.469   5.539   1.00 19.78 ? 47  LEU A CD1 1 
ATOM   332  C CD2 . LEU A 1 47  ? -16.885 5.849   7.276   1.00 15.24 ? 47  LEU A CD2 1 
ATOM   333  N N   . LEU A 1 48  ? -18.584 1.824   5.801   1.00 16.19 ? 48  LEU A N   1 
ATOM   334  C CA  . LEU A 1 48  ? -17.735 0.877   5.052   1.00 15.43 ? 48  LEU A CA  1 
ATOM   335  C C   . LEU A 1 48  ? -18.647 -0.176  4.419   1.00 14.27 ? 48  LEU A C   1 
ATOM   336  O O   . LEU A 1 48  ? -18.790 -1.320  4.881   1.00 12.98 ? 48  LEU A O   1 
ATOM   337  C CB  . LEU A 1 48  ? -16.694 0.218   6.002   1.00 12.96 ? 48  LEU A CB  1 
ATOM   338  C CG  . LEU A 1 48  ? -15.656 1.124   6.710   1.00 12.85 ? 48  LEU A CG  1 
ATOM   339  C CD1 . LEU A 1 48  ? -14.517 0.327   7.421   1.00 12.90 ? 48  LEU A CD1 1 
ATOM   340  C CD2 . LEU A 1 48  ? -14.962 1.935   5.615   1.00 15.14 ? 48  LEU A CD2 1 
ATOM   341  N N   . LYS A 1 49  ? -19.279 0.296   3.336   1.00 14.33 ? 49  LYS A N   1 
ATOM   342  C CA  . LYS A 1 49  ? -20.245 -0.532  2.607   1.00 18.35 ? 49  LYS A CA  1 
ATOM   343  C C   . LYS A 1 49  ? -19.634 -1.785  1.974   1.00 16.69 ? 49  LYS A C   1 
ATOM   344  O O   . LYS A 1 49  ? -18.420 -1.906  1.752   1.00 15.63 ? 49  LYS A O   1 
ATOM   345  C CB  . LYS A 1 49  ? -20.907 0.253   1.475   1.00 23.04 ? 49  LYS A CB  1 
ATOM   346  C CG  . LYS A 1 49  ? -21.703 1.514   1.728   1.00 29.38 ? 49  LYS A CG  1 
ATOM   347  C CD  . LYS A 1 49  ? -22.890 1.404   2.654   1.00 28.73 ? 49  LYS A CD  1 
ATOM   348  C CE  . LYS A 1 49  ? -23.764 2.676   2.632   1.00 24.13 ? 49  LYS A CE  1 
ATOM   349  N NZ  . LYS A 1 49  ? -24.671 2.538   3.806   1.00 28.20 ? 49  LYS A NZ  1 
ATOM   350  N N   . GLU A 1 50  ? -20.426 -2.774  1.645   1.00 19.05 ? 50  GLU A N   1 
ATOM   351  C CA  . GLU A 1 50  ? -19.924 -4.047  1.105   1.00 19.89 ? 50  GLU A CA  1 
ATOM   352  C C   . GLU A 1 50  ? -19.344 -3.924  -0.279  1.00 18.86 ? 50  GLU A C   1 
ATOM   353  O O   . GLU A 1 50  ? -18.516 -4.784  -0.693  1.00 16.01 ? 50  GLU A O   1 
ATOM   354  C CB  . GLU A 1 50  ? -21.055 -5.006  1.446   1.00 27.21 ? 50  GLU A CB  1 
ATOM   355  C CG  . GLU A 1 50  ? -20.683 -6.466  1.719   1.00 41.06 ? 50  GLU A CG  1 
ATOM   356  C CD  . GLU A 1 50  ? -20.733 -7.149  0.346   1.00 53.28 ? 50  GLU A CD  1 
ATOM   357  O OE1 . GLU A 1 50  ? -21.359 -6.435  -0.496  1.00 54.23 ? 50  GLU A OE1 1 
ATOM   358  O OE2 . GLU A 1 50  ? -20.207 -8.269  0.134   1.00 50.99 ? 50  GLU A OE2 1 
ATOM   359  N N   . SER A 1 51  ? -19.651 -2.858  -1.004  1.00 17.38 ? 51  SER A N   1 
ATOM   360  C CA  . SER A 1 51  ? -19.019 -2.675  -2.304  1.00 16.06 ? 51  SER A CA  1 
ATOM   361  C C   . SER A 1 51  ? -17.504 -2.535  -2.131  1.00 17.58 ? 51  SER A C   1 
ATOM   362  O O   . SER A 1 51  ? -16.691 -2.799  -3.045  1.00 15.71 ? 51  SER A O   1 
ATOM   363  C CB  . SER A 1 51  ? -19.646 -1.476  -3.026  1.00 17.41 ? 51  SER A CB  1 
ATOM   364  O OG  . SER A 1 51  ? -19.524 -0.305  -2.251  1.00 25.77 ? 51  SER A OG  1 
ATOM   365  N N   . LEU A 1 52  ? -17.029 -2.030  -0.987  1.00 14.26 ? 52  LEU A N   1 
ATOM   366  C CA  . LEU A 1 52  ? -15.615 -1.914  -0.653  1.00 14.70 ? 52  LEU A CA  1 
ATOM   367  C C   . LEU A 1 52  ? -14.961 -3.314  -0.581  1.00 13.41 ? 52  LEU A C   1 
ATOM   368  O O   . LEU A 1 52  ? -13.862 -3.623  -1.085  1.00 14.26 ? 52  LEU A O   1 
ATOM   369  C CB  . LEU A 1 52  ? -15.473 -1.149  0.687   1.00 15.80 ? 52  LEU A CB  1 
ATOM   370  C CG  . LEU A 1 52  ? -14.006 -0.734  0.950   1.00 21.79 ? 52  LEU A CG  1 
ATOM   371  C CD1 . LEU A 1 52  ? -13.514 0.155   -0.194  1.00 19.42 ? 52  LEU A CD1 1 
ATOM   372  C CD2 . LEU A 1 52  ? -13.940 -0.001  2.299   1.00 21.43 ? 52  LEU A CD2 1 
ATOM   373  N N   . LEU A 1 53  ? -15.583 -4.305  0.083   1.00 11.78 ? 53  LEU A N   1 
ATOM   374  C CA  . LEU A 1 53  ? -15.174 -5.685  0.170   1.00 12.36 ? 53  LEU A CA  1 
ATOM   375  C C   . LEU A 1 53  ? -15.076 -6.292  -1.236  1.00 14.55 ? 53  LEU A C   1 
ATOM   376  O O   . LEU A 1 53  ? -14.058 -6.885  -1.639  1.00 13.51 ? 53  LEU A O   1 
ATOM   377  C CB  . LEU A 1 53  ? -16.098 -6.483  1.121   1.00 10.25 ? 53  LEU A CB  1 
ATOM   378  C CG  . LEU A 1 53  ? -15.748 -7.948  1.179   1.00 10.44 ? 53  LEU A CG  1 
ATOM   379  C CD1 . LEU A 1 53  ? -14.297 -8.291  1.678   1.00 11.52 ? 53  LEU A CD1 1 
ATOM   380  C CD2 . LEU A 1 53  ? -16.690 -8.742  2.055   1.00 14.11 ? 53  LEU A CD2 1 
ATOM   381  N N   . GLU A 1 54  ? -16.098 -6.124  -2.085  1.00 14.34 ? 54  GLU A N   1 
ATOM   382  C CA  . GLU A 1 54  ? -16.051 -6.610  -3.483  1.00 14.34 ? 54  GLU A CA  1 
ATOM   383  C C   . GLU A 1 54  ? -14.857 -6.024  -4.205  1.00 14.93 ? 54  GLU A C   1 
ATOM   384  O O   . GLU A 1 54  ? -14.160 -6.784  -4.892  1.00 16.69 ? 54  GLU A O   1 
ATOM   385  C CB  . GLU A 1 54  ? -17.287 -6.045  -4.226  1.00 15.06 ? 54  GLU A CB  1 
ATOM   386  C CG  . GLU A 1 54  ? -18.578 -6.587  -3.685  1.00 23.48 ? 54  GLU A CG  1 
ATOM   387  C CD  . GLU A 1 54  ? -19.898 -6.032  -4.209  1.00 39.85 ? 54  GLU A CD  1 
ATOM   388  O OE1 . GLU A 1 54  ? -20.036 -4.901  -4.753  1.00 45.95 ? 54  GLU A OE1 1 
ATOM   389  O OE2 . GLU A 1 54  ? -20.952 -6.730  -4.080  1.00 39.31 ? 54  GLU A OE2 1 
ATOM   390  N N   . ASP A 1 55  ? -14.545 -4.721  -4.078  1.00 15.77 ? 55  ASP A N   1 
ATOM   391  C CA  . ASP A 1 55  ? -13.368 -4.155  -4.767  1.00 13.12 ? 55  ASP A CA  1 
ATOM   392  C C   . ASP A 1 55  ? -12.059 -4.753  -4.208  1.00 15.26 ? 55  ASP A C   1 
ATOM   393  O O   . ASP A 1 55  ? -11.089 -4.975  -4.949  1.00 15.40 ? 55  ASP A O   1 
ATOM   394  C CB  . ASP A 1 55  ? -13.358 -2.658  -4.587  1.00 14.12 ? 55  ASP A CB  1 
ATOM   395  C CG  . ASP A 1 55  ? -14.212 -1.851  -5.591  1.00 26.52 ? 55  ASP A CG  1 
ATOM   396  O OD1 . ASP A 1 55  ? -15.088 -2.312  -6.338  1.00 26.37 ? 55  ASP A OD1 1 
ATOM   397  O OD2 . ASP A 1 55  ? -14.037 -0.603  -5.629  1.00 24.13 ? 55  ASP A OD2 1 
ATOM   398  N N   . PHE A 1 56  ? -11.970 -5.061  -2.887  1.00 14.05 ? 56  PHE A N   1 
ATOM   399  C CA  . PHE A 1 56  ? -10.752 -5.658  -2.302  1.00 15.15 ? 56  PHE A CA  1 
ATOM   400  C C   . PHE A 1 56  ? -10.450 -7.027  -2.878  1.00 14.92 ? 56  PHE A C   1 
ATOM   401  O O   . PHE A 1 56  ? -9.295  -7.448  -2.898  1.00 15.81 ? 56  PHE A O   1 
ATOM   402  C CB  . PHE A 1 56  ? -10.888 -5.827  -0.752  1.00 12.59 ? 56  PHE A CB  1 
ATOM   403  C CG  . PHE A 1 56  ? -10.480 -4.636  0.091   1.00 12.61 ? 56  PHE A CG  1 
ATOM   404  C CD1 . PHE A 1 56  ? -10.619 -3.336  -0.376  1.00 14.66 ? 56  PHE A CD1 1 
ATOM   405  C CD2 . PHE A 1 56  ? -10.018 -4.820  1.413   1.00 13.86 ? 56  PHE A CD2 1 
ATOM   406  C CE1 . PHE A 1 56  ? -10.292 -2.212  0.370   1.00 14.96 ? 56  PHE A CE1 1 
ATOM   407  C CE2 . PHE A 1 56  ? -9.707  -3.689  2.169   1.00 11.19 ? 56  PHE A CE2 1 
ATOM   408  C CZ  . PHE A 1 56  ? -9.797  -2.397  1.667   1.00 14.17 ? 56  PHE A CZ  1 
ATOM   409  N N   . LYS A 1 57  ? -11.536 -7.714  -3.302  1.00 17.58 ? 57  LYS A N   1 
ATOM   410  C CA  . LYS A 1 57  ? -11.391 -9.042  -3.852  1.00 20.50 ? 57  LYS A CA  1 
ATOM   411  C C   . LYS A 1 57  ? -11.216 -9.122  -5.364  1.00 20.81 ? 57  LYS A C   1 
ATOM   412  O O   . LYS A 1 57  ? -10.883 -10.206 -5.841  1.00 24.78 ? 57  LYS A O   1 
ATOM   413  C CB  . LYS A 1 57  ? -12.570 -9.916  -3.482  1.00 20.23 ? 57  LYS A CB  1 
ATOM   414  C CG  . LYS A 1 57  ? -12.577 -10.445 -2.023  1.00 25.14 ? 57  LYS A CG  1 
ATOM   415  C CD  . LYS A 1 57  ? -14.026 -10.899 -1.854  1.00 29.82 ? 57  LYS A CD  1 
ATOM   416  C CE  . LYS A 1 57  ? -14.214 -12.125 -0.987  1.00 43.71 ? 57  LYS A CE  1 
ATOM   417  N NZ  . LYS A 1 57  ? -15.587 -12.061 -0.368  1.00 50.88 ? 57  LYS A NZ  1 
ATOM   418  N N   . GLY A 1 58  ? -11.384 -8.046  -6.090  1.00 19.53 ? 58  GLY A N   1 
ATOM   419  C CA  . GLY A 1 58  ? -11.182 -8.118  -7.547  1.00 23.06 ? 58  GLY A CA  1 
ATOM   420  C C   . GLY A 1 58  ? -9.808  -7.612  -7.970  1.00 18.68 ? 58  GLY A C   1 
ATOM   421  O O   . GLY A 1 58  ? -8.827  -7.440  -7.228  1.00 17.81 ? 58  GLY A O   1 
ATOM   422  N N   . TYR A 1 59  ? -9.776  -7.300  -9.278  1.00 20.02 ? 59  TYR A N   1 
ATOM   423  C CA  . TYR A 1 59  ? -8.552  -6.851  -9.961  1.00 21.96 ? 59  TYR A CA  1 
ATOM   424  C C   . TYR A 1 59  ? -7.980  -5.561  -9.407  1.00 19.81 ? 59  TYR A C   1 
ATOM   425  O O   . TYR A 1 59  ? -6.776  -5.332  -9.496  1.00 19.08 ? 59  TYR A O   1 
ATOM   426  C CB  . TYR A 1 59  ? -8.756  -6.812  -11.519 1.00 19.27 ? 59  TYR A CB  1 
ATOM   427  C CG  . TYR A 1 59  ? -9.544  -5.581  -11.932 1.00 16.80 ? 59  TYR A CG  1 
ATOM   428  C CD1 . TYR A 1 59  ? -10.904 -5.431  -11.847 1.00 20.45 ? 59  TYR A CD1 1 
ATOM   429  C CD2 . TYR A 1 59  ? -8.761  -4.522  -12.424 1.00 16.81 ? 59  TYR A CD2 1 
ATOM   430  C CE1 . TYR A 1 59  ? -11.475 -4.216  -12.221 1.00 19.10 ? 59  TYR A CE1 1 
ATOM   431  C CE2 . TYR A 1 59  ? -9.304  -3.294  -12.767 1.00 20.43 ? 59  TYR A CE2 1 
ATOM   432  C CZ  . TYR A 1 59  ? -10.690 -3.205  -12.679 1.00 18.56 ? 59  TYR A CZ  1 
ATOM   433  O OH  . TYR A 1 59  ? -11.180 -2.003  -13.054 1.00 25.81 ? 59  TYR A OH  1 
ATOM   434  N N   . LEU A 1 60  ? -8.754  -4.675  -8.810  1.00 16.45 ? 60  LEU A N   1 
ATOM   435  C CA  . LEU A 1 60  ? -8.232  -3.437  -8.220  1.00 19.29 ? 60  LEU A CA  1 
ATOM   436  C C   . LEU A 1 60  ? -8.071  -3.567  -6.658  1.00 17.99 ? 60  LEU A C   1 
ATOM   437  O O   . LEU A 1 60  ? -7.944  -2.555  -5.964  1.00 18.03 ? 60  LEU A O   1 
ATOM   438  C CB  . LEU A 1 60  ? -9.308  -2.320  -8.383  1.00 20.97 ? 60  LEU A CB  1 
ATOM   439  C CG  . LEU A 1 60  ? -9.451  -1.703  -9.750  1.00 29.71 ? 60  LEU A CG  1 
ATOM   440  C CD1 . LEU A 1 60  ? -10.362 -0.473  -9.632  1.00 27.62 ? 60  LEU A CD1 1 
ATOM   441  C CD2 . LEU A 1 60  ? -8.094  -1.343  -10.337 1.00 31.09 ? 60  LEU A CD2 1 
ATOM   442  N N   . GLY A 1 61  ? -8.031  -4.783  -6.140  1.00 14.98 ? 61  GLY A N   1 
ATOM   443  C CA  . GLY A 1 61  ? -7.998  -4.988  -4.686  1.00 15.00 ? 61  GLY A CA  1 
ATOM   444  C C   . GLY A 1 61  ? -6.768  -4.388  -4.029  1.00 16.12 ? 61  GLY A C   1 
ATOM   445  O O   . GLY A 1 61  ? -6.923  -3.761  -2.960  1.00 11.78 ? 61  GLY A O   1 
ATOM   446  N N   . CYS A 1 62  ? -5.549  -4.622  -4.554  1.00 15.05 ? 62  CYS A N   1 
ATOM   447  C CA  . CYS A 1 62  ? -4.314  -4.078  -3.964  1.00 13.51 ? 62  CYS A CA  1 
ATOM   448  C C   . CYS A 1 62  ? -4.494  -2.555  -3.884  1.00 12.61 ? 62  CYS A C   1 
ATOM   449  O O   . CYS A 1 62  ? -4.256  -1.929  -2.872  1.00 14.13 ? 62  CYS A O   1 
ATOM   450  C CB  . CYS A 1 62  ? -3.075  -4.430  -4.844  1.00 15.51 ? 62  CYS A CB  1 
ATOM   451  S SG  . CYS A 1 62  ? -1.567  -3.869  -3.982  1.00 17.63 ? 62  CYS A SG  1 
ATOM   452  N N   . GLN A 1 63  ? -4.891  -1.910  -5.006  1.00 14.23 ? 63  GLN A N   1 
ATOM   453  C CA  . GLN A 1 63  ? -5.086  -0.449  -5.034  1.00 17.10 ? 63  GLN A CA  1 
ATOM   454  C C   . GLN A 1 63  ? -6.177  0.051   -4.082  1.00 14.35 ? 63  GLN A C   1 
ATOM   455  O O   . GLN A 1 63  ? -5.910  1.099   -3.485  1.00 16.83 ? 63  GLN A O   1 
ATOM   456  C CB  . GLN A 1 63  ? -5.470  0.095   -6.459  1.00 24.37 ? 63  GLN A CB  1 
ATOM   457  C CG  . GLN A 1 63  ? -4.172  -0.110  -7.287  1.00 30.23 ? 63  GLN A CG  1 
ATOM   458  C CD  . GLN A 1 63  ? -4.616  -0.396  -8.706  1.00 34.38 ? 63  GLN A CD  1 
ATOM   459  O OE1 . GLN A 1 63  ? -4.327  -1.474  -9.216  1.00 32.76 ? 63  GLN A OE1 1 
ATOM   460  N NE2 . GLN A 1 63  ? -5.309  0.624   -9.175  1.00 33.38 ? 63  GLN A NE2 1 
ATOM   461  N N   . ALA A 1 64  ? -7.285  -0.664  -3.970  1.00 14.45 ? 64  ALA A N   1 
ATOM   462  C CA  . ALA A 1 64  ? -8.327  -0.240  -3.031  1.00 15.00 ? 64  ALA A CA  1 
ATOM   463  C C   . ALA A 1 64  ? -7.774  -0.428  -1.614  1.00 16.20 ? 64  ALA A C   1 
ATOM   464  O O   . ALA A 1 64  ? -7.971  0.553   -0.858  1.00 14.61 ? 64  ALA A O   1 
ATOM   465  C CB  . ALA A 1 64  ? -9.586  -1.098  -3.226  1.00 8.85  ? 64  ALA A CB  1 
ATOM   466  N N   . LEU A 1 65  ? -7.108  -1.525  -1.238  1.00 10.82 ? 65  LEU A N   1 
ATOM   467  C CA  . LEU A 1 65  ? -6.570  -1.665  0.122   1.00 12.21 ? 65  LEU A CA  1 
ATOM   468  C C   . LEU A 1 65  ? -5.516  -0.613  0.437   1.00 12.84 ? 65  LEU A C   1 
ATOM   469  O O   . LEU A 1 65  ? -5.522  0.041   1.479   1.00 14.60 ? 65  LEU A O   1 
ATOM   470  C CB  . LEU A 1 65  ? -6.035  -3.113  0.261   1.00 12.34 ? 65  LEU A CB  1 
ATOM   471  C CG  . LEU A 1 65  ? -5.080  -3.327  1.472   1.00 11.30 ? 65  LEU A CG  1 
ATOM   472  C CD1 . LEU A 1 65  ? -5.881  -3.112  2.761   1.00 10.99 ? 65  LEU A CD1 1 
ATOM   473  C CD2 . LEU A 1 65  ? -4.567  -4.758  1.532   1.00 15.32 ? 65  LEU A CD2 1 
ATOM   474  N N   . SER A 1 66  ? -4.583  -0.314  -0.458  1.00 11.27 ? 66  SER A N   1 
ATOM   475  C CA  . SER A 1 66  ? -3.536  0.670   -0.320  1.00 12.75 ? 66  SER A CA  1 
ATOM   476  C C   . SER A 1 66  ? -4.180  2.028   -0.107  1.00 13.94 ? 66  SER A C   1 
ATOM   477  O O   . SER A 1 66  ? -3.785  2.841   0.759   1.00 13.67 ? 66  SER A O   1 
ATOM   478  C CB  . SER A 1 66  ? -2.750  0.612   -1.620  1.00 16.27 ? 66  SER A CB  1 
ATOM   479  O OG  . SER A 1 66  ? -1.757  1.647   -1.555  1.00 23.59 ? 66  SER A OG  1 
ATOM   480  N N   . GLU A 1 67  ? -5.193  2.389   -0.915  1.00 14.13 ? 67  GLU A N   1 
ATOM   481  C CA  . GLU A 1 67  ? -5.833  3.694   -0.732  1.00 13.25 ? 67  GLU A CA  1 
ATOM   482  C C   . GLU A 1 67  ? -6.570  3.802   0.598   1.00 15.44 ? 67  GLU A C   1 
ATOM   483  O O   . GLU A 1 67  ? -6.568  4.888   1.192   1.00 15.47 ? 67  GLU A O   1 
ATOM   484  C CB  . GLU A 1 67  ? -6.762  3.974   -1.901  1.00 18.81 ? 67  GLU A CB  1 
ATOM   485  C CG  . GLU A 1 67  ? -7.303  5.388   -1.943  1.00 28.43 ? 67  GLU A CG  1 
ATOM   486  C CD  . GLU A 1 67  ? -8.204  5.768   -3.123  1.00 32.66 ? 67  GLU A CD  1 
ATOM   487  O OE1 . GLU A 1 67  ? -8.672  4.906   -3.924  1.00 23.59 ? 67  GLU A OE1 1 
ATOM   488  O OE2 . GLU A 1 67  ? -8.377  7.019   -3.166  1.00 31.71 ? 67  GLU A OE2 1 
ATOM   489  N N   . MET A 1 68  ? -7.152  2.725   1.103   1.00 11.66 ? 68  MET A N   1 
ATOM   490  C CA  . MET A 1 68  ? -7.875  2.749   2.390   1.00 12.44 ? 68  MET A CA  1 
ATOM   491  C C   . MET A 1 68  ? -6.862  2.798   3.539   1.00 14.09 ? 68  MET A C   1 
ATOM   492  O O   . MET A 1 68  ? -7.169  3.416   4.549   1.00 15.08 ? 68  MET A O   1 
ATOM   493  C CB  . MET A 1 68  ? -8.784  1.521   2.577   1.00 11.50 ? 68  MET A CB  1 
ATOM   494  C CG  . MET A 1 68  ? -10.072 1.621   1.707   1.00 12.14 ? 68  MET A CG  1 
ATOM   495  S SD  . MET A 1 68  ? -11.117 3.087   2.069   1.00 14.73 ? 68  MET A SD  1 
ATOM   496  C CE  . MET A 1 68  ? -11.573 2.647   3.718   1.00 12.72 ? 68  MET A CE  1 
ATOM   497  N N   . ILE A 1 69  ? -5.660  2.209   3.430   1.00 12.62 ? 69  ILE A N   1 
ATOM   498  C CA  . ILE A 1 69  ? -4.676  2.281   4.530   1.00 12.92 ? 69  ILE A CA  1 
ATOM   499  C C   . ILE A 1 69  ? -4.200  3.733   4.614   1.00 14.07 ? 69  ILE A C   1 
ATOM   500  O O   . ILE A 1 69  ? -4.114  4.396   5.661   1.00 14.41 ? 69  ILE A O   1 
ATOM   501  C CB  . ILE A 1 69  ? -3.484  1.349   4.261   1.00 10.74 ? 69  ILE A CB  1 
ATOM   502  C CG1 . ILE A 1 69  ? -3.893  -0.118  4.393   1.00 10.01 ? 69  ILE A CG1 1 
ATOM   503  C CG2 . ILE A 1 69  ? -2.333  1.591   5.262   1.00 13.83 ? 69  ILE A CG2 1 
ATOM   504  C CD1 . ILE A 1 69  ? -2.778  -1.027  3.877   1.00 14.99 ? 69  ILE A CD1 1 
ATOM   505  N N   . GLN A 1 70  ? -3.950  4.360   3.465   1.00 14.86 ? 70  GLN A N   1 
ATOM   506  C CA  . GLN A 1 70  ? -3.507  5.744   3.411   1.00 16.85 ? 70  GLN A CA  1 
ATOM   507  C C   . GLN A 1 70  ? -4.600  6.657   3.938   1.00 17.99 ? 70  GLN A C   1 
ATOM   508  O O   . GLN A 1 70  ? -4.276  7.613   4.657   1.00 19.09 ? 70  GLN A O   1 
ATOM   509  C CB  . GLN A 1 70  ? -3.174  6.136   1.990   1.00 22.08 ? 70  GLN A CB  1 
ATOM   510  C CG  . GLN A 1 70  ? -2.375  7.399   1.780   1.00 37.53 ? 70  GLN A CG  1 
ATOM   511  C CD  . GLN A 1 70  ? -2.513  7.922   0.358   1.00 47.14 ? 70  GLN A CD  1 
ATOM   512  O OE1 . GLN A 1 70  ? -1.714  8.725   -0.123  1.00 45.11 ? 70  GLN A OE1 1 
ATOM   513  N NE2 . GLN A 1 70  ? -3.565  7.543   -0.381  1.00 52.69 ? 70  GLN A NE2 1 
ATOM   514  N N   . PHE A 1 71  ? -5.873  6.404   3.617   1.00 17.98 ? 71  PHE A N   1 
ATOM   515  C CA  . PHE A 1 71  ? -7.020  7.187   4.108   1.00 17.59 ? 71  PHE A CA  1 
ATOM   516  C C   . PHE A 1 71  ? -7.054  7.179   5.637   1.00 15.91 ? 71  PHE A C   1 
ATOM   517  O O   . PHE A 1 71  ? -7.204  8.215   6.322   1.00 16.18 ? 71  PHE A O   1 
ATOM   518  C CB  . PHE A 1 71  ? -8.327  6.629   3.492   1.00 15.88 ? 71  PHE A CB  1 
ATOM   519  C CG  . PHE A 1 71  ? -9.612  7.114   4.077   1.00 18.20 ? 71  PHE A CG  1 
ATOM   520  C CD1 . PHE A 1 71  ? -10.051 8.411   3.853   1.00 22.28 ? 71  PHE A CD1 1 
ATOM   521  C CD2 . PHE A 1 71  ? -10.362 6.294   4.914   1.00 20.67 ? 71  PHE A CD2 1 
ATOM   522  C CE1 . PHE A 1 71  ? -11.254 8.877   4.405   1.00 21.08 ? 71  PHE A CE1 1 
ATOM   523  C CE2 . PHE A 1 71  ? -11.564 6.739   5.468   1.00 17.81 ? 71  PHE A CE2 1 
ATOM   524  C CZ  . PHE A 1 71  ? -11.999 8.020   5.182   1.00 21.65 ? 71  PHE A CZ  1 
ATOM   525  N N   . TYR A 1 72  ? -6.983  6.019   6.285   1.00 14.73 ? 72  TYR A N   1 
ATOM   526  C CA  . TYR A 1 72  ? -6.973  5.895   7.728   1.00 14.46 ? 72  TYR A CA  1 
ATOM   527  C C   . TYR A 1 72  ? -5.733  6.532   8.339   1.00 17.50 ? 72  TYR A C   1 
ATOM   528  O O   . TYR A 1 72  ? -5.856  7.311   9.298   1.00 17.13 ? 72  TYR A O   1 
ATOM   529  C CB  . TYR A 1 72  ? -7.139  4.468   8.270   1.00 13.81 ? 72  TYR A CB  1 
ATOM   530  C CG  . TYR A 1 72  ? -8.559  4.050   8.539   1.00 15.02 ? 72  TYR A CG  1 
ATOM   531  C CD1 . TYR A 1 72  ? -9.244  4.294   9.753   1.00 13.84 ? 72  TYR A CD1 1 
ATOM   532  C CD2 . TYR A 1 72  ? -9.246  3.404   7.471   1.00 16.31 ? 72  TYR A CD2 1 
ATOM   533  C CE1 . TYR A 1 72  ? -10.559 3.853   9.922   1.00 13.31 ? 72  TYR A CE1 1 
ATOM   534  C CE2 . TYR A 1 72  ? -10.565 2.975   7.663   1.00 16.42 ? 72  TYR A CE2 1 
ATOM   535  C CZ  . TYR A 1 72  ? -11.212 3.192   8.874   1.00 17.67 ? 72  TYR A CZ  1 
ATOM   536  O OH  . TYR A 1 72  ? -12.534 2.787   8.969   1.00 13.07 ? 72  TYR A OH  1 
ATOM   537  N N   . LEU A 1 73  ? -4.517  6.335   7.838   1.00 18.29 ? 73  LEU A N   1 
ATOM   538  C CA  . LEU A 1 73  ? -3.318  6.941   8.418   1.00 20.50 ? 73  LEU A CA  1 
ATOM   539  C C   . LEU A 1 73  ? -3.294  8.431   8.210   1.00 20.63 ? 73  LEU A C   1 
ATOM   540  O O   . LEU A 1 73  ? -2.817  9.117   9.125   1.00 23.63 ? 73  LEU A O   1 
ATOM   541  C CB  . LEU A 1 73  ? -2.059  6.294   7.810   1.00 16.73 ? 73  LEU A CB  1 
ATOM   542  C CG  . LEU A 1 73  ? -1.847  4.815   8.121   1.00 16.05 ? 73  LEU A CG  1 
ATOM   543  C CD1 . LEU A 1 73  ? -0.745  4.297   7.239   1.00 16.20 ? 73  LEU A CD1 1 
ATOM   544  C CD2 . LEU A 1 73  ? -1.437  4.477   9.559   1.00 16.63 ? 73  LEU A CD2 1 
ATOM   545  N N   . GLU A 1 74  ? -3.782  9.003   7.136   1.00 21.04 ? 74  GLU A N   1 
ATOM   546  C CA  . GLU A 1 74  ? -3.737  10.433  6.868   1.00 26.44 ? 74  GLU A CA  1 
ATOM   547  C C   . GLU A 1 74  ? -4.977  11.257  7.111   1.00 24.43 ? 74  GLU A C   1 
ATOM   548  O O   . GLU A 1 74  ? -4.843  12.427  7.529   1.00 27.66 ? 74  GLU A O   1 
ATOM   549  C CB  . GLU A 1 74  ? -3.449  10.644  5.343   1.00 23.47 ? 74  GLU A CB  1 
ATOM   550  C CG  . GLU A 1 74  ? -1.990  10.292  5.048   1.00 26.01 ? 74  GLU A CG  1 
ATOM   551  C CD  . GLU A 1 74  ? -1.633  10.330  3.573   1.00 36.67 ? 74  GLU A CD  1 
ATOM   552  O OE1 . GLU A 1 74  ? -2.379  10.854  2.716   1.00 34.91 ? 74  GLU A OE1 1 
ATOM   553  O OE2 . GLU A 1 74  ? -0.573  9.727   3.273   1.00 46.84 ? 74  GLU A OE2 1 
ATOM   554  N N   . GLU A 1 75  ? -6.184  10.754  6.916   1.00 23.35 ? 75  GLU A N   1 
ATOM   555  C CA  . GLU A 1 75  ? -7.396  11.544  7.111   1.00 19.27 ? 75  GLU A CA  1 
ATOM   556  C C   . GLU A 1 75  ? -8.243  11.122  8.296   1.00 23.13 ? 75  GLU A C   1 
ATOM   557  O O   . GLU A 1 75  ? -9.195  11.853  8.592   1.00 22.97 ? 75  GLU A O   1 
ATOM   558  C CB  . GLU A 1 75  ? -8.321  11.290  5.910   1.00 21.97 ? 75  GLU A CB  1 
ATOM   559  C CG  . GLU A 1 75  ? -7.491  11.535  4.647   1.00 32.58 ? 75  GLU A CG  1 
ATOM   560  C CD  . GLU A 1 75  ? -8.356  11.453  3.400   1.00 52.31 ? 75  GLU A CD  1 
ATOM   561  O OE1 . GLU A 1 75  ? -9.521  11.934  3.402   1.00 55.98 ? 75  GLU A OE1 1 
ATOM   562  O OE2 . GLU A 1 75  ? -7.895  10.881  2.374   1.00 59.02 ? 75  GLU A OE2 1 
ATOM   563  N N   . VAL A 1 76  ? -8.053  9.940   8.869   1.00 17.38 ? 76  VAL A N   1 
ATOM   564  C CA  . VAL A 1 76  ? -8.839  9.552   10.029  1.00 20.01 ? 76  VAL A CA  1 
ATOM   565  C C   . VAL A 1 76  ? -8.054  9.616   11.346  1.00 19.99 ? 76  VAL A C   1 
ATOM   566  O O   . VAL A 1 76  ? -8.488  10.274  12.297  1.00 17.76 ? 76  VAL A O   1 
ATOM   567  C CB  . VAL A 1 76  ? -9.383  8.122   9.781   1.00 15.92 ? 76  VAL A CB  1 
ATOM   568  C CG1 . VAL A 1 76  ? -10.263 7.730   10.913  1.00 12.68 ? 76  VAL A CG1 1 
ATOM   569  C CG2 . VAL A 1 76  ? -10.288 8.196   8.547   1.00 12.60 ? 76  VAL A CG2 1 
ATOM   570  N N   . MET A 1 77  ? -6.927  8.922   11.492  1.00 20.88 ? 77  MET A N   1 
ATOM   571  C CA  . MET A 1 77  ? -6.082  8.788   12.682  1.00 21.28 ? 77  MET A CA  1 
ATOM   572  C C   . MET A 1 77  ? -5.495  10.078  13.249  1.00 22.62 ? 77  MET A C   1 
ATOM   573  O O   . MET A 1 77  ? -5.600  10.270  14.484  1.00 20.38 ? 77  MET A O   1 
ATOM   574  C CB  . MET A 1 77  ? -5.089  7.605   12.617  1.00 15.64 ? 77  MET A CB  1 
ATOM   575  C CG  . MET A 1 77  ? -6.000  6.334   12.477  1.00 20.20 ? 77  MET A CG  1 
ATOM   576  S SD  . MET A 1 77  ? -4.975  4.867   12.136  1.00 29.31 ? 77  MET A SD  1 
ATOM   577  C CE  . MET A 1 77  ? -5.527  3.783   13.430  1.00 29.55 ? 77  MET A CE  1 
ATOM   578  N N   . PRO A 1 78  ? -5.034  10.998  12.430  1.00 23.97 ? 78  PRO A N   1 
ATOM   579  C CA  . PRO A 1 78  ? -4.531  12.279  12.953  1.00 27.76 ? 78  PRO A CA  1 
ATOM   580  C C   . PRO A 1 78  ? -5.597  13.047  13.738  1.00 29.78 ? 78  PRO A C   1 
ATOM   581  O O   . PRO A 1 78  ? -5.259  13.655  14.776  1.00 28.58 ? 78  PRO A O   1 
ATOM   582  C CB  . PRO A 1 78  ? -3.938  12.969  11.711  1.00 26.84 ? 78  PRO A CB  1 
ATOM   583  C CG  . PRO A 1 78  ? -3.713  11.851  10.732  1.00 27.03 ? 78  PRO A CG  1 
ATOM   584  C CD  . PRO A 1 78  ? -4.864  10.906  10.975  1.00 24.43 ? 78  PRO A CD  1 
ATOM   585  N N   . GLN A 1 79  ? -6.897  13.072  13.392  1.00 28.69 ? 79  GLN A N   1 
ATOM   586  C CA  . GLN A 1 79  ? -7.881  13.761  14.228  1.00 27.76 ? 79  GLN A CA  1 
ATOM   587  C C   . GLN A 1 79  ? -8.375  12.855  15.336  1.00 27.28 ? 79  GLN A C   1 
ATOM   588  O O   . GLN A 1 79  ? -8.786  13.281  16.429  1.00 29.03 ? 79  GLN A O   1 
ATOM   589  C CB  . GLN A 1 79  ? -9.071  14.135  13.334  1.00 30.25 ? 79  GLN A CB  1 
ATOM   590  C CG  . GLN A 1 79  ? -8.620  15.419  12.629  1.00 50.17 ? 79  GLN A CG  1 
ATOM   591  C CD  . GLN A 1 79  ? -9.264  15.451  11.249  1.00 65.06 ? 79  GLN A CD  1 
ATOM   592  O OE1 . GLN A 1 79  ? -9.718  16.486  10.733  1.00 71.17 ? 79  GLN A OE1 1 
ATOM   593  N NE2 . GLN A 1 79  ? -9.295  14.223  10.720  1.00 67.57 ? 79  GLN A NE2 1 
ATOM   594  N N   . ALA A 1 80  ? -8.450  11.524  15.080  1.00 20.96 ? 80  ALA A N   1 
ATOM   595  C CA  . ALA A 1 80  ? -8.965  10.737  16.211  1.00 18.47 ? 80  ALA A CA  1 
ATOM   596  C C   . ALA A 1 80  ? -8.037  10.803  17.429  1.00 19.39 ? 80  ALA A C   1 
ATOM   597  O O   . ALA A 1 80  ? -8.470  10.723  18.594  1.00 21.66 ? 80  ALA A O   1 
ATOM   598  C CB  . ALA A 1 80  ? -8.987  9.261   15.784  1.00 21.97 ? 80  ALA A CB  1 
ATOM   599  N N   . GLU A 1 81  ? -6.729  10.822  17.161  1.00 21.04 ? 81  GLU A N   1 
ATOM   600  C CA  . GLU A 1 81  ? -5.718  10.779  18.223  1.00 22.74 ? 81  GLU A CA  1 
ATOM   601  C C   . GLU A 1 81  ? -5.806  11.983  19.160  1.00 23.96 ? 81  GLU A C   1 
ATOM   602  O O   . GLU A 1 81  ? -5.436  11.902  20.347  1.00 23.78 ? 81  GLU A O   1 
ATOM   603  C CB  . GLU A 1 81  ? -4.282  10.613  17.715  1.00 18.75 ? 81  GLU A CB  1 
ATOM   604  C CG  . GLU A 1 81  ? -3.766  11.907  17.135  1.00 29.69 ? 81  GLU A CG  1 
ATOM   605  C CD  . GLU A 1 81  ? -2.288  11.822  16.755  1.00 39.93 ? 81  GLU A CD  1 
ATOM   606  O OE1 . GLU A 1 81  ? -1.989  11.377  15.620  1.00 41.30 ? 81  GLU A OE1 1 
ATOM   607  O OE2 . GLU A 1 81  ? -1.488  12.211  17.643  1.00 41.93 ? 81  GLU A OE2 1 
ATOM   608  N N   . ASN A 1 82  ? -6.290  13.073  18.576  1.00 20.73 ? 82  ASN A N   1 
ATOM   609  C CA  . ASN A 1 82  ? -6.440  14.305  19.368  1.00 24.75 ? 82  ASN A CA  1 
ATOM   610  C C   . ASN A 1 82  ? -7.790  14.487  20.032  1.00 24.43 ? 82  ASN A C   1 
ATOM   611  O O   . ASN A 1 82  ? -8.019  15.563  20.570  1.00 27.62 ? 82  ASN A O   1 
ATOM   612  C CB  . ASN A 1 82  ? -6.079  15.553  18.540  1.00 31.57 ? 82  ASN A CB  1 
ATOM   613  C CG  . ASN A 1 82  ? -4.560  15.515  18.342  1.00 38.04 ? 82  ASN A CG  1 
ATOM   614  O OD1 . ASN A 1 82  ? -3.706  15.219  19.199  1.00 41.57 ? 82  ASN A OD1 1 
ATOM   615  N ND2 . ASN A 1 82  ? -4.048  15.761  17.140  1.00 41.96 ? 82  ASN A ND2 1 
ATOM   616  N N   . GLN A 1 83  ? -8.684  13.488  20.051  1.00 23.94 ? 83  GLN A N   1 
ATOM   617  C CA  . GLN A 1 83  ? -9.990  13.504  20.644  1.00 23.36 ? 83  GLN A CA  1 
ATOM   618  C C   . GLN A 1 83  ? -9.914  13.393  22.175  1.00 24.28 ? 83  GLN A C   1 
ATOM   619  O O   . GLN A 1 83  ? -10.878 13.830  22.870  1.00 25.46 ? 83  GLN A O   1 
ATOM   620  C CB  . GLN A 1 83  ? -10.824 12.314  20.183  1.00 25.58 ? 83  GLN A CB  1 
ATOM   621  C CG  . GLN A 1 83  ? -11.425 12.233  18.806  1.00 36.29 ? 83  GLN A CG  1 
ATOM   622  C CD  . GLN A 1 83  ? -11.742 13.608  18.234  1.00 45.07 ? 83  GLN A CD  1 
ATOM   623  O OE1 . GLN A 1 83  ? -10.925 14.147  17.471  1.00 53.90 ? 83  GLN A OE1 1 
ATOM   624  N NE2 . GLN A 1 83  ? -12.902 14.163  18.589  1.00 40.35 ? 83  GLN A NE2 1 
ATOM   625  N N   . ASP A 1 84  ? -8.859  12.819  22.742  1.00 21.58 ? 84  ASP A N   1 
ATOM   626  C CA  . ASP A 1 84  ? -8.833  12.749  24.242  1.00 25.75 ? 84  ASP A CA  1 
ATOM   627  C C   . ASP A 1 84  ? -7.392  12.443  24.614  1.00 25.31 ? 84  ASP A C   1 
ATOM   628  O O   . ASP A 1 84  ? -6.759  11.669  23.879  1.00 25.04 ? 84  ASP A O   1 
ATOM   629  C CB  . ASP A 1 84  ? -9.797  11.674  24.765  1.00 27.61 ? 84  ASP A CB  1 
ATOM   630  C CG  . ASP A 1 84  ? -9.692  11.509  26.269  1.00 31.25 ? 84  ASP A CG  1 
ATOM   631  O OD1 . ASP A 1 84  ? -8.810  10.856  26.859  1.00 29.36 ? 84  ASP A OD1 1 
ATOM   632  O OD2 . ASP A 1 84  ? -10.538 12.083  26.973  1.00 36.63 ? 84  ASP A OD2 1 
ATOM   633  N N   . PRO A 1 85  ? -6.856  12.992  25.705  1.00 24.96 ? 85  PRO A N   1 
ATOM   634  C CA  . PRO A 1 85  ? -5.434  12.721  25.975  1.00 24.44 ? 85  PRO A CA  1 
ATOM   635  C C   . PRO A 1 85  ? -5.155  11.249  26.301  1.00 24.47 ? 85  PRO A C   1 
ATOM   636  O O   . PRO A 1 85  ? -3.986  10.794  26.200  1.00 24.21 ? 85  PRO A O   1 
ATOM   637  C CB  . PRO A 1 85  ? -5.095  13.705  27.115  1.00 24.28 ? 85  PRO A CB  1 
ATOM   638  C CG  . PRO A 1 85  ? -6.403  14.100  27.718  1.00 23.93 ? 85  PRO A CG  1 
ATOM   639  C CD  . PRO A 1 85  ? -7.474  13.965  26.642  1.00 25.24 ? 85  PRO A CD  1 
ATOM   640  N N   . ASP A 1 86  ? -6.188  10.521  26.800  1.00 20.48 ? 86  ASP A N   1 
ATOM   641  C CA  . ASP A 1 86  ? -5.872  9.146   27.140  1.00 18.30 ? 86  ASP A CA  1 
ATOM   642  C C   . ASP A 1 86  ? -6.077  8.132   26.019  1.00 20.49 ? 86  ASP A C   1 
ATOM   643  O O   . ASP A 1 86  ? -5.759  6.943   26.239  1.00 21.06 ? 86  ASP A O   1 
ATOM   644  C CB  . ASP A 1 86  ? -6.570  8.594   28.362  1.00 21.58 ? 86  ASP A CB  1 
ATOM   645  C CG  . ASP A 1 86  ? -5.972  9.112   29.663  1.00 31.25 ? 86  ASP A CG  1 
ATOM   646  O OD1 . ASP A 1 86  ? -4.737  9.252   29.773  1.00 26.56 ? 86  ASP A OD1 1 
ATOM   647  O OD2 . ASP A 1 86  ? -6.766  9.368   30.599  1.00 30.49 ? 86  ASP A OD2 1 
ATOM   648  N N   . ILE A 1 87  ? -6.588  8.593   24.890  1.00 20.55 ? 87  ILE A N   1 
ATOM   649  C CA  . ILE A 1 87  ? -6.712  7.637   23.802  1.00 19.95 ? 87  ILE A CA  1 
ATOM   650  C C   . ILE A 1 87  ? -5.577  7.956   22.853  1.00 17.33 ? 87  ILE A C   1 
ATOM   651  O O   . ILE A 1 87  ? -5.382  7.098   21.993  1.00 18.35 ? 87  ILE A O   1 
ATOM   652  C CB  . ILE A 1 87  ? -8.007  7.466   22.961  1.00 25.99 ? 87  ILE A CB  1 
ATOM   653  C CG1 . ILE A 1 87  ? -8.671  8.756   22.601  1.00 28.64 ? 87  ILE A CG1 1 
ATOM   654  C CG2 . ILE A 1 87  ? -8.976  6.368   23.455  1.00 28.15 ? 87  ILE A CG2 1 
ATOM   655  C CD1 . ILE A 1 87  ? -7.839  9.415   21.531  1.00 27.91 ? 87  ILE A CD1 1 
ATOM   656  N N   . LYS A 1 88  ? -4.762  8.981   22.948  1.00 14.72 ? 88  LYS A N   1 
ATOM   657  C CA  . LYS A 1 88  ? -3.748  9.243   21.926  1.00 16.76 ? 88  LYS A CA  1 
ATOM   658  C C   . LYS A 1 88  ? -2.695  8.125   21.793  1.00 20.93 ? 88  LYS A C   1 
ATOM   659  O O   . LYS A 1 88  ? -2.444  7.784   20.616  1.00 19.41 ? 88  LYS A O   1 
ATOM   660  C CB  A LYS A 1 88  ? -3.079  10.603  22.178  0.50 18.93 ? 88  LYS A CB  1 
ATOM   661  C CB  B LYS A 1 88  ? -2.981  10.544  22.218  0.50 12.42 ? 88  LYS A CB  1 
ATOM   662  C CG  A LYS A 1 88  ? -2.313  11.177  21.007  0.50 21.67 ? 88  LYS A CG  1 
ATOM   663  C CG  B LYS A 1 88  ? -1.817  10.973  21.342  0.50 10.10 ? 88  LYS A CG  1 
ATOM   664  C CD  A LYS A 1 88  ? -2.090  12.676  21.113  0.50 29.12 ? 88  LYS A CD  1 
ATOM   665  C CD  B LYS A 1 88  ? -1.288  12.306  21.850  0.50 15.01 ? 88  LYS A CD  1 
ATOM   666  C CE  A LYS A 1 88  ? -0.863  13.065  20.289  0.50 35.87 ? 88  LYS A CE  1 
ATOM   667  C CE  B LYS A 1 88  ? -0.461  13.115  20.868  0.50 12.79 ? 88  LYS A CE  1 
ATOM   668  N NZ  A LYS A 1 88  ? 0.314   12.184  20.540  0.50 34.61 ? 88  LYS A NZ  1 
ATOM   669  N NZ  B LYS A 1 88  ? -1.248  13.665  19.712  0.50 15.98 ? 88  LYS A NZ  1 
ATOM   670  N N   . ALA A 1 89  ? -2.139  7.578   22.875  1.00 17.68 ? 89  ALA A N   1 
ATOM   671  C CA  . ALA A 1 89  ? -1.092  6.561   22.650  1.00 22.31 ? 89  ALA A CA  1 
ATOM   672  C C   . ALA A 1 89  ? -1.633  5.312   21.948  1.00 20.23 ? 89  ALA A C   1 
ATOM   673  O O   . ALA A 1 89  ? -0.973  4.694   21.085  1.00 18.53 ? 89  ALA A O   1 
ATOM   674  C CB  . ALA A 1 89  ? -0.419  6.220   23.977  1.00 18.04 ? 89  ALA A CB  1 
ATOM   675  N N   . HIS A 1 90  ? -2.821  4.908   22.347  1.00 19.21 ? 90  HIS A N   1 
ATOM   676  C CA  . HIS A 1 90  ? -3.503  3.742   21.772  1.00 19.11 ? 90  HIS A CA  1 
ATOM   677  C C   . HIS A 1 90  ? -3.886  3.941   20.311  1.00 19.79 ? 90  HIS A C   1 
ATOM   678  O O   . HIS A 1 90  ? -3.723  3.005   19.541  1.00 16.23 ? 90  HIS A O   1 
ATOM   679  C CB  . HIS A 1 90  ? -4.641  3.294   22.675  1.00 20.87 ? 90  HIS A CB  1 
ATOM   680  C CG  . HIS A 1 90  ? -4.160  2.623   23.952  1.00 23.99 ? 90  HIS A CG  1 
ATOM   681  N ND1 . HIS A 1 90  ? -4.994  2.589   25.068  1.00 24.95 ? 90  HIS A ND1 1 
ATOM   682  C CD2 . HIS A 1 90  ? -2.989  2.003   24.314  1.00 25.80 ? 90  HIS A CD2 1 
ATOM   683  C CE1 . HIS A 1 90  ? -4.377  1.953   26.039  1.00 22.35 ? 90  HIS A CE1 1 
ATOM   684  N NE2 . HIS A 1 90  ? -3.162  1.595   25.627  1.00 23.68 ? 90  HIS A NE2 1 
ATOM   685  N N   . VAL A 1 91  ? -4.376  5.069   19.851  1.00 18.12 ? 91  VAL A N   1 
ATOM   686  C CA  . VAL A 1 91  ? -4.634  5.368   18.464  1.00 17.76 ? 91  VAL A CA  1 
ATOM   687  C C   . VAL A 1 91  ? -3.283  5.425   17.722  1.00 19.88 ? 91  VAL A C   1 
ATOM   688  O O   . VAL A 1 91  ? -3.141  4.860   16.621  1.00 17.25 ? 91  VAL A O   1 
ATOM   689  C CB  . VAL A 1 91  ? -5.341  6.717   18.237  1.00 15.85 ? 91  VAL A CB  1 
ATOM   690  C CG1 . VAL A 1 91  ? -5.557  7.061   16.759  1.00 15.87 ? 91  VAL A CG1 1 
ATOM   691  C CG2 . VAL A 1 91  ? -6.810  6.594   18.683  1.00 12.92 ? 91  VAL A CG2 1 
ATOM   692  N N   . ASN A 1 92  ? -2.154  5.926   18.279  1.00 15.55 ? 92  ASN A N   1 
ATOM   693  C CA  . ASN A 1 92  ? -0.939  5.913   17.466  1.00 15.63 ? 92  ASN A CA  1 
ATOM   694  C C   . ASN A 1 92  ? -0.390  4.481   17.454  1.00 14.56 ? 92  ASN A C   1 
ATOM   695  O O   . ASN A 1 92  ? 0.293   4.120   16.473  1.00 15.74 ? 92  ASN A O   1 
ATOM   696  C CB  . ASN A 1 92  ? 0.077   6.844   18.205  1.00 24.72 ? 92  ASN A CB  1 
ATOM   697  C CG  . ASN A 1 92  ? -0.291  8.306   17.979  1.00 29.45 ? 92  ASN A CG  1 
ATOM   698  O OD1 . ASN A 1 92  ? 0.280   9.222   18.564  1.00 38.92 ? 92  ASN A OD1 1 
ATOM   699  N ND2 . ASN A 1 92  ? -1.279  8.663   17.186  1.00 35.28 ? 92  ASN A ND2 1 
ATOM   700  N N   . SER A 1 93  ? -0.623  3.665   18.482  1.00 13.96 ? 93  SER A N   1 
ATOM   701  C CA  . SER A 1 93  ? -0.134  2.280   18.417  1.00 16.08 ? 93  SER A CA  1 
ATOM   702  C C   . SER A 1 93  ? -0.927  1.486   17.365  1.00 17.39 ? 93  SER A C   1 
ATOM   703  O O   . SER A 1 93  ? -0.323  0.685   16.612  1.00 18.84 ? 93  SER A O   1 
ATOM   704  C CB  . SER A 1 93  ? -0.366  1.559   19.736  1.00 21.80 ? 93  SER A CB  1 
ATOM   705  O OG  . SER A 1 93  ? 0.647   2.161   20.600  1.00 30.67 ? 93  SER A OG  1 
ATOM   706  N N   . LEU A 1 94  ? -2.254  1.702   17.372  1.00 16.23 ? 94  LEU A N   1 
ATOM   707  C CA  . LEU A 1 94  ? -3.071  1.067   16.333  1.00 15.81 ? 94  LEU A CA  1 
ATOM   708  C C   . LEU A 1 94  ? -2.503  1.456   14.984  1.00 13.60 ? 94  LEU A C   1 
ATOM   709  O O   . LEU A 1 94  ? -2.439  0.564   14.097  1.00 14.31 ? 94  LEU A O   1 
ATOM   710  C CB  . LEU A 1 94  ? -4.496  1.662   16.401  1.00 16.64 ? 94  LEU A CB  1 
ATOM   711  C CG  . LEU A 1 94  ? -5.510  1.051   15.410  1.00 16.38 ? 94  LEU A CG  1 
ATOM   712  C CD1 . LEU A 1 94  ? -5.559  -0.459  15.528  1.00 15.56 ? 94  LEU A CD1 1 
ATOM   713  C CD2 . LEU A 1 94  ? -6.912  1.611   15.614  1.00 12.72 ? 94  LEU A CD2 1 
ATOM   714  N N   . GLY A 1 95  ? -2.088  2.688   14.679  1.00 13.91 ? 95  GLY A N   1 
ATOM   715  C CA  . GLY A 1 95  ? -1.516  3.127   13.429  1.00 15.52 ? 95  GLY A CA  1 
ATOM   716  C C   . GLY A 1 95  ? -0.211  2.433   13.070  1.00 18.53 ? 95  GLY A C   1 
ATOM   717  O O   . GLY A 1 95  ? 0.077   2.081   11.916  1.00 17.93 ? 95  GLY A O   1 
ATOM   718  N N   . GLU A 1 96  ? 0.620   2.232   14.094  1.00 18.99 ? 96  GLU A N   1 
ATOM   719  C CA  . GLU A 1 96  ? 1.866   1.502   13.935  1.00 20.69 ? 96  GLU A CA  1 
ATOM   720  C C   . GLU A 1 96  ? 1.628   0.046   13.598  1.00 17.24 ? 96  GLU A C   1 
ATOM   721  O O   . GLU A 1 96  ? 2.401   -0.416  12.757  1.00 20.76 ? 96  GLU A O   1 
ATOM   722  C CB  . GLU A 1 96  ? 2.779   1.411   15.199  1.00 27.70 ? 96  GLU A CB  1 
ATOM   723  C CG  . GLU A 1 96  ? 3.307   2.800   15.476  1.00 24.87 ? 96  GLU A CG  1 
ATOM   724  C CD  . GLU A 1 96  ? 4.090   3.330   14.291  1.00 27.49 ? 96  GLU A CD  1 
ATOM   725  O OE1 . GLU A 1 96  ? 4.999   2.543   13.955  1.00 25.74 ? 96  GLU A OE1 1 
ATOM   726  O OE2 . GLU A 1 96  ? 3.799   4.424   13.748  1.00 33.54 ? 96  GLU A OE2 1 
ATOM   727  N N   . ASN A 1 97  ? 0.706   -0.656  14.213  1.00 18.98 ? 97  ASN A N   1 
ATOM   728  C CA  . ASN A 1 97  ? 0.457   -2.050  13.843  1.00 17.94 ? 97  ASN A CA  1 
ATOM   729  C C   . ASN A 1 97  ? -0.049  -2.011  12.367  1.00 16.57 ? 97  ASN A C   1 
ATOM   730  O O   . ASN A 1 97  ? 0.385   -2.952  11.656  1.00 15.95 ? 97  ASN A O   1 
ATOM   731  C CB  . ASN A 1 97  ? -0.639  -2.760  14.623  1.00 15.38 ? 97  ASN A CB  1 
ATOM   732  C CG  . ASN A 1 97  ? -0.304  -3.310  15.968  1.00 20.08 ? 97  ASN A CG  1 
ATOM   733  O OD1 . ASN A 1 97  ? -0.056  -2.556  16.921  1.00 27.92 ? 97  ASN A OD1 1 
ATOM   734  N ND2 . ASN A 1 97  ? -0.153  -4.616  16.126  1.00 19.94 ? 97  ASN A ND2 1 
ATOM   735  N N   . LEU A 1 98  ? -0.871  -1.020  11.957  1.00 14.92 ? 98  LEU A N   1 
ATOM   736  C CA  . LEU A 1 98  ? -1.352  -0.961  10.579  1.00 13.55 ? 98  LEU A CA  1 
ATOM   737  C C   . LEU A 1 98  ? -0.194  -0.751  9.621   1.00 14.75 ? 98  LEU A C   1 
ATOM   738  O O   . LEU A 1 98  ? -0.070  -1.370  8.571   1.00 14.46 ? 98  LEU A O   1 
ATOM   739  C CB  . LEU A 1 98  ? -2.461  0.064   10.402  1.00 12.25 ? 98  LEU A CB  1 
ATOM   740  C CG  . LEU A 1 98  ? -3.080  0.267   9.002   1.00 17.18 ? 98  LEU A CG  1 
ATOM   741  C CD1 . LEU A 1 98  ? -3.816  -1.005  8.572   1.00 15.60 ? 98  LEU A CD1 1 
ATOM   742  C CD2 . LEU A 1 98  ? -4.133  1.370   9.078   1.00 15.36 ? 98  LEU A CD2 1 
ATOM   743  N N   . LYS A 1 99  ? 0.780   0.144   9.951   1.00 16.55 ? 99  LYS A N   1 
ATOM   744  C CA  . LYS A 1 99  ? 1.940   0.359   9.121   1.00 15.60 ? 99  LYS A CA  1 
ATOM   745  C C   . LYS A 1 99  ? 2.863   -0.877  9.149   1.00 13.78 ? 99  LYS A C   1 
ATOM   746  O O   . LYS A 1 99  ? 3.480   -1.120  8.091   1.00 12.98 ? 99  LYS A O   1 
ATOM   747  C CB  . LYS A 1 99  ? 2.817   1.497   9.696   1.00 17.83 ? 99  LYS A CB  1 
ATOM   748  C CG  . LYS A 1 99  ? 2.160   2.863   9.565   1.00 23.60 ? 99  LYS A CG  1 
ATOM   749  C CD  . LYS A 1 99  ? 3.162   3.921   10.064  1.00 26.85 ? 99  LYS A CD  1 
ATOM   750  C CE  . LYS A 1 99  ? 2.511   5.273   9.879   1.00 33.31 ? 99  LYS A CE  1 
ATOM   751  N NZ  . LYS A 1 99  ? 3.262   6.402   10.479  1.00 41.81 ? 99  LYS A NZ  1 
ATOM   752  N N   . THR A 1 100 ? 2.992   -1.654  10.197  1.00 15.07 ? 100 THR A N   1 
ATOM   753  C CA  . THR A 1 100 ? 3.882   -2.814  10.292  1.00 12.95 ? 100 THR A CA  1 
ATOM   754  C C   . THR A 1 100 ? 3.374   -3.922  9.380   1.00 14.79 ? 100 THR A C   1 
ATOM   755  O O   . THR A 1 100 ? 4.095   -4.678  8.659   1.00 14.03 ? 100 THR A O   1 
ATOM   756  C CB  . THR A 1 100 ? 4.104   -3.300  11.726  1.00 17.37 ? 100 THR A CB  1 
ATOM   757  O OG1 . THR A 1 100 ? 4.810   -2.297  12.509  1.00 24.51 ? 100 THR A OG1 1 
ATOM   758  C CG2 . THR A 1 100 ? 4.973   -4.572  11.804  1.00 17.48 ? 100 THR A CG2 1 
ATOM   759  N N   . LEU A 1 101 ? 2.005   -3.994  9.378   1.00 14.09 ? 101 LEU A N   1 
ATOM   760  C CA  . LEU A 1 101 ? 1.343   -4.999  8.489   1.00 13.24 ? 101 LEU A CA  1 
ATOM   761  C C   . LEU A 1 101 ? 1.535   -4.672  6.997   1.00 13.18 ? 101 LEU A C   1 
ATOM   762  O O   . LEU A 1 101 ? 1.918   -5.478  6.108   1.00 13.51 ? 101 LEU A O   1 
ATOM   763  C CB  . LEU A 1 101 ? -0.141  -5.230  8.881   1.00 14.23 ? 101 LEU A CB  1 
ATOM   764  C CG  . LEU A 1 101 ? -0.919  -6.155  7.907   1.00 14.47 ? 101 LEU A CG  1 
ATOM   765  C CD1 . LEU A 1 101 ? -0.402  -7.596  7.950   1.00 14.84 ? 101 LEU A CD1 1 
ATOM   766  C CD2 . LEU A 1 101 ? -2.381  -6.201  8.357   1.00 17.08 ? 101 LEU A CD2 1 
ATOM   767  N N   . ARG A 1 102 ? 1.311   -3.424  6.614   1.00 12.14 ? 102 ARG A N   1 
ATOM   768  C CA  . ARG A 1 102 ? 1.491   -2.856  5.321   1.00 14.55 ? 102 ARG A CA  1 
ATOM   769  C C   . ARG A 1 102 ? 2.919   -3.173  4.801   1.00 15.47 ? 102 ARG A C   1 
ATOM   770  O O   . ARG A 1 102 ? 3.101   -3.666  3.683   1.00 12.16 ? 102 ARG A O   1 
ATOM   771  C CB  . ARG A 1 102 ? 1.248   -1.327  5.312   1.00 11.27 ? 102 ARG A CB  1 
ATOM   772  C CG  . ARG A 1 102 ? 1.501   -0.872  3.861   1.00 12.06 ? 102 ARG A CG  1 
ATOM   773  C CD  . ARG A 1 102 ? 1.219   0.565   3.534   1.00 21.70 ? 102 ARG A CD  1 
ATOM   774  N NE  . ARG A 1 102 ? 1.796   1.586   4.342   1.00 26.16 ? 102 ARG A NE  1 
ATOM   775  C CZ  . ARG A 1 102 ? 1.469   2.902   4.459   1.00 32.67 ? 102 ARG A CZ  1 
ATOM   776  N NH1 . ARG A 1 102 ? 0.515   3.574   3.802   1.00 21.79 ? 102 ARG A NH1 1 
ATOM   777  N NH2 . ARG A 1 102 ? 2.187   3.589   5.379   1.00 29.79 ? 102 ARG A NH2 1 
ATOM   778  N N   . LEU A 1 103 ? 3.898   -2.953  5.719   1.00 13.75 ? 103 LEU A N   1 
ATOM   779  C CA  . LEU A 1 103 ? 5.306   -3.205  5.339   1.00 14.49 ? 103 LEU A CA  1 
ATOM   780  C C   . LEU A 1 103 ? 5.581   -4.661  5.110   1.00 12.44 ? 103 LEU A C   1 
ATOM   781  O O   . LEU A 1 103 ? 6.355   -4.841  4.173   1.00 15.24 ? 103 LEU A O   1 
ATOM   782  C CB  . LEU A 1 103 ? 6.209   -2.710  6.477   1.00 20.16 ? 103 LEU A CB  1 
ATOM   783  C CG  . LEU A 1 103 ? 7.618   -2.296  6.010   1.00 41.45 ? 103 LEU A CG  1 
ATOM   784  C CD1 . LEU A 1 103 ? 7.426   -1.036  5.151   1.00 44.91 ? 103 LEU A CD1 1 
ATOM   785  C CD2 . LEU A 1 103 ? 8.513   -1.943  7.206   1.00 40.27 ? 103 LEU A CD2 1 
ATOM   786  N N   . ARG A 1 104 ? 4.994   -5.543  5.903   1.00 11.08 ? 104 ARG A N   1 
ATOM   787  C CA  . ARG A 1 104 ? 5.244   -6.990  5.694   1.00 12.92 ? 104 ARG A CA  1 
ATOM   788  C C   . ARG A 1 104 ? 4.682   -7.450  4.341   1.00 15.00 ? 104 ARG A C   1 
ATOM   789  O O   . ARG A 1 104 ? 5.299   -8.222  3.616   1.00 12.35 ? 104 ARG A O   1 
ATOM   790  C CB  . ARG A 1 104 ? 4.564   -7.682  6.862   1.00 15.34 ? 104 ARG A CB  1 
ATOM   791  C CG  . ARG A 1 104 ? 4.541   -9.185  7.020   1.00 15.71 ? 104 ARG A CG  1 
ATOM   792  C CD  . ARG A 1 104 ? 5.884   -9.679  7.523   1.00 19.20 ? 104 ARG A CD  1 
ATOM   793  N NE  . ARG A 1 104 ? 6.016   -11.082 7.924   1.00 16.07 ? 104 ARG A NE  1 
ATOM   794  C CZ  . ARG A 1 104 ? 7.174   -11.726 8.080   1.00 16.33 ? 104 ARG A CZ  1 
ATOM   795  N NH1 . ARG A 1 104 ? 8.366   -11.196 7.858   1.00 18.24 ? 104 ARG A NH1 1 
ATOM   796  N NH2 . ARG A 1 104 ? 7.069   -12.965 8.520   1.00 16.47 ? 104 ARG A NH2 1 
ATOM   797  N N   . LEU A 1 105 ? 3.456   -7.038  3.990   1.00 15.32 ? 105 LEU A N   1 
ATOM   798  C CA  . LEU A 1 105 ? 2.859   -7.436  2.684   1.00 10.83 ? 105 LEU A CA  1 
ATOM   799  C C   . LEU A 1 105 ? 3.653   -6.776  1.554   1.00 12.07 ? 105 LEU A C   1 
ATOM   800  O O   . LEU A 1 105 ? 3.831   -7.471  0.522   1.00 15.98 ? 105 LEU A O   1 
ATOM   801  C CB  . LEU A 1 105 ? 1.422   -6.891  2.615   1.00 11.79 ? 105 LEU A CB  1 
ATOM   802  C CG  . LEU A 1 105 ? 0.482   -7.321  3.773   1.00 10.87 ? 105 LEU A CG  1 
ATOM   803  C CD1 . LEU A 1 105 ? -0.920  -6.703  3.518   1.00 10.44 ? 105 LEU A CD1 1 
ATOM   804  C CD2 . LEU A 1 105 ? 0.324   -8.853  3.762   1.00 15.53 ? 105 LEU A CD2 1 
ATOM   805  N N   . ARG A 1 106 ? 4.119   -5.535  1.667   1.00 12.53 ? 106 ARG A N   1 
ATOM   806  C CA  . ARG A 1 106 ? 4.871   -4.944  0.570   1.00 13.16 ? 106 ARG A CA  1 
ATOM   807  C C   . ARG A 1 106 ? 6.216   -5.635  0.357   1.00 16.37 ? 106 ARG A C   1 
ATOM   808  O O   . ARG A 1 106 ? 6.652   -5.976  -0.732  1.00 15.48 ? 106 ARG A O   1 
ATOM   809  C CB  . ARG A 1 106 ? 5.116   -3.480  0.914   1.00 15.93 ? 106 ARG A CB  1 
ATOM   810  C CG  A ARG A 1 106 ? 5.393   -2.650  -0.330  0.50 15.86 ? 106 ARG A CG  1 
ATOM   811  C CG  B ARG A 1 106 ? 6.015   -2.645  0.040   0.50 11.65 ? 106 ARG A CG  1 
ATOM   812  C CD  A ARG A 1 106 ? 5.818   -1.246  0.030   0.50 17.70 ? 106 ARG A CD  1 
ATOM   813  C CD  B ARG A 1 106 ? 6.438   -1.403  0.834   0.50 11.08 ? 106 ARG A CD  1 
ATOM   814  N NE  A ARG A 1 106 ? 6.776   -0.572  -0.824  0.50 23.41 ? 106 ARG A NE  1 
ATOM   815  N NE  B ARG A 1 106 ? 5.371   -0.468  1.105   0.50 17.97 ? 106 ARG A NE  1 
ATOM   816  C CZ  A ARG A 1 106 ? 7.011   0.732   -0.935  0.50 23.04 ? 106 ARG A CZ  1 
ATOM   817  C CZ  B ARG A 1 106 ? 5.311   0.589   1.924   0.50 20.51 ? 106 ARG A CZ  1 
ATOM   818  N NH1 A ARG A 1 106 ? 6.307   1.536   -0.162  0.50 23.02 ? 106 ARG A NH1 1 
ATOM   819  N NH1 B ARG A 1 106 ? 6.332   0.951   2.696   0.50 25.45 ? 106 ARG A NH1 1 
ATOM   820  N NH2 A ARG A 1 106 ? 7.923   1.284   -1.746  0.50 25.88 ? 106 ARG A NH2 1 
ATOM   821  N NH2 B ARG A 1 106 ? 4.188   1.280   1.937   0.50 10.08 ? 106 ARG A NH2 1 
ATOM   822  N N   . ARG A 1 107 ? 6.946   -6.023  1.394   1.00 17.05 ? 107 ARG A N   1 
ATOM   823  C CA  . ARG A 1 107 ? 8.264   -6.617  1.328   1.00 18.54 ? 107 ARG A CA  1 
ATOM   824  C C   . ARG A 1 107 ? 8.317   -8.094  1.031   1.00 18.65 ? 107 ARG A C   1 
ATOM   825  O O   . ARG A 1 107 ? 9.322   -8.481  0.447   1.00 22.64 ? 107 ARG A O   1 
ATOM   826  C CB  . ARG A 1 107 ? 9.053   -6.480  2.685   1.00 24.05 ? 107 ARG A CB  1 
ATOM   827  C CG  . ARG A 1 107 ? 9.284   -4.996  2.946   1.00 31.12 ? 107 ARG A CG  1 
ATOM   828  C CD  . ARG A 1 107 ? 9.803   -4.615  4.310   1.00 50.73 ? 107 ARG A CD  1 
ATOM   829  N NE  . ARG A 1 107 ? 10.339  -3.247  4.385   1.00 61.33 ? 107 ARG A NE  1 
ATOM   830  C CZ  . ARG A 1 107 ? 11.046  -2.841  5.454   1.00 67.24 ? 107 ARG A CZ  1 
ATOM   831  N NH1 . ARG A 1 107 ? 11.259  -3.693  6.456   1.00 65.45 ? 107 ARG A NH1 1 
ATOM   832  N NH2 . ARG A 1 107 ? 11.493  -1.585  5.468   1.00 69.38 ? 107 ARG A NH2 1 
ATOM   833  N N   . CYS A 1 108 ? 7.311   -8.841  1.404   1.00 14.83 ? 108 CYS A N   1 
ATOM   834  C CA  . CYS A 1 108 ? 7.385   -10.284 1.253   1.00 15.67 ? 108 CYS A CA  1 
ATOM   835  C C   . CYS A 1 108 ? 6.549   -10.894 0.166   1.00 14.94 ? 108 CYS A C   1 
ATOM   836  O O   . CYS A 1 108 ? 5.310   -10.968 0.144   1.00 12.68 ? 108 CYS A O   1 
ATOM   837  C CB  . CYS A 1 108 ? 6.978   -10.915 2.618   1.00 11.75 ? 108 CYS A CB  1 
ATOM   838  S SG  . CYS A 1 108 ? 8.076   -10.403 3.980   1.00 17.30 ? 108 CYS A SG  1 
ATOM   839  N N   . HIS A 1 109 ? 7.263   -11.429 -0.841  1.00 13.38 ? 109 HIS A N   1 
ATOM   840  C CA  . HIS A 1 109 ? 6.661   -12.216 -1.914  1.00 11.40 ? 109 HIS A CA  1 
ATOM   841  C C   . HIS A 1 109 ? 5.443   -11.604 -2.603  1.00 12.96 ? 109 HIS A C   1 
ATOM   842  O O   . HIS A 1 109 ? 4.492   -12.315 -2.905  1.00 14.24 ? 109 HIS A O   1 
ATOM   843  C CB  . HIS A 1 109 ? 6.321   -13.668 -1.461  1.00 14.79 ? 109 HIS A CB  1 
ATOM   844  C CG  . HIS A 1 109 ? 7.585   -14.480 -1.189  1.00 16.25 ? 109 HIS A CG  1 
ATOM   845  N ND1 . HIS A 1 109 ? 8.235   -15.187 -2.170  1.00 15.60 ? 109 HIS A ND1 1 
ATOM   846  C CD2 . HIS A 1 109 ? 8.319   -14.648 -0.059  1.00 21.61 ? 109 HIS A CD2 1 
ATOM   847  C CE1 . HIS A 1 109 ? 9.302   -15.786 -1.660  1.00 15.95 ? 109 HIS A CE1 1 
ATOM   848  N NE2 . HIS A 1 109 ? 9.405   -15.405 -0.395  1.00 18.97 ? 109 HIS A NE2 1 
ATOM   849  N N   . ARG A 1 110 ? 5.587   -10.318 -2.958  1.00 13.17 ? 110 ARG A N   1 
ATOM   850  C CA  . ARG A 1 110 ? 4.555   -9.701  -3.820  1.00 13.69 ? 110 ARG A CA  1 
ATOM   851  C C   . ARG A 1 110 ? 3.114   -9.702  -3.314  1.00 15.03 ? 110 ARG A C   1 
ATOM   852  O O   . ARG A 1 110 ? 2.084   -9.808  -4.028  1.00 15.41 ? 110 ARG A O   1 
ATOM   853  C CB  . ARG A 1 110 ? 4.649   -10.377 -5.221  1.00 14.16 ? 110 ARG A CB  1 
ATOM   854  C CG  . ARG A 1 110 ? 6.073   -10.339 -5.783  1.00 14.05 ? 110 ARG A CG  1 
ATOM   855  C CD  . ARG A 1 110 ? 6.231   -11.392 -6.860  1.00 16.64 ? 110 ARG A CD  1 
ATOM   856  N NE  . ARG A 1 110 ? 7.614   -11.247 -7.347  1.00 21.61 ? 110 ARG A NE  1 
ATOM   857  C CZ  . ARG A 1 110 ? 8.194   -11.849 -8.395  1.00 20.61 ? 110 ARG A CZ  1 
ATOM   858  N NH1 . ARG A 1 110 ? 7.502   -12.661 -9.179  1.00 16.36 ? 110 ARG A NH1 1 
ATOM   859  N NH2 . ARG A 1 110 ? 9.504   -11.685 -8.618  1.00 21.65 ? 110 ARG A NH2 1 
ATOM   860  N N   . PHE A 1 111 ? 2.969   -9.609  -1.969  1.00 14.17 ? 111 PHE A N   1 
ATOM   861  C CA  . PHE A 1 111 ? 1.621   -9.568  -1.375  1.00 15.32 ? 111 PHE A CA  1 
ATOM   862  C C   . PHE A 1 111 ? 0.957   -8.207  -1.501  1.00 14.68 ? 111 PHE A C   1 
ATOM   863  O O   . PHE A 1 111 ? -0.246  -8.069  -1.209  1.00 17.65 ? 111 PHE A O   1 
ATOM   864  C CB  . PHE A 1 111 ? 1.658   -10.073 0.078   1.00 11.37 ? 111 PHE A CB  1 
ATOM   865  C CG  . PHE A 1 111 ? 1.468   -11.569 0.249   1.00 13.87 ? 111 PHE A CG  1 
ATOM   866  C CD1 . PHE A 1 111 ? 2.119   -12.537 -0.526  1.00 17.20 ? 111 PHE A CD1 1 
ATOM   867  C CD2 . PHE A 1 111 ? 0.651   -12.043 1.272   1.00 18.58 ? 111 PHE A CD2 1 
ATOM   868  C CE1 . PHE A 1 111 ? 1.950   -13.914 -0.321  1.00 15.97 ? 111 PHE A CE1 1 
ATOM   869  C CE2 . PHE A 1 111 ? 0.417   -13.401 1.441   1.00 15.93 ? 111 PHE A CE2 1 
ATOM   870  C CZ  . PHE A 1 111 ? 1.094   -14.334 0.687   1.00 17.49 ? 111 PHE A CZ  1 
ATOM   871  N N   . LEU A 1 112 ? 1.619   -7.113  -1.897  1.00 16.47 ? 112 LEU A N   1 
ATOM   872  C CA  . LEU A 1 112 ? 0.980   -5.765  -2.059  1.00 18.02 ? 112 LEU A CA  1 
ATOM   873  C C   . LEU A 1 112 ? 1.743   -5.116  -3.236  1.00 13.72 ? 112 LEU A C   1 
ATOM   874  O O   . LEU A 1 112 ? 2.503   -4.147  -3.193  1.00 15.27 ? 112 LEU A O   1 
ATOM   875  C CB  . LEU A 1 112 ? 1.157   -4.937  -0.760  1.00 12.87 ? 112 LEU A CB  1 
ATOM   876  C CG  . LEU A 1 112 ? 0.136   -3.777  -0.641  1.00 11.78 ? 112 LEU A CG  1 
ATOM   877  C CD1 . LEU A 1 112 ? -1.261  -4.320  -0.367  1.00 12.14 ? 112 LEU A CD1 1 
ATOM   878  C CD2 . LEU A 1 112 ? 0.634   -2.922  0.506   1.00 14.27 ? 112 LEU A CD2 1 
ATOM   879  N N   . PRO A 1 113 ? 1.581   -5.797  -4.393  1.00 15.73 ? 113 PRO A N   1 
ATOM   880  C CA  . PRO A 1 113 ? 2.380   -5.468  -5.585  1.00 18.08 ? 113 PRO A CA  1 
ATOM   881  C C   . PRO A 1 113 ? 2.215   -4.074  -6.146  1.00 20.89 ? 113 PRO A C   1 
ATOM   882  O O   . PRO A 1 113 ? 3.114   -3.387  -6.639  1.00 20.98 ? 113 PRO A O   1 
ATOM   883  C CB  . PRO A 1 113 ? 2.081   -6.693  -6.459  1.00 18.82 ? 113 PRO A CB  1 
ATOM   884  C CG  . PRO A 1 113 ? 0.661   -7.001  -6.119  1.00 17.22 ? 113 PRO A CG  1 
ATOM   885  C CD  . PRO A 1 113 ? 0.715   -6.957  -4.607  1.00 17.34 ? 113 PRO A CD  1 
ATOM   886  N N   . CYS A 1 114 ? 1.010   -3.542  -5.965  1.00 17.89 ? 114 CYS A N   1 
ATOM   887  C CA  . CYS A 1 114 ? 0.684   -2.188  -6.397  1.00 18.72 ? 114 CYS A CA  1 
ATOM   888  C C   . CYS A 1 114 ? 1.582   -1.234  -5.632  1.00 20.72 ? 114 CYS A C   1 
ATOM   889  O O   . CYS A 1 114 ? 1.617   -0.086  -6.096  1.00 23.82 ? 114 CYS A O   1 
ATOM   890  C CB  . CYS A 1 114 ? -0.829  -1.924  -6.273  1.00 14.11 ? 114 CYS A CB  1 
ATOM   891  S SG  . CYS A 1 114 ? -1.426  -1.886  -4.550  1.00 17.62 ? 114 CYS A SG  1 
ATOM   892  N N   . GLU A 1 115 ? 2.285   -1.589  -4.540  1.00 18.02 ? 115 GLU A N   1 
ATOM   893  C CA  . GLU A 1 115 ? 3.147   -0.632  -3.856  1.00 18.75 ? 115 GLU A CA  1 
ATOM   894  C C   . GLU A 1 115 ? 4.639   -0.853  -4.130  1.00 20.85 ? 115 GLU A C   1 
ATOM   895  O O   . GLU A 1 115 ? 5.510   -0.129  -3.622  1.00 23.01 ? 115 GLU A O   1 
ATOM   896  C CB  . GLU A 1 115 ? 2.916   -0.490  -2.331  1.00 18.60 ? 115 GLU A CB  1 
ATOM   897  C CG  . GLU A 1 115 ? 1.536   0.108   -2.005  1.00 18.55 ? 115 GLU A CG  1 
ATOM   898  C CD  . GLU A 1 115 ? 1.313   0.542   -0.593  1.00 28.32 ? 115 GLU A CD  1 
ATOM   899  O OE1 . GLU A 1 115 ? 2.311   0.435   0.156   1.00 34.56 ? 115 GLU A OE1 1 
ATOM   900  O OE2 . GLU A 1 115 ? 0.231   0.965   -0.121  1.00 21.70 ? 115 GLU A OE2 1 
ATOM   901  N N   . ASN A 1 116 ? 4.954   -1.898  -4.904  1.00 21.17 ? 116 ASN A N   1 
ATOM   902  C CA  . ASN A 1 116 ? 6.391   -2.122  -5.202  1.00 22.23 ? 116 ASN A CA  1 
ATOM   903  C C   . ASN A 1 116 ? 6.777   -1.268  -6.415  1.00 22.59 ? 116 ASN A C   1 
ATOM   904  O O   . ASN A 1 116 ? 5.951   -0.816  -7.227  1.00 23.05 ? 116 ASN A O   1 
ATOM   905  C CB  . ASN A 1 116 ? 6.690   -3.572  -5.518  1.00 18.33 ? 116 ASN A CB  1 
ATOM   906  C CG  . ASN A 1 116 ? 6.372   -4.497  -4.363  1.00 15.12 ? 116 ASN A CG  1 
ATOM   907  O OD1 . ASN A 1 116 ? 5.804   -5.514  -4.649  1.00 21.34 ? 116 ASN A OD1 1 
ATOM   908  N ND2 . ASN A 1 116 ? 6.747   -4.192  -3.159  1.00 16.36 ? 116 ASN A ND2 1 
ATOM   909  N N   . LYS A 1 117 ? 8.068   -0.975  -6.537  1.00 24.47 ? 117 LYS A N   1 
ATOM   910  C CA  . LYS A 1 117 ? 8.585   -0.141  -7.611  1.00 22.88 ? 117 LYS A CA  1 
ATOM   911  C C   . LYS A 1 117 ? 9.545   -0.953  -8.475  1.00 18.68 ? 117 LYS A C   1 
ATOM   912  O O   . LYS A 1 117 ? 10.213  -1.854  -8.002  1.00 20.14 ? 117 LYS A O   1 
ATOM   913  C CB  . LYS A 1 117 ? 9.485   0.987   -7.080  1.00 28.58 ? 117 LYS A CB  1 
ATOM   914  C CG  . LYS A 1 117 ? 9.106   1.539   -5.717  1.00 39.63 ? 117 LYS A CG  1 
ATOM   915  C CD  . LYS A 1 117 ? 7.863   2.409   -5.848  1.00 38.99 ? 117 LYS A CD  1 
ATOM   916  C CE  . LYS A 1 117 ? 7.900   2.981   -7.268  1.00 44.58 ? 117 LYS A CE  1 
ATOM   917  N NZ  . LYS A 1 117 ? 7.449   4.389   -7.260  1.00 51.79 ? 117 LYS A NZ  1 
ATOM   918  N N   . SER A 1 118 ? 9.523   -0.628  -9.750  1.00 18.33 ? 118 SER A N   1 
ATOM   919  C CA  . SER A 1 118 ? 10.414  -1.258  -10.703 1.00 14.91 ? 118 SER A CA  1 
ATOM   920  C C   . SER A 1 118 ? 11.896  -0.867  -10.466 1.00 14.80 ? 118 SER A C   1 
ATOM   921  O O   . SER A 1 118 ? 12.363  0.262   -10.456 1.00 16.56 ? 118 SER A O   1 
ATOM   922  C CB  . SER A 1 118 ? 10.040  -0.698  -12.103 1.00 19.19 ? 118 SER A CB  1 
ATOM   923  O OG  . SER A 1 118 ? 10.985  -1.147  -13.094 1.00 18.85 ? 118 SER A OG  1 
ATOM   924  N N   . LYS A 1 119 ? 12.711  -1.907  -10.251 1.00 18.99 ? 119 LYS A N   1 
ATOM   925  C CA  . LYS A 1 119 ? 14.140  -1.715  -10.056 1.00 17.74 ? 119 LYS A CA  1 
ATOM   926  C C   . LYS A 1 119 ? 14.735  -1.310  -11.422 1.00 16.87 ? 119 LYS A C   1 
ATOM   927  O O   . LYS A 1 119 ? 15.652  -0.489  -11.359 1.00 18.16 ? 119 LYS A O   1 
ATOM   928  C CB  . LYS A 1 119 ? 14.713  -3.075  -9.691  1.00 26.49 ? 119 LYS A CB  1 
ATOM   929  C CG  . LYS A 1 119 ? 16.013  -2.956  -8.907  1.00 42.11 ? 119 LYS A CG  1 
ATOM   930  C CD  . LYS A 1 119 ? 16.521  -4.360  -8.590  1.00 53.88 ? 119 LYS A CD  1 
ATOM   931  C CE  . LYS A 1 119 ? 17.406  -4.993  -9.651  1.00 60.64 ? 119 LYS A CE  1 
ATOM   932  N NZ  . LYS A 1 119 ? 16.706  -5.283  -10.939 1.00 67.80 ? 119 LYS A NZ  1 
ATOM   933  N N   . ALA A 1 120 ? 14.222  -1.875  -12.539 1.00 16.96 ? 120 ALA A N   1 
ATOM   934  C CA  . ALA A 1 120 ? 14.858  -1.401  -13.801 1.00 18.02 ? 120 ALA A CA  1 
ATOM   935  C C   . ALA A 1 120 ? 14.585  0.099   -14.018 1.00 17.98 ? 120 ALA A C   1 
ATOM   936  O O   . ALA A 1 120 ? 15.410  0.861   -14.536 1.00 18.38 ? 120 ALA A O   1 
ATOM   937  C CB  . ALA A 1 120 ? 14.268  -2.170  -14.985 1.00 14.59 ? 120 ALA A CB  1 
ATOM   938  N N   . VAL A 1 121 ? 13.417  0.618   -13.621 1.00 16.71 ? 121 VAL A N   1 
ATOM   939  C CA  . VAL A 1 121 ? 13.138  2.062   -13.811 1.00 18.21 ? 121 VAL A CA  1 
ATOM   940  C C   . VAL A 1 121 ? 14.065  2.896   -12.949 1.00 17.60 ? 121 VAL A C   1 
ATOM   941  O O   . VAL A 1 121 ? 14.477  3.986   -13.370 1.00 17.28 ? 121 VAL A O   1 
ATOM   942  C CB  . VAL A 1 121 ? 11.636  2.425   -13.586 1.00 13.88 ? 121 VAL A CB  1 
ATOM   943  C CG1 . VAL A 1 121 ? 11.356  3.932   -13.475 1.00 14.88 ? 121 VAL A CG1 1 
ATOM   944  C CG2 . VAL A 1 121 ? 10.776  1.781   -14.674 1.00 13.78 ? 121 VAL A CG2 1 
ATOM   945  N N   . GLU A 1 122 ? 14.320  2.471   -11.704 1.00 17.70 ? 122 GLU A N   1 
ATOM   946  C CA  . GLU A 1 122 ? 15.219  3.202   -10.800 1.00 18.15 ? 122 GLU A CA  1 
ATOM   947  C C   . GLU A 1 122 ? 16.629  3.297   -11.366 1.00 17.35 ? 122 GLU A C   1 
ATOM   948  O O   . GLU A 1 122 ? 17.242  4.363   -11.389 1.00 17.98 ? 122 GLU A O   1 
ATOM   949  C CB  . GLU A 1 122 ? 15.217  2.397   -9.501  1.00 25.56 ? 122 GLU A CB  1 
ATOM   950  C CG  . GLU A 1 122 ? 16.193  2.746   -8.407  1.00 37.75 ? 122 GLU A CG  1 
ATOM   951  C CD  . GLU A 1 122 ? 16.023  1.916   -7.137  1.00 45.90 ? 122 GLU A CD  1 
ATOM   952  O OE1 . GLU A 1 122 ? 16.287  0.695   -7.046  1.00 46.99 ? 122 GLU A OE1 1 
ATOM   953  O OE2 . GLU A 1 122 ? 15.564  2.557   -6.160  1.00 48.54 ? 122 GLU A OE2 1 
ATOM   954  N N   . GLN A 1 123 ? 17.124  2.217   -11.966 1.00 17.28 ? 123 GLN A N   1 
ATOM   955  C CA  . GLN A 1 123 ? 18.449  2.173   -12.600 1.00 21.09 ? 123 GLN A CA  1 
ATOM   956  C C   . GLN A 1 123 ? 18.569  3.080   -13.824 1.00 24.15 ? 123 GLN A C   1 
ATOM   957  O O   . GLN A 1 123 ? 19.543  3.809   -13.987 1.00 26.01 ? 123 GLN A O   1 
ATOM   958  C CB  . GLN A 1 123 ? 18.814  0.779   -13.073 1.00 19.44 ? 123 GLN A CB  1 
ATOM   959  C CG  . GLN A 1 123 ? 19.024  -0.108  -11.847 1.00 25.44 ? 123 GLN A CG  1 
ATOM   960  C CD  . GLN A 1 123 ? 19.026  -1.587  -12.165 1.00 34.30 ? 123 GLN A CD  1 
ATOM   961  O OE1 . GLN A 1 123 ? 19.367  -2.374  -11.255 1.00 45.29 ? 123 GLN A OE1 1 
ATOM   962  N NE2 . GLN A 1 123 ? 18.697  -2.081  -13.351 1.00 32.95 ? 123 GLN A NE2 1 
ATOM   963  N N   . VAL A 1 124 ? 17.575  3.084   -14.729 1.00 21.98 ? 124 VAL A N   1 
ATOM   964  C CA  . VAL A 1 124 ? 17.549  3.988   -15.871 1.00 20.38 ? 124 VAL A CA  1 
ATOM   965  C C   . VAL A 1 124 ? 17.531  5.420   -15.346 1.00 20.57 ? 124 VAL A C   1 
ATOM   966  O O   . VAL A 1 124 ? 18.186  6.331   -15.859 1.00 17.94 ? 124 VAL A O   1 
ATOM   967  C CB  . VAL A 1 124 ? 16.222  3.783   -16.643 1.00 24.58 ? 124 VAL A CB  1 
ATOM   968  C CG1 . VAL A 1 124 ? 15.905  4.935   -17.595 1.00 20.96 ? 124 VAL A CG1 1 
ATOM   969  C CG2 . VAL A 1 124 ? 16.269  2.487   -17.429 1.00 20.05 ? 124 VAL A CG2 1 
ATOM   970  N N   . LYS A 1 125 ? 16.692  5.743   -14.340 1.00 22.06 ? 125 LYS A N   1 
ATOM   971  C CA  . LYS A 1 125 ? 16.618  7.102   -13.805 1.00 20.32 ? 125 LYS A CA  1 
ATOM   972  C C   . LYS A 1 125 ? 17.961  7.465   -13.167 1.00 19.60 ? 125 LYS A C   1 
ATOM   973  O O   . LYS A 1 125 ? 18.347  8.609   -13.284 1.00 23.90 ? 125 LYS A O   1 
ATOM   974  C CB  . LYS A 1 125 ? 15.498  7.257   -12.789 1.00 21.43 ? 125 LYS A CB  1 
ATOM   975  C CG  . LYS A 1 125 ? 14.098  7.268   -13.442 1.00 21.09 ? 125 LYS A CG  1 
ATOM   976  C CD  . LYS A 1 125 ? 13.089  7.480   -12.307 1.00 22.94 ? 125 LYS A CD  1 
ATOM   977  C CE  . LYS A 1 125 ? 11.699  7.802   -12.848 1.00 27.28 ? 125 LYS A CE  1 
ATOM   978  N NZ  . LYS A 1 125 ? 10.697  7.923   -11.738 1.00 26.69 ? 125 LYS A NZ  1 
ATOM   979  N N   . ASN A 1 126 ? 18.687  6.544   -12.595 1.00 22.92 ? 126 ASN A N   1 
ATOM   980  C CA  . ASN A 1 126 ? 19.985  6.792   -11.963 1.00 25.63 ? 126 ASN A CA  1 
ATOM   981  C C   . ASN A 1 126 ? 20.994  7.137   -13.029 1.00 23.34 ? 126 ASN A C   1 
ATOM   982  O O   . ASN A 1 126 ? 21.666  8.168   -12.968 1.00 26.15 ? 126 ASN A O   1 
ATOM   983  C CB  . ASN A 1 126 ? 20.382  5.514   -11.200 1.00 32.99 ? 126 ASN A CB  1 
ATOM   984  C CG  . ASN A 1 126 ? 19.826  5.539   -9.775  1.00 47.17 ? 126 ASN A CG  1 
ATOM   985  O OD1 . ASN A 1 126 ? 19.360  6.574   -9.258  1.00 48.56 ? 126 ASN A OD1 1 
ATOM   986  N ND2 . ASN A 1 126 ? 19.853  4.390   -9.092  1.00 48.85 ? 126 ASN A ND2 1 
ATOM   987  N N   . ALA A 1 127 ? 21.067  6.336   -14.069 1.00 20.42 ? 127 ALA A N   1 
ATOM   988  C CA  . ALA A 1 127 ? 21.957  6.546   -15.199 1.00 19.79 ? 127 ALA A CA  1 
ATOM   989  C C   . ALA A 1 127 ? 21.625  7.830   -15.948 1.00 19.33 ? 127 ALA A C   1 
ATOM   990  O O   . ALA A 1 127 ? 22.558  8.495   -16.400 1.00 21.50 ? 127 ALA A O   1 
ATOM   991  C CB  . ALA A 1 127 ? 21.921  5.392   -16.198 1.00 22.05 ? 127 ALA A CB  1 
ATOM   992  N N   . PHE A 1 128 ? 20.380  8.217   -16.184 1.00 19.27 ? 128 PHE A N   1 
ATOM   993  C CA  . PHE A 1 128 ? 19.956  9.408   -16.879 1.00 17.96 ? 128 PHE A CA  1 
ATOM   994  C C   . PHE A 1 128 ? 20.429  10.652  -16.142 1.00 21.46 ? 128 PHE A C   1 
ATOM   995  O O   . PHE A 1 128 ? 20.897  11.633  -16.690 1.00 22.95 ? 128 PHE A O   1 
ATOM   996  C CB  . PHE A 1 128 ? 18.424  9.447   -16.958 1.00 18.44 ? 128 PHE A CB  1 
ATOM   997  C CG  . PHE A 1 128 ? 17.734  10.726  -17.275 1.00 21.59 ? 128 PHE A CG  1 
ATOM   998  C CD1 . PHE A 1 128 ? 17.570  11.142  -18.591 1.00 18.04 ? 128 PHE A CD1 1 
ATOM   999  C CD2 . PHE A 1 128 ? 17.198  11.508  -16.245 1.00 22.22 ? 128 PHE A CD2 1 
ATOM   1000 C CE1 . PHE A 1 128 ? 16.921  12.331  -18.847 1.00 19.61 ? 128 PHE A CE1 1 
ATOM   1001 C CE2 . PHE A 1 128 ? 16.518  12.691  -16.529 1.00 20.68 ? 128 PHE A CE2 1 
ATOM   1002 C CZ  . PHE A 1 128 ? 16.378  13.098  -17.837 1.00 16.03 ? 128 PHE A CZ  1 
ATOM   1003 N N   . ASN A 1 129 ? 20.222  10.635  -14.842 1.00 24.39 ? 129 ASN A N   1 
ATOM   1004 C CA  . ASN A 1 129 ? 20.629  11.772  -14.003 1.00 28.01 ? 129 ASN A CA  1 
ATOM   1005 C C   . ASN A 1 129 ? 22.146  11.888  -14.100 1.00 29.41 ? 129 ASN A C   1 
ATOM   1006 O O   . ASN A 1 129 ? 22.587  13.002  -14.405 1.00 32.87 ? 129 ASN A O   1 
ATOM   1007 C CB  . ASN A 1 129 ? 20.182  11.602  -12.555 1.00 30.04 ? 129 ASN A CB  1 
ATOM   1008 C CG  . ASN A 1 129 ? 18.684  11.750  -12.415 1.00 29.62 ? 129 ASN A CG  1 
ATOM   1009 O OD1 . ASN A 1 129 ? 18.079  12.711  -12.881 1.00 37.79 ? 129 ASN A OD1 1 
ATOM   1010 N ND2 . ASN A 1 129 ? 18.006  10.836  -11.741 1.00 41.02 ? 129 ASN A ND2 1 
ATOM   1011 N N   . LYS A 1 130 ? 22.961  10.857  -13.980 1.00 27.31 ? 130 LYS A N   1 
ATOM   1012 C CA  . LYS A 1 130 ? 24.387  11.124  -14.153 1.00 29.56 ? 130 LYS A CA  1 
ATOM   1013 C C   . LYS A 1 130 ? 24.792  11.651  -15.514 1.00 33.24 ? 130 LYS A C   1 
ATOM   1014 O O   . LYS A 1 130 ? 25.905  12.220  -15.560 1.00 36.51 ? 130 LYS A O   1 
ATOM   1015 C CB  . LYS A 1 130 ? 25.228  9.877   -13.869 1.00 33.56 ? 130 LYS A CB  1 
ATOM   1016 C CG  . LYS A 1 130 ? 24.922  9.209   -12.547 1.00 38.84 ? 130 LYS A CG  1 
ATOM   1017 C CD  . LYS A 1 130 ? 25.590  7.846   -12.488 1.00 48.47 ? 130 LYS A CD  1 
ATOM   1018 C CE  . LYS A 1 130 ? 25.527  7.335   -11.046 1.00 58.69 ? 130 LYS A CE  1 
ATOM   1019 N NZ  . LYS A 1 130 ? 26.100  5.963   -10.870 1.00 64.22 ? 130 LYS A NZ  1 
ATOM   1020 N N   . LEU A 1 131 ? 24.078  11.511  -16.636 1.00 32.33 ? 131 LEU A N   1 
ATOM   1021 C CA  . LEU A 1 131 ? 24.518  12.019  -17.929 1.00 28.73 ? 131 LEU A CA  1 
ATOM   1022 C C   . LEU A 1 131 ? 24.168  13.501  -18.088 1.00 30.11 ? 131 LEU A C   1 
ATOM   1023 O O   . LEU A 1 131 ? 24.503  14.162  -19.071 1.00 29.16 ? 131 LEU A O   1 
ATOM   1024 C CB  . LEU A 1 131 ? 23.713  11.369  -19.080 1.00 23.94 ? 131 LEU A CB  1 
ATOM   1025 C CG  . LEU A 1 131 ? 23.997  9.895   -19.302 1.00 21.47 ? 131 LEU A CG  1 
ATOM   1026 C CD1 . LEU A 1 131 ? 23.075  9.246   -20.308 1.00 21.27 ? 131 LEU A CD1 1 
ATOM   1027 C CD2 . LEU A 1 131 ? 25.426  9.690   -19.774 1.00 25.27 ? 131 LEU A CD2 1 
ATOM   1028 N N   . GLN A 1 132 ? 23.394  13.979  -17.101 1.00 31.59 ? 132 GLN A N   1 
ATOM   1029 C CA  . GLN A 1 132 ? 22.954  15.372  -17.148 1.00 31.88 ? 132 GLN A CA  1 
ATOM   1030 C C   . GLN A 1 132 ? 22.370  15.798  -18.477 1.00 32.83 ? 132 GLN A C   1 
ATOM   1031 O O   . GLN A 1 132 ? 21.440  15.149  -18.996 1.00 31.99 ? 132 GLN A O   1 
ATOM   1032 C CB  . GLN A 1 132 ? 24.127  16.225  -16.641 1.00 38.11 ? 132 GLN A CB  1 
ATOM   1033 C CG  . GLN A 1 132 ? 24.812  15.427  -15.532 1.00 43.23 ? 132 GLN A CG  1 
ATOM   1034 C CD  . GLN A 1 132 ? 25.777  16.163  -14.643 1.00 50.89 ? 132 GLN A CD  1 
ATOM   1035 O OE1 . GLN A 1 132 ? 25.338  16.929  -13.786 1.00 54.53 ? 132 GLN A OE1 1 
ATOM   1036 N NE2 . GLN A 1 132 ? 27.066  15.883  -14.832 1.00 52.53 ? 132 GLN A NE2 1 
ATOM   1037 N N   . GLU A 1 133 ? 22.794  16.896  -19.108 1.00 34.19 ? 133 GLU A N   1 
ATOM   1038 C CA  . GLU A 1 133 ? 22.216  17.399  -20.355 1.00 32.98 ? 133 GLU A CA  1 
ATOM   1039 C C   . GLU A 1 133 ? 22.161  16.327  -21.429 1.00 32.72 ? 133 GLU A C   1 
ATOM   1040 O O   . GLU A 1 133 ? 21.177  16.301  -22.194 1.00 34.75 ? 133 GLU A O   1 
ATOM   1041 C CB  . GLU A 1 133 ? 22.830  18.638  -20.986 1.00 39.35 ? 133 GLU A CB  1 
ATOM   1042 C CG  . GLU A 1 133 ? 24.279  18.632  -21.425 1.00 49.05 ? 133 GLU A CG  1 
ATOM   1043 C CD  . GLU A 1 133 ? 25.376  18.453  -20.389 1.00 52.43 ? 133 GLU A CD  1 
ATOM   1044 O OE1 . GLU A 1 133 ? 25.145  18.893  -19.236 1.00 52.22 ? 133 GLU A OE1 1 
ATOM   1045 O OE2 . GLU A 1 133 ? 26.483  17.921  -20.667 1.00 52.54 ? 133 GLU A OE2 1 
ATOM   1046 N N   . LYS A 1 134 ? 23.232  15.538  -21.386 1.00 28.73 ? 134 LYS A N   1 
ATOM   1047 C CA  . LYS A 1 134 ? 23.333  14.444  -22.334 1.00 25.94 ? 134 LYS A CA  1 
ATOM   1048 C C   . LYS A 1 134 ? 22.212  13.418  -22.074 1.00 19.98 ? 134 LYS A C   1 
ATOM   1049 O O   . LYS A 1 134 ? 21.945  12.682  -23.008 1.00 20.17 ? 134 LYS A O   1 
ATOM   1050 C CB  . LYS A 1 134 ? 24.700  13.757  -22.229 1.00 23.75 ? 134 LYS A CB  1 
ATOM   1051 C CG  . LYS A 1 134 ? 25.830  14.697  -22.647 1.00 25.89 ? 134 LYS A CG  1 
ATOM   1052 C CD  . LYS A 1 134 ? 27.167  13.991  -22.400 1.00 30.76 ? 134 LYS A CD  1 
ATOM   1053 C CE  . LYS A 1 134 ? 27.194  13.618  -20.912 1.00 45.19 ? 134 LYS A CE  1 
ATOM   1054 N NZ  . LYS A 1 134 ? 28.460  13.095  -20.357 1.00 49.06 ? 134 LYS A NZ  1 
ATOM   1055 N N   . GLY A 1 135 ? 21.673  13.421  -20.870 1.00 20.68 ? 135 GLY A N   1 
ATOM   1056 C CA  . GLY A 1 135 ? 20.598  12.430  -20.643 1.00 19.22 ? 135 GLY A CA  1 
ATOM   1057 C C   . GLY A 1 135 ? 19.350  12.791  -21.477 1.00 20.81 ? 135 GLY A C   1 
ATOM   1058 O O   . GLY A 1 135 ? 18.657  11.913  -22.014 1.00 18.79 ? 135 GLY A O   1 
ATOM   1059 N N   . ILE A 1 136 ? 19.049  14.088  -21.589 1.00 19.39 ? 136 ILE A N   1 
ATOM   1060 C CA  . ILE A 1 136 ? 17.893  14.526  -22.369 1.00 20.06 ? 136 ILE A CA  1 
ATOM   1061 C C   . ILE A 1 136 ? 18.013  14.038  -23.804 1.00 19.85 ? 136 ILE A C   1 
ATOM   1062 O O   . ILE A 1 136 ? 17.093  13.476  -24.396 1.00 16.58 ? 136 ILE A O   1 
ATOM   1063 C CB  . ILE A 1 136 ? 17.651  16.049  -22.417 1.00 20.52 ? 136 ILE A CB  1 
ATOM   1064 C CG1 . ILE A 1 136 ? 17.467  16.625  -21.018 1.00 24.91 ? 136 ILE A CG1 1 
ATOM   1065 C CG2 . ILE A 1 136 ? 16.468  16.397  -23.304 1.00 19.93 ? 136 ILE A CG2 1 
ATOM   1066 C CD1 . ILE A 1 136 ? 16.331  16.155  -20.142 1.00 27.25 ? 136 ILE A CD1 1 
ATOM   1067 N N   . TYR A 1 137 ? 19.151  14.291  -24.470 1.00 18.07 ? 137 TYR A N   1 
ATOM   1068 C CA  . TYR A 1 137 ? 19.344  13.873  -25.838 1.00 16.82 ? 137 TYR A CA  1 
ATOM   1069 C C   . TYR A 1 137 ? 19.309  12.349  -26.113 1.00 16.16 ? 137 TYR A C   1 
ATOM   1070 O O   . TYR A 1 137 ? 18.790  12.008  -27.192 1.00 15.36 ? 137 TYR A O   1 
ATOM   1071 C CB  . TYR A 1 137 ? 20.759  14.328  -26.158 1.00 19.25 ? 137 TYR A CB  1 
ATOM   1072 C CG  . TYR A 1 137 ? 20.976  15.810  -25.952 1.00 21.35 ? 137 TYR A CG  1 
ATOM   1073 C CD1 . TYR A 1 137 ? 20.091  16.776  -26.365 1.00 24.26 ? 137 TYR A CD1 1 
ATOM   1074 C CD2 . TYR A 1 137 ? 22.228  16.189  -25.475 1.00 31.32 ? 137 TYR A CD2 1 
ATOM   1075 C CE1 . TYR A 1 137 ? 20.409  18.112  -26.221 1.00 32.44 ? 137 TYR A CE1 1 
ATOM   1076 C CE2 . TYR A 1 137 ? 22.583  17.522  -25.352 1.00 35.19 ? 137 TYR A CE2 1 
ATOM   1077 C CZ  . TYR A 1 137 ? 21.652  18.470  -25.731 1.00 40.03 ? 137 TYR A CZ  1 
ATOM   1078 O OH  . TYR A 1 137 ? 21.975  19.806  -25.597 1.00 40.83 ? 137 TYR A OH  1 
ATOM   1079 N N   . LYS A 1 138 ? 19.860  11.587  -25.163 1.00 19.40 ? 138 LYS A N   1 
ATOM   1080 C CA  . LYS A 1 138 ? 19.879  10.112  -25.245 1.00 16.01 ? 138 LYS A CA  1 
ATOM   1081 C C   . LYS A 1 138 ? 18.473  9.564   -24.973 1.00 15.34 ? 138 LYS A C   1 
ATOM   1082 O O   . LYS A 1 138 ? 18.012  8.723   -25.727 1.00 14.65 ? 138 LYS A O   1 
ATOM   1083 C CB  . LYS A 1 138 ? 20.885  9.394   -24.339 1.00 14.81 ? 138 LYS A CB  1 
ATOM   1084 C CG  . LYS A 1 138 ? 20.888  7.885   -24.712 1.00 17.54 ? 138 LYS A CG  1 
ATOM   1085 C CD  . LYS A 1 138 ? 22.128  7.136   -24.223 1.00 16.94 ? 138 LYS A CD  1 
ATOM   1086 C CE  . LYS A 1 138 ? 23.347  7.611   -25.066 1.00 17.11 ? 138 LYS A CE  1 
ATOM   1087 N NZ  . LYS A 1 138 ? 23.192  7.181   -26.483 1.00 15.49 ? 138 LYS A NZ  1 
ATOM   1088 N N   . ALA A 1 139 ? 17.704  10.089  -24.015 1.00 15.45 ? 139 ALA A N   1 
ATOM   1089 C CA  . ALA A 1 139 ? 16.343  9.600   -23.802 1.00 15.87 ? 139 ALA A CA  1 
ATOM   1090 C C   . ALA A 1 139 ? 15.456  9.861   -25.032 1.00 17.04 ? 139 ALA A C   1 
ATOM   1091 O O   . ALA A 1 139 ? 14.544  9.062   -25.361 1.00 15.09 ? 139 ALA A O   1 
ATOM   1092 C CB  . ALA A 1 139 ? 15.744  10.245  -22.560 1.00 14.70 ? 139 ALA A CB  1 
ATOM   1093 N N   . MET A 1 140 ? 15.682  11.007  -25.693 1.00 14.37 ? 140 MET A N   1 
ATOM   1094 C CA  . MET A 1 140 ? 14.911  11.352  -26.872 1.00 13.62 ? 140 MET A CA  1 
ATOM   1095 C C   . MET A 1 140 ? 15.384  10.528  -28.060 1.00 12.27 ? 140 MET A C   1 
ATOM   1096 O O   . MET A 1 140 ? 14.488  10.031  -28.781 1.00 13.34 ? 140 MET A O   1 
ATOM   1097 C CB  . MET A 1 140 ? 14.956  12.883  -27.117 1.00 12.52 ? 140 MET A CB  1 
ATOM   1098 C CG  . MET A 1 140 ? 14.180  13.597  -25.961 1.00 13.60 ? 140 MET A CG  1 
ATOM   1099 S SD  . MET A 1 140 ? 12.362  13.318  -26.030 1.00 19.65 ? 140 MET A SD  1 
ATOM   1100 C CE  . MET A 1 140 ? 11.936  13.403  -27.756 1.00 20.58 ? 140 MET A CE  1 
ATOM   1101 N N   . SER A 1 141 ? 16.684  10.298  -28.248 1.00 13.18 ? 141 SER A N   1 
ATOM   1102 C CA  . SER A 1 141 ? 17.095  9.469   -29.352 1.00 15.02 ? 141 SER A CA  1 
ATOM   1103 C C   . SER A 1 141 ? 16.617  7.990   -29.240 1.00 16.01 ? 141 SER A C   1 
ATOM   1104 O O   . SER A 1 141 ? 16.428  7.405   -30.315 1.00 16.36 ? 141 SER A O   1 
ATOM   1105 C CB  . SER A 1 141 ? 18.610  9.480   -29.517 1.00 14.06 ? 141 SER A CB  1 
ATOM   1106 O OG  A SER A 1 141 ? 19.401  8.601   -28.755 0.50 15.04 ? 141 SER A OG  1 
ATOM   1107 O OG  B SER A 1 141 ? 18.859  8.965   -30.837 0.50 17.00 ? 141 SER A OG  1 
ATOM   1108 N N   . GLU A 1 142 ? 16.423  7.513   -28.037 1.00 13.12 ? 142 GLU A N   1 
ATOM   1109 C CA  . GLU A 1 142 ? 15.941  6.110   -27.858 1.00 13.37 ? 142 GLU A CA  1 
ATOM   1110 C C   . GLU A 1 142 ? 14.437  6.099   -27.689 1.00 16.18 ? 142 GLU A C   1 
ATOM   1111 O O   . GLU A 1 142 ? 13.827  5.105   -27.205 1.00 13.37 ? 142 GLU A O   1 
ATOM   1112 C CB  . GLU A 1 142 ? 16.638  5.639   -26.563 1.00 12.68 ? 142 GLU A CB  1 
ATOM   1113 C CG  . GLU A 1 142 ? 18.141  5.447   -26.767 1.00 13.56 ? 142 GLU A CG  1 
ATOM   1114 C CD  . GLU A 1 142 ? 18.754  4.704   -25.619 1.00 19.58 ? 142 GLU A CD  1 
ATOM   1115 O OE1 . GLU A 1 142 ? 18.026  4.266   -24.701 1.00 15.53 ? 142 GLU A OE1 1 
ATOM   1116 O OE2 . GLU A 1 142 ? 19.972  4.510   -25.497 1.00 17.30 ? 142 GLU A OE2 1 
ATOM   1117 N N   . PHE A 1 143 ? 13.664  7.153   -28.060 1.00 15.30 ? 143 PHE A N   1 
ATOM   1118 C CA  . PHE A 1 143 ? 12.223  7.182   -27.874 1.00 13.46 ? 143 PHE A CA  1 
ATOM   1119 C C   . PHE A 1 143 ? 11.562  6.010   -28.618 1.00 11.15 ? 143 PHE A C   1 
ATOM   1120 O O   . PHE A 1 143 ? 10.485  5.480   -28.161 1.00 9.69  ? 143 PHE A O   1 
ATOM   1121 C CB  . PHE A 1 143 ? 11.513  8.496   -28.306 1.00 11.73 ? 143 PHE A CB  1 
ATOM   1122 C CG  . PHE A 1 143 ? 10.097  8.664   -27.765 1.00 12.88 ? 143 PHE A CG  1 
ATOM   1123 C CD1 . PHE A 1 143 ? 9.898   9.247   -26.508 1.00 14.00 ? 143 PHE A CD1 1 
ATOM   1124 C CD2 . PHE A 1 143 ? 9.000   8.228   -28.517 1.00 10.87 ? 143 PHE A CD2 1 
ATOM   1125 C CE1 . PHE A 1 143 ? 8.581   9.362   -26.034 1.00 15.97 ? 143 PHE A CE1 1 
ATOM   1126 C CE2 . PHE A 1 143 ? 7.690   8.328   -28.059 1.00 11.60 ? 143 PHE A CE2 1 
ATOM   1127 C CZ  . PHE A 1 143 ? 7.510   8.883   -26.781 1.00 14.72 ? 143 PHE A CZ  1 
ATOM   1128 N N   . ASP A 1 144 ? 12.094  5.661   -29.799 1.00 11.02 ? 144 ASP A N   1 
ATOM   1129 C CA  . ASP A 1 144 ? 11.572  4.521   -30.573 1.00 11.42 ? 144 ASP A CA  1 
ATOM   1130 C C   . ASP A 1 144 ? 11.751  3.188   -29.820 1.00 15.31 ? 144 ASP A C   1 
ATOM   1131 O O   . ASP A 1 144 ? 10.913  2.273   -29.928 1.00 13.15 ? 144 ASP A O   1 
ATOM   1132 C CB  A ASP A 1 144 ? 12.230  4.348   -31.960 0.50 11.97 ? 144 ASP A CB  1 
ATOM   1133 C CB  B ASP A 1 144 ? 12.227  4.413   -31.951 0.50 15.72 ? 144 ASP A CB  1 
ATOM   1134 C CG  A ASP A 1 144 ? 13.747  4.145   -31.917 0.50 11.21 ? 144 ASP A CG  1 
ATOM   1135 C CG  B ASP A 1 144 ? 13.741  4.565   -31.864 0.50 18.12 ? 144 ASP A CG  1 
ATOM   1136 O OD1 A ASP A 1 144 ? 14.483  4.938   -31.274 0.50 9.99  ? 144 ASP A OD1 1 
ATOM   1137 O OD1 B ASP A 1 144 ? 14.446  4.579   -30.839 0.50 17.52 ? 144 ASP A OD1 1 
ATOM   1138 O OD2 A ASP A 1 144 ? 14.249  3.182   -32.562 0.50 11.67 ? 144 ASP A OD2 1 
ATOM   1139 O OD2 B ASP A 1 144 ? 14.302  4.687   -32.971 0.50 21.04 ? 144 ASP A OD2 1 
ATOM   1140 N N   . ILE A 1 145 ? 12.797  3.075   -28.995 1.00 12.50 ? 145 ILE A N   1 
ATOM   1141 C CA  . ILE A 1 145 ? 12.936  1.839   -28.192 1.00 11.65 ? 145 ILE A CA  1 
ATOM   1142 C C   . ILE A 1 145 ? 11.859  1.892   -27.121 1.00 11.52 ? 145 ILE A C   1 
ATOM   1143 O O   . ILE A 1 145 ? 11.258  0.859   -26.722 1.00 12.09 ? 145 ILE A O   1 
ATOM   1144 C CB  . ILE A 1 145 ? 14.349  1.802   -27.525 1.00 10.69 ? 145 ILE A CB  1 
ATOM   1145 C CG1 . ILE A 1 145 ? 15.494  1.644   -28.533 1.00 12.93 ? 145 ILE A CG1 1 
ATOM   1146 C CG2 . ILE A 1 145 ? 14.393  0.669   -26.494 1.00 13.61 ? 145 ILE A CG2 1 
ATOM   1147 C CD1 . ILE A 1 145 ? 16.926  1.621   -27.910 1.00 11.74 ? 145 ILE A CD1 1 
ATOM   1148 N N   . PHE A 1 146 ? 11.546  3.079   -26.540 1.00 12.08 ? 146 PHE A N   1 
ATOM   1149 C CA  . PHE A 1 146 ? 10.470  3.197   -25.549 1.00 10.18 ? 146 PHE A CA  1 
ATOM   1150 C C   . PHE A 1 146 ? 9.160   2.761   -26.238 1.00 9.42  ? 146 PHE A C   1 
ATOM   1151 O O   . PHE A 1 146 ? 8.391   2.022   -25.619 1.00 12.17 ? 146 PHE A O   1 
ATOM   1152 C CB  . PHE A 1 146 ? 10.337  4.663   -25.072 1.00 11.44 ? 146 PHE A CB  1 
ATOM   1153 C CG  . PHE A 1 146 ? 9.258   4.898   -24.049 1.00 10.33 ? 146 PHE A CG  1 
ATOM   1154 C CD1 . PHE A 1 146 ? 8.916   3.958   -23.078 1.00 10.98 ? 146 PHE A CD1 1 
ATOM   1155 C CD2 . PHE A 1 146 ? 8.578   6.103   -24.040 1.00 12.32 ? 146 PHE A CD2 1 
ATOM   1156 C CE1 . PHE A 1 146 ? 7.915   4.187   -22.123 1.00 12.45 ? 146 PHE A CE1 1 
ATOM   1157 C CE2 . PHE A 1 146 ? 7.616   6.353   -23.059 1.00 12.58 ? 146 PHE A CE2 1 
ATOM   1158 C CZ  . PHE A 1 146 ? 7.246   5.400   -22.107 1.00 14.36 ? 146 PHE A CZ  1 
ATOM   1159 N N   . ILE A 1 147 ? 8.858   3.110   -27.498 1.00 11.56 ? 147 ILE A N   1 
ATOM   1160 C CA  . ILE A 1 147 ? 7.610   2.717   -28.213 1.00 9.36  ? 147 ILE A CA  1 
ATOM   1161 C C   . ILE A 1 147 ? 7.639   1.176   -28.378 1.00 9.51  ? 147 ILE A C   1 
ATOM   1162 O O   . ILE A 1 147 ? 6.560   0.641   -28.127 1.00 10.40 ? 147 ILE A O   1 
ATOM   1163 C CB  . ILE A 1 147 ? 7.405   3.388   -29.610 1.00 15.08 ? 147 ILE A CB  1 
ATOM   1164 C CG1 . ILE A 1 147 ? 7.308   4.941   -29.417 1.00 11.83 ? 147 ILE A CG1 1 
ATOM   1165 C CG2 . ILE A 1 147 ? 6.152   2.809   -30.301 1.00 8.92  ? 147 ILE A CG2 1 
ATOM   1166 C CD1 . ILE A 1 147 ? 7.339   5.687   -30.747 1.00 9.38  ? 147 ILE A CD1 1 
ATOM   1167 N N   . ASN A 1 148 ? 8.811   0.622   -28.733 1.00 9.85  ? 148 ASN A N   1 
ATOM   1168 C CA  . ASN A 1 148 ? 8.884   -0.848  -28.811 1.00 10.44 ? 148 ASN A CA  1 
ATOM   1169 C C   . ASN A 1 148 ? 8.521   -1.496  -27.455 1.00 9.61  ? 148 ASN A C   1 
ATOM   1170 O O   . ASN A 1 148 ? 7.758   -2.516  -27.490 1.00 10.76 ? 148 ASN A O   1 
ATOM   1171 C CB  . ASN A 1 148 ? 10.333  -1.326  -29.174 1.00 9.58  ? 148 ASN A CB  1 
ATOM   1172 C CG  . ASN A 1 148 ? 10.777  -0.794  -30.500 1.00 16.05 ? 148 ASN A CG  1 
ATOM   1173 O OD1 . ASN A 1 148 ? 12.000  -0.787  -30.832 1.00 17.11 ? 148 ASN A OD1 1 
ATOM   1174 N ND2 . ASN A 1 148 ? 9.924   -0.374  -31.409 1.00 7.90  ? 148 ASN A ND2 1 
ATOM   1175 N N   . TYR A 1 149 ? 8.981   -1.009  -26.313 1.00 8.36  ? 149 TYR A N   1 
ATOM   1176 C CA  . TYR A 1 149 ? 8.621   -1.569  -25.009 1.00 13.49 ? 149 TYR A CA  1 
ATOM   1177 C C   . TYR A 1 149 ? 7.121   -1.385  -24.727 1.00 15.20 ? 149 TYR A C   1 
ATOM   1178 O O   . TYR A 1 149 ? 6.417   -2.298  -24.196 1.00 11.56 ? 149 TYR A O   1 
ATOM   1179 C CB  . TYR A 1 149 ? 9.491   -0.962  -23.918 1.00 7.33  ? 149 TYR A CB  1 
ATOM   1180 C CG  . TYR A 1 149 ? 10.986  -1.271  -23.958 1.00 9.67  ? 149 TYR A CG  1 
ATOM   1181 C CD1 . TYR A 1 149 ? 11.495  -2.193  -24.871 1.00 10.39 ? 149 TYR A CD1 1 
ATOM   1182 C CD2 . TYR A 1 149 ? 11.887  -0.667  -23.090 1.00 10.89 ? 149 TYR A CD2 1 
ATOM   1183 C CE1 . TYR A 1 149 ? 12.866  -2.525  -24.947 1.00 14.42 ? 149 TYR A CE1 1 
ATOM   1184 C CE2 . TYR A 1 149 ? 13.242  -0.992  -23.120 1.00 10.90 ? 149 TYR A CE2 1 
ATOM   1185 C CZ  . TYR A 1 149 ? 13.706  -1.920  -24.037 1.00 13.24 ? 149 TYR A CZ  1 
ATOM   1186 O OH  . TYR A 1 149 ? 15.048  -2.239  -24.098 1.00 12.38 ? 149 TYR A OH  1 
ATOM   1187 N N   . ILE A 1 150 ? 6.496   -0.220  -25.023 1.00 13.69 ? 150 ILE A N   1 
ATOM   1188 C CA  . ILE A 1 150 ? 5.053   0.001   -24.819 1.00 13.74 ? 150 ILE A CA  1 
ATOM   1189 C C   . ILE A 1 150 ? 4.323   -1.000  -25.700 1.00 11.51 ? 150 ILE A C   1 
ATOM   1190 O O   . ILE A 1 150 ? 3.313   -1.589  -25.298 1.00 12.56 ? 150 ILE A O   1 
ATOM   1191 C CB  . ILE A 1 150 ? 4.617   1.435   -25.233 1.00 11.72 ? 150 ILE A CB  1 
ATOM   1192 C CG1 . ILE A 1 150 ? 5.279   2.537   -24.395 1.00 14.14 ? 150 ILE A CG1 1 
ATOM   1193 C CG2 . ILE A 1 150 ? 3.073   1.568   -25.109 1.00 11.71 ? 150 ILE A CG2 1 
ATOM   1194 C CD1 . ILE A 1 150 ? 5.152   3.985   -24.887 1.00 10.86 ? 150 ILE A CD1 1 
ATOM   1195 N N   . GLU A 1 151 ? 4.695   -1.226  -26.967 1.00 10.86 ? 151 GLU A N   1 
ATOM   1196 C CA  . GLU A 1 151 ? 4.015   -2.180  -27.828 1.00 12.82 ? 151 GLU A CA  1 
ATOM   1197 C C   . GLU A 1 151 ? 4.091   -3.603  -27.277 1.00 12.02 ? 151 GLU A C   1 
ATOM   1198 O O   . GLU A 1 151 ? 3.113   -4.374  -27.373 1.00 12.53 ? 151 GLU A O   1 
ATOM   1199 C CB  . GLU A 1 151 ? 4.622   -2.178  -29.228 1.00 14.21 ? 151 GLU A CB  1 
ATOM   1200 C CG  . GLU A 1 151 ? 4.022   -3.222  -30.179 1.00 15.44 ? 151 GLU A CG  1 
ATOM   1201 C CD  . GLU A 1 151 ? 4.267   -2.894  -31.623 1.00 20.87 ? 151 GLU A CD  1 
ATOM   1202 O OE1 . GLU A 1 151 ? 4.587   -1.719  -31.911 1.00 28.10 ? 151 GLU A OE1 1 
ATOM   1203 O OE2 . GLU A 1 151 ? 4.097   -3.754  -32.516 1.00 25.23 ? 151 GLU A OE2 1 
ATOM   1204 N N   . ALA A 1 152 ? 5.254   -3.967  -26.676 1.00 11.06 ? 152 ALA A N   1 
ATOM   1205 C CA  . ALA A 1 152 ? 5.353   -5.312  -26.078 1.00 13.09 ? 152 ALA A CA  1 
ATOM   1206 C C   . ALA A 1 152 ? 4.350   -5.463  -24.943 1.00 15.27 ? 152 ALA A C   1 
ATOM   1207 O O   . ALA A 1 152 ? 3.722   -6.560  -24.824 1.00 16.98 ? 152 ALA A O   1 
ATOM   1208 C CB  . ALA A 1 152 ? 6.767   -5.558  -25.524 1.00 11.33 ? 152 ALA A CB  1 
ATOM   1209 N N   . TYR A 1 153 ? 4.180   -4.422  -24.113 1.00 14.72 ? 153 TYR A N   1 
ATOM   1210 C CA  . TYR A 1 153 ? 3.177   -4.528  -23.048 1.00 13.94 ? 153 TYR A CA  1 
ATOM   1211 C C   . TYR A 1 153 ? 1.804   -4.682  -23.713 1.00 16.96 ? 153 TYR A C   1 
ATOM   1212 O O   . TYR A 1 153 ? 1.028   -5.558  -23.280 1.00 16.30 ? 153 TYR A O   1 
ATOM   1213 C CB  . TYR A 1 153 ? 3.199   -3.249  -22.198 1.00 14.75 ? 153 TYR A CB  1 
ATOM   1214 C CG  . TYR A 1 153 ? 2.097   -3.025  -21.169 1.00 18.42 ? 153 TYR A CG  1 
ATOM   1215 C CD1 . TYR A 1 153 ? 0.882   -2.425  -21.578 1.00 19.30 ? 153 TYR A CD1 1 
ATOM   1216 C CD2 . TYR A 1 153 ? 2.208   -3.476  -19.865 1.00 17.74 ? 153 TYR A CD2 1 
ATOM   1217 C CE1 . TYR A 1 153 ? -0.157  -2.274  -20.667 1.00 17.20 ? 153 TYR A CE1 1 
ATOM   1218 C CE2 . TYR A 1 153 ? 1.177   -3.300  -18.973 1.00 15.61 ? 153 TYR A CE2 1 
ATOM   1219 C CZ  . TYR A 1 153 ? -0.033  -2.706  -19.383 1.00 13.15 ? 153 TYR A CZ  1 
ATOM   1220 O OH  . TYR A 1 153 ? -1.039  -2.579  -18.455 1.00 16.20 ? 153 TYR A OH  1 
ATOM   1221 N N   . MET A 1 154 ? 1.504   -3.888  -24.752 1.00 12.89 ? 154 MET A N   1 
ATOM   1222 C CA  . MET A 1 154 ? 0.159   -3.992  -25.366 1.00 16.35 ? 154 MET A CA  1 
ATOM   1223 C C   . MET A 1 154 ? -0.083  -5.325  -26.047 1.00 16.97 ? 154 MET A C   1 
ATOM   1224 O O   . MET A 1 154 ? -1.193  -5.894  -25.962 1.00 17.95 ? 154 MET A O   1 
ATOM   1225 C CB  . MET A 1 154 ? -0.027  -2.829  -26.365 1.00 15.25 ? 154 MET A CB  1 
ATOM   1226 C CG  . MET A 1 154 ? -0.168  -1.494  -25.624 1.00 13.80 ? 154 MET A CG  1 
ATOM   1227 S SD  . MET A 1 154 ? 0.051   -0.059  -26.715 1.00 18.39 ? 154 MET A SD  1 
ATOM   1228 C CE  . MET A 1 154 ? -1.299  -0.396  -27.839 1.00 16.30 ? 154 MET A CE  1 
ATOM   1229 N N   . THR A 1 155 ? 0.883   -5.863  -26.792 1.00 17.88 ? 155 THR A N   1 
ATOM   1230 C CA  . THR A 1 155 ? 0.711   -7.139  -27.517 1.00 19.56 ? 155 THR A CA  1 
ATOM   1231 C C   . THR A 1 155 ? 0.450   -8.300  -26.572 1.00 22.69 ? 155 THR A C   1 
ATOM   1232 O O   . THR A 1 155 ? -0.324  -9.253  -26.814 1.00 22.11 ? 155 THR A O   1 
ATOM   1233 C CB  . THR A 1 155 ? 2.016   -7.379  -28.330 1.00 23.50 ? 155 THR A CB  1 
ATOM   1234 O OG1 . THR A 1 155 ? 1.834   -6.428  -29.426 1.00 24.56 ? 155 THR A OG1 1 
ATOM   1235 C CG2 . THR A 1 155 ? 2.069   -8.783  -28.967 1.00 22.05 ? 155 THR A CG2 1 
ATOM   1236 N N   . MET A 1 156 ? 1.123   -8.227  -25.418 1.00 19.60 ? 156 MET A N   1 
ATOM   1237 C CA  . MET A 1 156 ? 0.980   -9.226  -24.383 1.00 26.46 ? 156 MET A CA  1 
ATOM   1238 C C   . MET A 1 156 ? -0.474  -9.274  -23.928 1.00 27.78 ? 156 MET A C   1 
ATOM   1239 O O   . MET A 1 156 ? -0.958  -10.279 -23.393 1.00 31.24 ? 156 MET A O   1 
ATOM   1240 C CB  . MET A 1 156 ? 1.827   -8.878  -23.153 1.00 23.98 ? 156 MET A CB  1 
ATOM   1241 C CG  . MET A 1 156 ? 2.598   -10.176 -22.951 1.00 39.40 ? 156 MET A CG  1 
ATOM   1242 S SD  . MET A 1 156 ? 3.563   -10.359 -21.457 1.00 39.08 ? 156 MET A SD  1 
ATOM   1243 C CE  . MET A 1 156 ? 2.829   -9.073  -20.456 1.00 30.51 ? 156 MET A CE  1 
ATOM   1244 N N   . LYS A 1 157 ? -1.240  -8.205  -24.034 1.00 28.72 ? 157 LYS A N   1 
ATOM   1245 C CA  . LYS A 1 157 ? -2.649  -8.351  -23.654 1.00 29.14 ? 157 LYS A CA  1 
ATOM   1246 C C   . LYS A 1 157 ? -3.463  -8.680  -24.901 1.00 28.17 ? 157 LYS A C   1 
ATOM   1247 O O   . LYS A 1 157 ? -4.374  -9.514  -24.825 1.00 33.84 ? 157 LYS A O   1 
ATOM   1248 C CB  . LYS A 1 157 ? -3.302  -7.113  -23.065 1.00 36.78 ? 157 LYS A CB  1 
ATOM   1249 C CG  . LYS A 1 157 ? -2.271  -6.193  -22.434 1.00 37.91 ? 157 LYS A CG  1 
ATOM   1250 C CD  . LYS A 1 157 ? -3.034  -5.191  -21.593 1.00 44.00 ? 157 LYS A CD  1 
ATOM   1251 C CE  . LYS A 1 157 ? -3.414  -5.782  -20.259 1.00 46.32 ? 157 LYS A CE  1 
ATOM   1252 N NZ  . LYS A 1 157 ? -2.267  -5.712  -19.310 1.00 49.28 ? 157 LYS A NZ  1 
ATOM   1253 N N   . ILE A 1 158 ? -3.199  -8.090  -26.050 1.00 27.53 ? 158 ILE A N   1 
ATOM   1254 C CA  . ILE A 1 158 ? -4.119  -8.422  -27.141 1.00 33.79 ? 158 ILE A CA  1 
ATOM   1255 C C   . ILE A 1 158 ? -3.843  -9.730  -27.866 1.00 38.44 ? 158 ILE A C   1 
ATOM   1256 O O   . ILE A 1 158 ? -4.729  -10.115 -28.655 1.00 35.23 ? 158 ILE A O   1 
ATOM   1257 C CB  . ILE A 1 158 ? -4.268  -7.233  -28.104 1.00 33.70 ? 158 ILE A CB  1 
ATOM   1258 C CG1 . ILE A 1 158 ? -2.902  -6.948  -28.750 1.00 33.82 ? 158 ILE A CG1 1 
ATOM   1259 C CG2 . ILE A 1 158 ? -4.736  -5.980  -27.408 1.00 25.38 ? 158 ILE A CG2 1 
ATOM   1260 C CD1 . ILE A 1 158 ? -2.880  -5.522  -29.245 1.00 38.19 ? 158 ILE A CD1 1 
ATOM   1261 N N   . ARG A 1 159 ? -2.700  -10.360 -27.578 1.00 42.03 ? 159 ARG A N   1 
ATOM   1262 C CA  . ARG A 1 159 ? -2.320  -11.623 -28.217 1.00 45.47 ? 159 ARG A CA  1 
ATOM   1263 C C   . ARG A 1 159 ? -2.493  -12.779 -27.250 1.00 47.96 ? 159 ARG A C   1 
ATOM   1264 O O   . ARG A 1 159 ? -2.265  -12.651 -26.061 1.00 45.98 ? 159 ARG A O   1 
ATOM   1265 C CB  . ARG A 1 159 ? -0.970  -11.619 -28.908 1.00 47.11 ? 159 ARG A CB  1 
ATOM   1266 C CG  . ARG A 1 159 ? -0.868  -10.651 -30.082 1.00 54.23 ? 159 ARG A CG  1 
ATOM   1267 C CD  . ARG A 1 159 ? -2.072  -10.428 -30.982 1.00 57.22 ? 159 ARG A CD  1 
ATOM   1268 N NE  . ARG A 1 159 ? -2.176  -11.199 -32.209 1.00 56.81 ? 159 ARG A NE  1 
ATOM   1269 C CZ  . ARG A 1 159 ? -3.124  -11.461 -33.092 1.00 57.15 ? 159 ARG A CZ  1 
ATOM   1270 N NH1 . ARG A 1 159 ? -4.350  -10.971 -32.915 1.00 62.34 ? 159 ARG A NH1 1 
ATOM   1271 N NH2 . ARG A 1 159 ? -2.951  -12.225 -34.173 1.00 49.37 ? 159 ARG A NH2 1 
ATOM   1272 N N   . ASN A 1 160 ? -2.942  -13.897 -27.806 1.00 53.10 ? 160 ASN A N   1 
ATOM   1273 C CA  . ASN A 1 160 ? -3.377  -15.150 -27.242 1.00 58.99 ? 160 ASN A CA  1 
ATOM   1274 C C   . ASN A 1 160 ? -2.496  -15.847 -26.214 1.00 63.54 ? 160 ASN A C   1 
ATOM   1275 O O   . ASN A 1 160 ? -3.105  -16.385 -25.239 1.00 65.12 ? 160 ASN A O   1 
ATOM   1276 C CB  . ASN A 1 160 ? -3.922  -16.243 -28.187 1.00 56.37 ? 160 ASN A CB  1 
ATOM   1277 C CG  . ASN A 1 160 ? -4.978  -15.867 -29.208 1.00 55.27 ? 160 ASN A CG  1 
ATOM   1278 O OD1 . ASN A 1 160 ? -6.195  -16.119 -29.176 1.00 49.80 ? 160 ASN A OD1 1 
ATOM   1279 N ND2 . ASN A 1 160 ? -4.523  -15.190 -30.274 1.00 53.58 ? 160 ASN A ND2 1 
ATOM   1280 O OXT . ASN A 1 160 ? -1.266  -15.809 -26.455 1.00 73.18 ? 160 ASN A OXT 1 
HETATM 1281 S S   . SO4 B 2 .   ? 9.892   -1.607  -3.335  1.00 40.97 ? 601 SO4 A S   1 
HETATM 1282 O O1  . SO4 B 2 .   ? 9.465   -0.224  -3.734  1.00 39.86 ? 601 SO4 A O1  1 
HETATM 1283 O O2  . SO4 B 2 .   ? 9.043   -2.015  -2.165  1.00 39.76 ? 601 SO4 A O2  1 
HETATM 1284 O O3  . SO4 B 2 .   ? 9.779   -2.583  -4.468  1.00 37.75 ? 601 SO4 A O3  1 
HETATM 1285 O O4  . SO4 B 2 .   ? 11.328  -1.650  -2.850  1.00 44.81 ? 601 SO4 A O4  1 
HETATM 1286 S S   . SO4 C 2 .   ? 12.093  -11.368 8.488   0.70 44.02 ? 602 SO4 A S   1 
HETATM 1287 O O1  . SO4 C 2 .   ? 11.413  -10.706 9.662   0.70 44.42 ? 602 SO4 A O1  1 
HETATM 1288 O O2  . SO4 C 2 .   ? 13.025  -12.390 9.066   0.70 42.55 ? 602 SO4 A O2  1 
HETATM 1289 O O3  . SO4 C 2 .   ? 11.005  -11.895 7.604   0.70 42.28 ? 602 SO4 A O3  1 
HETATM 1290 O O4  . SO4 C 2 .   ? 12.886  -10.342 7.717   0.70 43.27 ? 602 SO4 A O4  1 
HETATM 1291 S S   . SO4 D 2 .   ? -2.202  -15.009 -32.108 0.50 44.28 ? 603 SO4 A S   1 
HETATM 1292 O O1  . SO4 D 2 .   ? -2.827  -13.917 -31.286 0.50 43.66 ? 603 SO4 A O1  1 
HETATM 1293 O O2  . SO4 D 2 .   ? -3.062  -15.317 -33.292 0.50 43.77 ? 603 SO4 A O2  1 
HETATM 1294 O O3  . SO4 D 2 .   ? -0.815  -14.637 -32.531 0.50 43.92 ? 603 SO4 A O3  1 
HETATM 1295 O O4  . SO4 D 2 .   ? -2.116  -16.222 -31.216 0.50 44.13 ? 603 SO4 A O4  1 
HETATM 1296 O O   . HOH E 3 .   ? 3.224   -14.598 -4.013  1.00 17.60 ? 201 HOH A O   1 
HETATM 1297 O O   . HOH E 3 .   ? 4.421   -6.890  -2.486  1.00 15.22 ? 202 HOH A O   1 
HETATM 1298 O O   . HOH E 3 .   ? -4.103  0.570   20.603  1.00 16.82 ? 203 HOH A O   1 
HETATM 1299 O O   . HOH E 3 .   ? 21.700  4.938   -27.595 1.00 16.61 ? 204 HOH A O   1 
HETATM 1300 O O   . HOH E 3 .   ? -20.766 9.593   14.161  1.00 22.60 ? 205 HOH A O   1 
HETATM 1301 O O   . HOH E 3 .   ? 5.602   -19.610 7.303   1.00 14.41 ? 206 HOH A O   1 
HETATM 1302 O O   . HOH E 3 .   ? 9.384   -8.704  7.225   1.00 30.24 ? 207 HOH A O   1 
HETATM 1303 O O   . HOH E 3 .   ? -11.784 2.645   24.474  1.00 23.97 ? 208 HOH A O   1 
HETATM 1304 O O   . HOH E 3 .   ? -22.214 10.760  16.018  1.00 22.47 ? 209 HOH A O   1 
HETATM 1305 O O   . HOH E 3 .   ? 7.842   -15.317 -4.693  1.00 27.77 ? 210 HOH A O   1 
HETATM 1306 O O   . HOH E 3 .   ? 7.728   -8.398  -2.733  1.00 26.99 ? 211 HOH A O   1 
HETATM 1307 O O   . HOH E 3 .   ? -20.309 4.984   2.719   1.00 22.96 ? 212 HOH A O   1 
HETATM 1308 O O   . HOH E 3 .   ? -5.864  -13.859 12.672  1.00 19.11 ? 213 HOH A O   1 
HETATM 1309 O O   . HOH E 3 .   ? -7.936  2.992   -5.656  1.00 31.99 ? 214 HOH A O   1 
HETATM 1310 O O   . HOH E 3 .   ? 7.797   -4.678  -29.502 1.00 18.04 ? 215 HOH A O   1 
HETATM 1311 O O   . HOH E 3 .   ? 13.831  -9.430  -1.922  1.00 54.63 ? 216 HOH A O   1 
HETATM 1312 O O   . HOH E 3 .   ? -5.404  -7.077  -6.297  1.00 27.27 ? 217 HOH A O   1 
HETATM 1313 O O   . HOH E 3 .   ? 2.532   -8.281  14.740  1.00 20.92 ? 218 HOH A O   1 
HETATM 1314 O O   . HOH E 3 .   ? 18.878  11.454  -7.478  1.00 70.69 ? 219 HOH A O   1 
HETATM 1315 O O   . HOH E 3 .   ? -7.865  4.873   29.988  1.00 64.65 ? 220 HOH A O   1 
HETATM 1316 O O   . HOH E 3 .   ? -1.714  -5.079  -16.569 1.00 34.11 ? 221 HOH A O   1 
HETATM 1317 O O   . HOH E 3 .   ? 8.011   -3.175  -31.669 1.00 16.91 ? 222 HOH A O   1 
HETATM 1318 O O   . HOH E 3 .   ? 11.702  -4.605  -10.478 1.00 42.16 ? 223 HOH A O   1 
HETATM 1319 O O   . HOH E 3 .   ? 8.130   8.478   -13.055 1.00 22.53 ? 224 HOH A O   1 
HETATM 1320 O O   . HOH E 3 .   ? 0.335   -6.428  13.885  1.00 21.24 ? 225 HOH A O   1 
HETATM 1321 O O   . HOH E 3 .   ? 9.633   -15.601 3.149   1.00 41.50 ? 226 HOH A O   1 
HETATM 1322 O O   . HOH E 3 .   ? 6.487   -20.010 9.865   1.00 17.61 ? 227 HOH A O   1 
HETATM 1323 O O   . HOH E 3 .   ? -11.400 -4.758  -7.781  1.00 16.46 ? 228 HOH A O   1 
HETATM 1324 O O   . HOH E 3 .   ? -5.228  -10.195 -21.554 1.00 27.69 ? 229 HOH A O   1 
HETATM 1325 O O   . HOH E 3 .   ? -2.184  4.482   -1.581  1.00 39.98 ? 230 HOH A O   1 
HETATM 1326 O O   . HOH E 3 .   ? 11.011  2.688   -9.628  1.00 24.09 ? 231 HOH A O   1 
HETATM 1327 O O   . HOH E 3 .   ? -12.052 -0.155  24.399  1.00 25.98 ? 232 HOH A O   1 
HETATM 1328 O O   . HOH E 3 .   ? 21.553  8.533   -30.646 1.00 36.82 ? 233 HOH A O   1 
HETATM 1329 O O   . HOH E 3 .   ? 6.835   -5.974  8.950   1.00 24.39 ? 234 HOH A O   1 
HETATM 1330 O O   . HOH E 3 .   ? 0.416   0.923   -8.517  1.00 35.21 ? 235 HOH A O   1 
HETATM 1331 O O   . HOH E 3 .   ? 1.191   5.796   14.332  1.00 27.65 ? 236 HOH A O   1 
HETATM 1332 O O   . HOH E 3 .   ? 0.213   0.221   23.212  1.00 24.33 ? 237 HOH A O   1 
HETATM 1333 O O   . HOH E 3 .   ? 3.401   8.831   19.226  1.00 38.28 ? 238 HOH A O   1 
HETATM 1334 O O   . HOH E 3 .   ? 19.753  14.319  -17.186 1.00 29.20 ? 239 HOH A O   1 
HETATM 1335 O O   . HOH E 3 .   ? -1.954  -1.117  21.675  1.00 18.37 ? 240 HOH A O   1 
HETATM 1336 O O   . HOH E 3 .   ? -0.796  2.730   1.633   1.00 22.31 ? 241 HOH A O   1 
HETATM 1337 O O   . HOH E 3 .   ? -7.483  -8.757  -4.518  1.00 33.77 ? 242 HOH A O   1 
HETATM 1338 O O   . HOH E 3 .   ? 5.005   -7.772  14.479  1.00 20.32 ? 243 HOH A O   1 
HETATM 1339 O O   . HOH E 3 .   ? -17.641 -0.633  -6.684  1.00 40.40 ? 244 HOH A O   1 
HETATM 1340 O O   . HOH E 3 .   ? -5.400  -6.930  -19.041 1.00 38.87 ? 245 HOH A O   1 
HETATM 1341 O O   . HOH E 3 .   ? -2.367  13.922  7.290   1.00 44.20 ? 246 HOH A O   1 
HETATM 1342 O O   . HOH E 3 .   ? -19.383 -3.504  -6.074  1.00 49.45 ? 247 HOH A O   1 
HETATM 1343 O O   . HOH E 3 .   ? -19.870 -10.663 0.677   1.00 24.59 ? 248 HOH A O   1 
HETATM 1344 O O   . HOH E 3 .   ? -22.933 5.632   4.578   1.00 31.75 ? 249 HOH A O   1 
HETATM 1345 O O   . HOH E 3 .   ? -29.076 7.030   13.439  1.00 23.62 ? 250 HOH A O   1 
HETATM 1346 O O   . HOH E 3 .   ? -20.715 12.166  19.823  1.00 42.21 ? 251 HOH A O   1 
HETATM 1347 O O   . HOH E 3 .   ? -0.479  0.114   26.219  1.00 16.16 ? 252 HOH A O   1 
HETATM 1348 O O   . HOH E 3 .   ? 2.059   15.194  16.977  1.00 48.92 ? 253 HOH A O   1 
HETATM 1349 O O   . HOH E 3 .   ? -8.708  5.686   27.093  1.00 33.72 ? 254 HOH A O   1 
HETATM 1350 O O   . HOH E 3 .   ? -0.717  -3.504  -31.346 1.00 45.92 ? 255 HOH A O   1 
HETATM 1351 O O   . HOH E 3 .   ? 4.253   0.674   6.133   1.00 24.24 ? 256 HOH A O   1 
HETATM 1352 O O   . HOH E 3 .   ? 15.499  -1.592  -39.384 1.00 33.11 ? 257 HOH A O   1 
HETATM 1353 O O   . HOH E 3 .   ? 4.865   -8.995  -25.768 1.00 23.11 ? 258 HOH A O   1 
HETATM 1354 O O   . HOH E 3 .   ? -11.337 7.975   -3.911  1.00 37.15 ? 259 HOH A O   1 
HETATM 1355 O O   . HOH E 3 .   ? -16.693 -1.985  17.006  1.00 22.66 ? 260 HOH A O   1 
HETATM 1356 O O   . HOH E 3 .   ? 13.648  -9.674  -12.308 1.00 62.50 ? 261 HOH A O   1 
HETATM 1357 O O   . HOH E 3 .   ? 5.906   -6.508  -29.482 1.00 22.02 ? 262 HOH A O   1 
HETATM 1358 O O   . HOH E 3 .   ? 3.146   -11.041 18.404  1.00 30.34 ? 263 HOH A O   1 
HETATM 1359 O O   . HOH E 3 .   ? -22.866 5.681   -0.602  1.00 52.41 ? 264 HOH A O   1 
HETATM 1360 O O   . HOH E 3 .   ? 0.930   7.912   6.395   1.00 44.45 ? 265 HOH A O   1 
HETATM 1361 O O   . HOH E 3 .   ? -7.755  7.395   35.797  1.00 52.09 ? 266 HOH A O   1 
HETATM 1362 O O   . HOH E 3 .   ? 6.669   -8.768  -27.922 1.00 38.77 ? 267 HOH A O   1 
HETATM 1363 O O   . HOH E 3 .   ? -17.655 -10.304 -1.480  1.00 41.81 ? 268 HOH A O   1 
HETATM 1364 O O   . HOH E 3 .   ? -4.903  -8.621  -10.764 1.00 54.05 ? 269 HOH A O   1 
HETATM 1365 O O   . HOH E 3 .   ? -6.974  3.666   25.318  1.00 34.63 ? 270 HOH A O   1 
HETATM 1366 O O   . HOH E 3 .   ? -28.607 9.359   15.955  1.00 45.04 ? 271 HOH A O   1 
HETATM 1367 O O   . HOH E 3 .   ? 26.210  16.423  -25.990 1.00 37.34 ? 272 HOH A O   1 
HETATM 1368 O O   . HOH E 3 .   ? 28.319  17.081  -11.734 1.00 68.73 ? 273 HOH A O   1 
HETATM 1369 O O   . HOH E 3 .   ? 9.778   -3.230  0.158   1.00 42.05 ? 274 HOH A O   1 
HETATM 1370 O O   . HOH E 3 .   ? -10.292 14.329  7.707   1.00 31.41 ? 275 HOH A O   1 
HETATM 1371 O O   . HOH E 3 .   ? -2.404  -12.818 -23.761 1.00 36.38 ? 276 HOH A O   1 
HETATM 1372 O O   . HOH E 3 .   ? 24.954  7.303   -16.872 1.00 30.28 ? 277 HOH A O   1 
HETATM 1373 O O   . HOH E 3 .   ? 24.434  3.805   -10.938 1.00 79.01 ? 278 HOH A O   1 
HETATM 1374 O O   . HOH E 3 .   ? 1.560   12.244  17.658  1.00 53.57 ? 279 HOH A O   1 
HETATM 1375 O O   . HOH E 3 .   ? -13.374 -6.503  21.882  1.00 51.36 ? 280 HOH A O   1 
HETATM 1376 O O   . HOH E 3 .   ? -17.837 -9.202  -4.211  1.00 53.01 ? 281 HOH A O   1 
HETATM 1377 O O   . HOH E 3 .   ? 10.016  -0.347  2.099   1.00 35.51 ? 282 HOH A O   1 
HETATM 1378 O O   . HOH E 3 .   ? -10.572 8.418   26.912  1.00 52.95 ? 283 HOH A O   1 
HETATM 1379 O O   . HOH E 3 .   ? -3.776  7.325   -5.110  1.00 57.03 ? 284 HOH A O   1 
HETATM 1380 O O   . HOH E 3 .   ? -12.008 -7.586  15.787  1.00 19.42 ? 285 HOH A O   1 
HETATM 1381 O O   . HOH E 3 .   ? -1.351  8.296   11.348  1.00 27.62 ? 286 HOH A O   1 
HETATM 1382 O O   . HOH E 3 .   ? -6.436  -14.698 10.034  1.00 31.54 ? 287 HOH A O   1 
HETATM 1383 O O   . HOH E 3 .   ? 2.901   6.204   6.262   1.00 47.20 ? 288 HOH A O   1 
HETATM 1384 O O   . HOH E 3 .   ? 0.001   6.384   3.912   1.00 33.16 ? 289 HOH A O   1 
HETATM 1385 O O   . HOH E 3 .   ? 9.627   -7.295  -12.572 1.00 33.74 ? 290 HOH A O   1 
HETATM 1386 O O   . HOH E 3 .   ? 8.628   -6.170  7.344   1.00 24.20 ? 291 HOH A O   1 
HETATM 1387 O O   . HOH E 3 .   ? -8.380  0.927   27.036  1.00 54.21 ? 292 HOH A O   1 
HETATM 1388 O O   . HOH E 3 .   ? 13.317  -8.434  9.404   1.00 56.47 ? 293 HOH A O   1 
HETATM 1389 O O   . HOH E 3 .   ? 16.768  6.153   -9.226  1.00 40.08 ? 294 HOH A O   1 
HETATM 1390 O O   . HOH E 3 .   ? 12.047  2.862   -6.676  1.00 48.48 ? 295 HOH A O   1 
HETATM 1391 O O   . HOH E 3 .   ? 5.530   2.405   -9.845  1.00 30.34 ? 296 HOH A O   1 
HETATM 1392 O O   . HOH E 3 .   ? 7.756   4.357   10.497  1.00 67.35 ? 297 HOH A O   1 
HETATM 1393 O O   . HOH E 3 .   ? -11.071 3.855   26.490  1.00 32.70 ? 298 HOH A O   1 
HETATM 1394 O O   . HOH E 3 .   ? 6.284   -3.183  -34.251 1.00 27.32 ? 299 HOH A O   1 
HETATM 1395 O O   . HOH E 3 .   ? -4.435  -10.686 -6.350  1.00 55.88 ? 300 HOH A O   1 
HETATM 1396 O O   . HOH E 3 .   ? -6.077  9.612   2.173   1.00 33.97 ? 301 HOH A O   1 
HETATM 1397 O O   . HOH E 3 .   ? 5.216   6.284   9.140   1.00 57.14 ? 302 HOH A O   1 
HETATM 1398 O O   . HOH E 3 .   ? 13.162  -1.158  -6.622  1.00 48.84 ? 303 HOH A O   1 
HETATM 1399 O O   . HOH E 3 .   ? 8.329   10.910  -9.874  1.00 55.78 ? 304 HOH A O   1 
HETATM 1400 O O   . HOH E 3 .   ? 0.225   11.889  10.384  1.00 83.22 ? 305 HOH A O   1 
HETATM 1401 O O   . HOH E 3 .   ? -5.057  -5.178  26.196  1.00 56.28 ? 306 HOH A O   1 
HETATM 1402 O O   . HOH E 3 .   ? -23.582 13.259  19.706  1.00 47.61 ? 307 HOH A O   1 
HETATM 1403 O O   . HOH E 3 .   ? 4.792   -20.503 11.871  1.00 30.40 ? 308 HOH A O   1 
HETATM 1404 O O   . HOH E 3 .   ? 5.707   -18.243 12.580  1.00 36.56 ? 309 HOH A O   1 
HETATM 1405 O O   . HOH E 3 .   ? -10.911 -5.923  17.860  1.00 19.87 ? 310 HOH A O   1 
HETATM 1406 O O   . HOH E 3 .   ? -3.974  -8.052  25.352  1.00 60.95 ? 311 HOH A O   1 
HETATM 1407 O O   . HOH E 3 .   ? -25.507 12.261  20.428  1.00 50.38 ? 312 HOH A O   1 
HETATM 1408 O O   . HOH E 3 .   ? -31.374 6.213   10.821  1.00 56.47 ? 313 HOH A O   1 
HETATM 1409 O O   . HOH E 3 .   ? -32.465 2.547   11.673  1.00 47.30 ? 314 HOH A O   1 
HETATM 1410 O O   . HOH E 3 .   ? -23.333 8.361   6.066   1.00 29.28 ? 315 HOH A O   1 
HETATM 1411 O O   . HOH E 3 .   ? -1.161  6.553   13.132  1.00 30.61 ? 316 HOH A O   1 
HETATM 1412 O O   . HOH E 3 .   ? -3.854  5.641   25.168  1.00 24.23 ? 317 HOH A O   1 
HETATM 1413 O O   . HOH E 3 .   ? 6.823   1.937   8.268   1.00 54.90 ? 318 HOH A O   1 
HETATM 1414 O O   . HOH E 3 .   ? 17.253  -4.331  -13.379 1.00 45.96 ? 319 HOH A O   1 
HETATM 1415 O O   . HOH E 3 .   ? 22.000  2.191   -10.444 1.00 48.95 ? 320 HOH A O   1 
HETATM 1416 O O   . HOH E 3 .   ? 22.096  2.387   -13.355 1.00 35.34 ? 321 HOH A O   1 
HETATM 1417 O O   . HOH E 3 .   ? 24.059  4.791   -13.083 1.00 39.66 ? 322 HOH A O   1 
HETATM 1418 O O   . HOH E 3 .   ? 25.442  4.760   -15.551 1.00 39.51 ? 323 HOH A O   1 
HETATM 1419 O O   . HOH E 3 .   ? 22.350  9.158   -10.673 1.00 36.85 ? 324 HOH A O   1 
HETATM 1420 O O   . HOH E 3 .   ? 14.804  14.748  -13.664 1.00 44.12 ? 325 HOH A O   1 
HETATM 1421 O O   . HOH E 3 .   ? 3.778   -6.241  -31.613 1.00 27.76 ? 326 HOH A O   1 
HETATM 1422 O O   . HOH E 3 .   ? 7.253   -8.147  10.641  1.00 22.87 ? 327 HOH A O   1 
HETATM 1423 O O   . HOH E 3 .   ? 0.511   -16.598 12.954  1.00 22.60 ? 328 HOH A O   1 
HETATM 1424 O O   . HOH E 3 .   ? -8.488  -4.927  25.282  1.00 33.59 ? 329 HOH A O   1 
HETATM 1425 O O   . HOH E 3 .   ? -2.074  -8.773  20.809  1.00 39.33 ? 330 HOH A O   1 
HETATM 1426 O O   . HOH E 3 .   ? -24.588 -11.237 -6.167  1.00 85.43 ? 331 HOH A O   1 
HETATM 1427 O O   . HOH E 3 .   ? 3.978   1.336   -7.156  1.00 37.41 ? 332 HOH A O   1 
HETATM 1428 O O   . HOH E 3 .   ? -1.477  -18.841 14.317  1.00 39.87 ? 333 HOH A O   1 
HETATM 1429 O O   . HOH E 3 .   ? -0.822  -16.835 6.377   1.00 31.42 ? 334 HOH A O   1 
HETATM 1430 O O   . HOH E 3 .   ? 9.808   -8.213  9.830   1.00 28.96 ? 335 HOH A O   1 
HETATM 1431 O O   . HOH E 3 .   ? -22.340 -1.660  -1.150  1.00 26.60 ? 336 HOH A O   1 
HETATM 1432 O O   . HOH E 3 .   ? -8.705  -8.422  20.087  1.00 32.97 ? 337 HOH A O   1 
HETATM 1433 O O   . HOH E 3 .   ? -5.943  -10.777 -2.799  1.00 31.58 ? 338 HOH A O   1 
HETATM 1434 O O   . HOH E 3 .   ? -3.784  -9.236  -18.423 1.00 53.07 ? 339 HOH A O   1 
HETATM 1435 O O   . HOH E 3 .   ? 5.111   -5.953  -34.956 1.00 43.79 ? 340 HOH A O   1 
HETATM 1436 O O   . HOH E 3 .   ? -2.657  8.279   15.045  1.00 36.90 ? 341 HOH A O   1 
HETATM 1437 O O   . HOH E 3 .   ? -1.384  1.555   -4.613  1.00 39.32 ? 342 HOH A O   1 
HETATM 1438 O O   . HOH E 3 .   ? -22.408 8.726   23.742  1.00 41.67 ? 343 HOH A O   1 
HETATM 1439 O O   . HOH E 3 .   ? 15.344  10.356  -10.077 1.00 47.02 ? 344 HOH A O   1 
HETATM 1440 O O   . HOH E 3 .   ? -2.015  -4.905  -8.085  1.00 37.62 ? 345 HOH A O   1 
HETATM 1441 O O   . HOH E 3 .   ? -8.081  -11.708 17.615  1.00 47.63 ? 346 HOH A O   1 
HETATM 1442 O O   . HOH E 3 .   ? -17.605 -1.224  -9.182  1.00 49.38 ? 347 HOH A O   1 
HETATM 1443 O O   . HOH E 3 .   ? 3.682   3.426   -11.197 1.00 38.48 ? 348 HOH A O   1 
HETATM 1444 O O   . HOH E 3 .   ? 12.977  -10.304 12.444  1.00 40.92 ? 349 HOH A O   1 
HETATM 1445 O O   . HOH E 3 .   ? -16.408 8.568   24.479  1.00 39.27 ? 350 HOH A O   1 
HETATM 1446 O O   . HOH E 3 .   ? -34.677 1.938   16.227  1.00 60.51 ? 351 HOH A O   1 
HETATM 1447 O O   . HOH E 3 .   ? -7.730  -16.525 -27.561 1.00 39.27 ? 352 HOH A O   1 
HETATM 1448 O O   . HOH E 3 .   ? -18.902 7.680   25.876  1.00 37.58 ? 353 HOH A O   1 
HETATM 1449 O O   . HOH E 3 .   ? -21.871 11.394  22.926  1.00 53.84 ? 354 HOH A O   1 
HETATM 1450 O O   . HOH E 3 .   ? 10.802  4.525   -39.112 1.00 63.46 ? 355 HOH A O   1 
HETATM 1451 O O   . HOH E 3 .   ? 5.428   4.098   3.354   1.00 56.39 ? 356 HOH A O   1 
HETATM 1452 O O   . HOH E 3 .   ? 28.690  5.457   -14.826 1.00 63.55 ? 357 HOH A O   1 
HETATM 1453 O O   . HOH E 3 .   ? 6.959   0.575   -37.941 1.00 33.22 ? 358 HOH A O   1 
HETATM 1454 O O   . HOH E 3 .   ? 13.511  -7.553  7.279   1.00 62.49 ? 359 HOH A O   1 
HETATM 1455 O O   . HOH E 3 .   ? -12.425 -9.862  17.212  1.00 35.27 ? 360 HOH A O   1 
HETATM 1456 O O   . HOH E 3 .   ? -28.912 8.278   11.201  1.00 42.17 ? 361 HOH A O   1 
HETATM 1457 O O   . HOH E 3 .   ? -2.389  -10.760 25.629  1.00 63.85 ? 362 HOH A O   1 
HETATM 1458 O O   . HOH E 3 .   ? -4.742  -5.841  -11.415 1.00 48.40 ? 363 HOH A O   1 
HETATM 1459 O O   . HOH E 3 .   ? -6.765  15.909  7.009   1.00 81.08 ? 364 HOH A O   1 
HETATM 1460 O O   . HOH E 3 .   ? -12.518 -0.686  27.719  1.00 46.77 ? 365 HOH A O   1 
HETATM 1461 O O   . HOH E 3 .   ? -17.538 -5.432  23.656  1.00 75.41 ? 366 HOH A O   1 
HETATM 1462 O O   . HOH E 3 .   ? -18.477 1.408   -0.817  1.00 53.47 ? 367 HOH A O   1 
HETATM 1463 O O   . HOH E 3 .   ? 1.453   8.224   8.712   1.00 51.57 ? 368 HOH A O   1 
HETATM 1464 O O   . HOH E 3 .   ? -12.672 -2.871  28.192  1.00 55.23 ? 369 HOH A O   1 
HETATM 1465 O O   . HOH E 3 .   ? -0.418  -11.843 18.739  1.00 50.97 ? 370 HOH A O   1 
HETATM 1466 O O   . HOH E 3 .   ? -4.329  14.376  4.310   1.00 66.97 ? 371 HOH A O   1 
HETATM 1467 O O   . HOH E 3 .   ? 1.635   9.940   5.369   1.00 55.38 ? 372 HOH A O   1 
HETATM 1468 O O   . HOH E 3 .   ? -13.930 14.391  22.485  1.00 42.88 ? 373 HOH A O   1 
HETATM 1469 O O   . HOH E 3 .   ? -6.975  -0.762  29.228  1.00 61.51 ? 374 HOH A O   1 
HETATM 1470 O O   . HOH E 3 .   ? -8.139  -12.337 12.472  1.00 23.80 ? 375 HOH A O   1 
HETATM 1471 O O   . HOH E 3 .   ? 11.594  7.137   -36.727 1.00 36.62 ? 376 HOH A O   1 
HETATM 1472 O O   . HOH E 3 .   ? 5.433   -1.299  -36.217 1.00 31.82 ? 377 HOH A O   1 
HETATM 1473 O O   . HOH E 3 .   ? 15.333  -7.643  0.305   1.00 59.52 ? 378 HOH A O   1 
HETATM 1474 O O   . HOH E 3 .   ? -0.655  13.645  5.788   1.00 51.81 ? 379 HOH A O   1 
HETATM 1475 O O   . HOH E 3 .   ? 3.265   -16.616 14.191  1.00 40.25 ? 380 HOH A O   1 
HETATM 1476 O O   . HOH E 3 .   ? -16.378 -10.780 -4.998  1.00 52.90 ? 381 HOH A O   1 
HETATM 1477 O O   . HOH E 3 .   ? -13.381 17.237  24.894  1.00 79.84 ? 382 HOH A O   1 
HETATM 1478 O O   . HOH E 3 .   ? 12.970  -7.876  -4.361  1.00 46.27 ? 383 HOH A O   1 
HETATM 1479 O O   . HOH E 3 .   ? 16.709  -9.464  10.570  1.00 54.08 ? 384 HOH A O   1 
HETATM 1480 O O   . HOH E 3 .   ? 2.795   -15.815 -27.421 1.00 45.86 ? 385 HOH A O   1 
HETATM 1481 O O   . HOH E 3 .   ? -3.110  -15.427 -5.946  1.00 51.67 ? 386 HOH A O   1 
HETATM 1482 O O   . HOH E 3 .   ? -0.086  -8.410  -32.807 1.00 61.09 ? 387 HOH A O   1 
HETATM 1483 O O   . HOH E 3 .   ? 1.278   -13.396 -24.327 1.00 57.39 ? 388 HOH A O   1 
HETATM 1484 O O   . HOH E 3 .   ? -9.960  -3.019  26.603  1.00 42.32 ? 389 HOH A O   1 
HETATM 1485 O O   . HOH E 3 .   ? -26.499 9.378   9.015   1.00 62.17 ? 390 HOH A O   1 
HETATM 1486 O O   . HOH E 3 .   ? -10.795 15.993  26.256  1.00 55.33 ? 391 HOH A O   1 
HETATM 1487 O O   . HOH E 3 .   ? -12.109 14.075  26.086  1.00 51.98 ? 392 HOH A O   1 
HETATM 1488 O O   . HOH E 3 .   ? 26.327  18.078  -23.670 1.00 49.31 ? 393 HOH A O   1 
HETATM 1489 O O   . HOH E 3 .   ? -11.344 -16.496 -1.871  1.00 67.65 ? 394 HOH A O   1 
HETATM 1490 O O   . HOH E 3 .   ? -11.028 0.111   -15.168 1.00 42.03 ? 395 HOH A O   1 
HETATM 1491 O O   . HOH E 3 .   ? 19.456  -12.309 7.698   1.00 60.01 ? 396 HOH A O   1 
HETATM 1492 O O   . HOH E 3 .   ? 13.777  -5.540  -2.740  1.00 57.56 ? 397 HOH A O   1 
HETATM 1493 O O   . HOH E 3 .   ? 11.491  -6.316  9.041   1.00 66.44 ? 398 HOH A O   1 
HETATM 1494 O O   . HOH E 3 .   ? -4.961  -2.803  -7.776  1.00 31.85 ? 399 HOH A O   1 
HETATM 1495 O O   . HOH E 3 .   ? -6.045  -6.774  -20.886 1.00 38.49 ? 400 HOH A O   1 
HETATM 1496 O O   . HOH E 3 .   ? -16.095 6.035   26.472  1.00 58.27 ? 401 HOH A O   1 
HETATM 1497 O O   . HOH E 3 .   ? -5.416  -12.597 -4.596  1.00 39.54 ? 402 HOH A O   1 
HETATM 1498 O O   . HOH E 3 .   ? 3.830   11.025  18.598  1.00 47.13 ? 403 HOH A O   1 
HETATM 1499 O O   . HOH E 3 .   ? 10.755  0.662   -0.160  1.00 61.91 ? 404 HOH A O   1 
HETATM 1500 O O   . HOH E 3 .   ? 0.373   2.788   -4.596  1.00 47.71 ? 405 HOH A O   1 
HETATM 1501 O O   . HOH E 3 .   ? 12.397  -1.257  8.967   1.00 47.91 ? 406 HOH A O   1 
HETATM 1502 O O   . HOH E 3 .   ? -2.390  -19.931 12.458  1.00 54.93 ? 407 HOH A O   1 
HETATM 1503 O O   . HOH E 3 .   ? 17.812  16.104  -16.292 1.00 32.84 ? 408 HOH A O   1 
HETATM 1504 O O   . HOH E 3 .   ? -10.897 -8.937  19.100  1.00 59.28 ? 409 HOH A O   1 
HETATM 1505 O O   . HOH E 3 .   ? -13.438 5.874   26.425  1.00 58.88 ? 410 HOH A O   1 
HETATM 1506 O O   . HOH E 3 .   ? 0.416   -3.880  -29.669 1.00 41.82 ? 411 HOH A O   1 
HETATM 1507 O O   . HOH E 3 .   ? -11.378 -7.986  23.788  1.00 97.60 ? 412 HOH A O   1 
HETATM 1508 O O   . HOH E 3 .   ? 15.922  -12.197 9.835   1.00 54.39 ? 413 HOH A O   1 
HETATM 1509 O O   . HOH E 3 .   ? -0.217  -10.413 -4.962  1.00 48.20 ? 414 HOH A O   1 
HETATM 1510 O O   . HOH E 3 .   ? 1.532   -6.970  -35.329 1.00 62.88 ? 415 HOH A O   1 
HETATM 1511 O O   . HOH E 3 .   ? 1.495   5.914   1.050   1.00 58.63 ? 416 HOH A O   1 
HETATM 1512 O O   . HOH E 3 .   ? -15.330 10.666  27.059  1.00 50.25 ? 417 HOH A O   1 
HETATM 1513 O O   . HOH E 3 .   ? -1.728  10.884  -2.290  1.00 75.60 ? 418 HOH A O   1 
HETATM 1514 O O   . HOH E 3 .   ? -6.983  -10.544 19.145  1.00 43.36 ? 419 HOH A O   1 
HETATM 1515 O O   . HOH E 3 .   ? 0.756   17.422  15.546  1.00 72.55 ? 420 HOH A O   1 
HETATM 1516 O O   . HOH E 3 .   ? -14.736 16.052  16.684  1.00 57.87 ? 421 HOH A O   1 
HETATM 1517 O O   . HOH E 3 .   ? -5.201  -18.249 8.834   1.00 77.67 ? 422 HOH A O   1 
HETATM 1518 O O   . HOH E 3 .   ? -6.820  13.803  4.610   1.00 52.32 ? 423 HOH A O   1 
HETATM 1519 O O   . HOH E 3 .   ? -6.391  14.609  8.971   1.00 43.20 ? 424 HOH A O   1 
HETATM 1520 O O   . HOH E 3 .   ? -4.494  11.454  2.186   1.00 43.29 ? 425 HOH A O   1 
HETATM 1521 O O   . HOH E 3 .   ? -32.316 9.777   14.931  1.00 67.90 ? 426 HOH A O   1 
HETATM 1522 O O   . HOH E 3 .   ? -12.673 2.899   -15.571 1.00 62.24 ? 427 HOH A O   1 
HETATM 1523 O O   . HOH E 3 .   ? 30.210  9.834   -13.196 1.00 72.89 ? 428 HOH A O   1 
HETATM 1524 O O   . HOH E 3 .   ? 28.486  7.191   -18.143 1.00 67.91 ? 429 HOH A O   1 
HETATM 1525 O O   . HOH E 3 .   ? 10.710  5.160   -5.651  1.00 60.75 ? 430 HOH A O   1 
HETATM 1526 O O   . HOH E 3 .   ? 17.279  -3.410  -5.137  1.00 63.63 ? 431 HOH A O   1 
HETATM 1527 O O   . HOH E 3 .   ? 13.717  -6.163  2.734   1.00 72.46 ? 432 HOH A O   1 
HETATM 1528 O O   . HOH E 3 .   ? 13.783  -4.180  -5.941  1.00 58.63 ? 433 HOH A O   1 
HETATM 1529 O O   . HOH E 3 .   ? 19.231  1.212   -8.486  1.00 50.39 ? 434 HOH A O   1 
HETATM 1530 O O   . HOH E 3 .   ? 10.978  8.313   -8.803  1.00 71.78 ? 435 HOH A O   1 
HETATM 1531 O O   . HOH E 3 .   ? 14.652  6.603   -8.289  1.00 57.71 ? 436 HOH A O   1 
HETATM 1532 O O   . HOH E 3 .   ? 13.657  9.624   -8.452  1.00 55.42 ? 437 HOH A O   1 
HETATM 1533 O O   . HOH E 3 .   ? -27.461 4.295   2.671   1.00 62.96 ? 438 HOH A O   1 
HETATM 1534 O O   . HOH E 3 .   ? -26.226 5.201   4.157   1.00 62.92 ? 439 HOH A O   1 
HETATM 1535 O O   . HOH E 3 .   ? -13.150 2.575   27.892  1.00 56.74 ? 440 HOH A O   1 
HETATM 1536 O O   . HOH E 3 .   ? -8.012  3.004   31.329  1.00 64.70 ? 441 HOH A O   1 
HETATM 1537 O O   . HOH E 3 .   ? -10.142 7.889   29.294  1.00 58.99 ? 442 HOH A O   1 
HETATM 1538 O O   . HOH E 3 .   ? -10.500 1.357   30.989  1.00 79.72 ? 443 HOH A O   1 
HETATM 1539 O O   . HOH E 3 .   ? -9.358  11.247  29.541  1.00 50.88 ? 444 HOH A O   1 
HETATM 1540 O O   . HOH E 3 .   ? 15.791  -7.438  -4.835  1.00 53.68 ? 445 HOH A O   1 
HETATM 1541 O O   . HOH E 3 .   ? -6.591  -15.544 14.219  1.00 48.56 ? 446 HOH A O   1 
HETATM 1542 O O   . HOH E 3 .   ? -5.638  -18.291 12.419  1.00 64.06 ? 447 HOH A O   1 
HETATM 1543 O O   . HOH E 3 .   ? -17.661 -12.842 1.139   1.00 55.92 ? 448 HOH A O   1 
HETATM 1544 O O   . HOH E 3 .   ? -15.063 -8.413  -6.831  1.00 35.70 ? 449 HOH A O   1 
HETATM 1545 O O   . HOH E 3 .   ? -13.560 -14.201 -4.908  1.00 63.94 ? 450 HOH A O   1 
HETATM 1546 O O   . HOH E 3 .   ? -17.105 -13.675 -4.918  1.00 81.99 ? 451 HOH A O   1 
HETATM 1547 O O   . HOH E 3 .   ? 22.620  5.638   -11.096 1.00 52.12 ? 452 HOH A O   1 
HETATM 1548 O O   . HOH E 3 .   ? -4.829  14.335  22.587  1.00 48.18 ? 453 HOH A O   1 
HETATM 1549 O O   . HOH E 3 .   ? -7.569  13.021  10.515  1.00 35.54 ? 454 HOH A O   1 
HETATM 1550 O O   . HOH E 3 .   ? 8.807   5.382   7.441   1.00 77.45 ? 455 HOH A O   1 
HETATM 1551 O O   . HOH E 3 .   ? -11.904 11.278  32.026  1.00 54.21 ? 456 HOH A O   1 
HETATM 1552 O O   . HOH E 3 .   ? -7.586  -9.599  -7.037  1.00 67.02 ? 457 HOH A O   1 
HETATM 1553 O O   . HOH E 3 .   ? 21.746  -4.627  -12.345 1.00 74.23 ? 458 HOH A O   1 
HETATM 1554 O O   . HOH E 3 .   ? -11.369 11.983  2.260   1.00 51.76 ? 459 HOH A O   1 
HETATM 1555 O O   . HOH E 3 .   ? 27.514  16.984  -18.814 1.00 52.67 ? 460 HOH A O   1 
HETATM 1556 O O   . HOH E 3 .   ? 11.915  10.588  -10.729 1.00 48.73 ? 461 HOH A O   1 
HETATM 1557 O O   . HOH E 3 .   ? -2.275  -13.384 19.908  1.00 69.65 ? 462 HOH A O   1 
HETATM 1558 O O   . HOH E 3 .   ? -17.474 -2.671  -6.009  1.00 41.53 ? 463 HOH A O   1 
HETATM 1559 O O   . HOH E 3 .   ? 23.025  13.020  -11.113 1.00 69.68 ? 464 HOH A O   1 
HETATM 1560 O O   . HOH E 3 .   ? 4.981   2.855   -5.041  1.00 57.22 ? 465 HOH A O   1 
HETATM 1561 O O   . HOH E 3 .   ? -25.661 7.065   20.181  1.00 34.88 ? 466 HOH A O   1 
HETATM 1562 O O   . HOH E 3 .   ? 20.254  9.589   -9.545  1.00 59.96 ? 467 HOH A O   1 
HETATM 1563 O O   . HOH E 3 .   ? -5.790  2.320   28.717  1.00 57.87 ? 468 HOH A O   1 
HETATM 1564 O O   . HOH E 3 .   ? -1.162  9.962   7.951   1.00 81.92 ? 469 HOH A O   1 
HETATM 1565 O O   . HOH E 3 .   ? 21.841  6.983   -9.243  1.00 53.65 ? 470 HOH A O   1 
HETATM 1566 O O   . HOH E 3 .   ? -30.997 4.208   4.116   1.00 72.57 ? 471 HOH A O   1 
HETATM 1567 O O   . HOH E 3 .   ? 14.277  -0.705  12.049  1.00 67.04 ? 472 HOH A O   1 
HETATM 1568 O O   . HOH E 3 .   ? -6.622  14.855  2.453   1.00 63.90 ? 473 HOH A O   1 
HETATM 1569 O O   . HOH E 3 .   ? 8.033   5.171   -2.060  1.00 44.00 ? 474 HOH A O   1 
HETATM 1570 O O   . HOH E 3 .   ? -14.390 -15.394 -1.570  1.00 63.65 ? 475 HOH A O   1 
HETATM 1571 O O   . HOH E 3 .   ? -7.206  -8.110  23.322  1.00 46.81 ? 476 HOH A O   1 
HETATM 1572 O O   . HOH E 3 .   ? 4.194   7.352   3.747   1.00 72.83 ? 477 HOH A O   1 
HETATM 1573 O O   . HOH E 3 .   ? -3.079  -6.632  -31.770 1.00 72.13 ? 478 HOH A O   1 
HETATM 1574 O O   . HOH E 3 .   ? -18.975 9.321   24.451  1.00 50.69 ? 479 HOH A O   1 
HETATM 1575 O O   . HOH E 3 .   ? -14.183 15.804  6.025   1.00 55.83 ? 480 HOH A O   1 
HETATM 1576 O O   . HOH E 3 .   ? -16.076 18.844  7.596   1.00 70.69 ? 481 HOH A O   1 
HETATM 1577 O O   . HOH E 3 .   ? -28.407 11.476  16.950  1.00 67.54 ? 482 HOH A O   1 
HETATM 1578 O O   . HOH E 3 .   ? -11.828 16.697  12.417  1.00 79.36 ? 483 HOH A O   1 
HETATM 1579 O O   . HOH E 3 .   ? 14.987  -10.333 3.890   1.00 70.42 ? 484 HOH A O   1 
HETATM 1580 O O   . HOH E 3 .   ? 14.693  -2.341  7.756   1.00 64.39 ? 485 HOH A O   1 
HETATM 1581 O O   . HOH E 3 .   ? 25.558  18.625  -10.378 1.00 69.74 ? 486 HOH A O   1 
HETATM 1582 O O   . HOH E 3 .   ? 27.368  4.884   -19.365 1.00 66.81 ? 487 HOH A O   1 
HETATM 1583 O O   . HOH E 3 .   ? 11.919  -7.575  0.056   1.00 64.89 ? 488 HOH A O   1 
HETATM 1584 O O   . HOH E 3 .   ? 1.906   11.130  14.986  1.00 73.40 ? 489 HOH A O   1 
HETATM 1585 O O   . HOH E 3 .   ? 24.821  20.532  -25.004 1.00 75.10 ? 490 HOH A O   1 
HETATM 1586 O O   . HOH E 3 .   ? 17.584  9.301   -4.754  1.00 76.39 ? 491 HOH A O   1 
HETATM 1587 O O   . HOH E 3 .   ? -1.098  -2.402  27.130  1.00 52.17 ? 492 HOH A O   1 
HETATM 1588 O O   . HOH E 3 .   ? 14.476  -12.149 6.596   1.00 67.64 ? 493 HOH A O   1 
HETATM 1589 O O   . HOH E 3 .   ? 16.255  -12.528 12.922  1.00 64.78 ? 494 HOH A O   1 
HETATM 1590 O O   . HOH E 3 .   ? -5.872  -11.871 21.208  1.00 75.54 ? 495 HOH A O   1 
HETATM 1591 O O   . HOH E 3 .   ? 13.092  4.794   -15.360 1.00 75.27 ? 496 HOH A O   1 
HETATM 1592 O O   . HOH E 3 .   ? -24.932 7.860   21.978  1.00 38.40 ? 497 HOH A O   1 
HETATM 1593 O O   . HOH E 3 .   ? -16.183 -4.218  -7.241  1.00 49.64 ? 498 HOH A O   1 
HETATM 1594 O O   . HOH E 3 .   ? 0.793   -13.133 -27.759 1.00 78.85 ? 499 HOH A O   1 
HETATM 1595 O O   . HOH E 3 .   ? -2.682  -3.138  -29.230 1.00 79.42 ? 500 HOH A O   1 
HETATM 1596 O O   . HOH E 3 .   ? -5.000  -6.838  23.047  1.00 41.54 ? 501 HOH A O   1 
HETATM 1597 O O   . HOH E 3 .   ? -19.495 14.092  21.669  1.00 62.56 ? 502 HOH A O   1 
HETATM 1598 O O   . HOH E 3 .   ? -13.070 11.886  30.037  1.00 58.65 ? 503 HOH A O   1 
# 
